data_7R5V
#
_entry.id   7R5V
#
_cell.length_a   1.00
_cell.length_b   1.00
_cell.length_c   1.00
_cell.angle_alpha   90.00
_cell.angle_beta   90.00
_cell.angle_gamma   90.00
#
_symmetry.space_group_name_H-M   'P 1'
#
loop_
_entity.id
_entity.type
_entity.pdbx_description
1 polymer 'Centromere protein H'
2 polymer 'Centromere protein I'
3 polymer 'DNA (171-MER)'
4 polymer 'Centromere protein K'
5 polymer 'Centromere protein L'
6 polymer 'Centromere protein M'
7 polymer 'Centromere protein N'
8 polymer 'Centromere protein O'
9 polymer 'Centromere protein P'
10 polymer 'Centromere protein Q'
11 polymer 'Centromere protein U'
12 polymer 'DNA (171-MER)'
13 polymer 'Centromere protein R'
#
loop_
_entity_poly.entity_id
_entity_poly.type
_entity_poly.pdbx_seq_one_letter_code
_entity_poly.pdbx_strand_id
1 'polypeptide(L)'
;MEEQPQMQDADEPADSGGEGRAGGPPQVAGAQAACSEDRMTLLLRLRAQTKQQLLEYKSMVDASEEKTPEQIMQEKQIEA
KIEDLENEIEEVKVAFEIKKLALDRMRLSTALKKNLEKISRQSSVLMDNMKHLLELNKLIMKSQQESWDLEEKLLDIRKK
RLQLKQASESKLLEIQTEKNKQKIDLDSMENSERIKIIRQNLQMEIKITTVIQHVFQNLILGSKVNWAEDPALKEIVLQL
EKNVDMM
;
H
2 'polypeptide(L)'
;MSPQKRVKNVQAQNRTSQGSSSFQTTLSAWKVKQDPSNSKNISKHGQNNPVGDYEHADDQAEEDALQMAVGYFEKGPIKA
SQNKDKTLEKHLKTVENVAWKNGLASEEIDILLNIALSGKFGNAVNTRILKCMIPATVISEDSVVKAVSWLCVGKCSGST
KVLFYRWLVAMFDFIDRKEQINLLYGFFFASLQDDALCPYVCHLLYLLTKKENVKPFRVRKLLDLQAKMGMQPHLQALLS
LYKFFAPALISVSLPVRKKIYFKNSENLWKTALLAVKQRNRGPSPEPLKLMLGPANVRPLKRKWNSLSVIPVLNSSSYTK
ECGKKEMSLSDCLNRSGSFPLEQLQSFPQLLQNIHCLELPSQMGSVLNNSLLLHYINCVRDEPVLLRFYYWLSQTLQEEC
IWYKVNNYEHGKEFTNFLDTIIRAECFLQEGFYSCEAFLYKSLPLWDGLCCRSQFLQLVSWIPFSSFSEVKPLLFDHLAQ
LFFTSTIYFKCSVLQSLKELLQNWLLWLSMDIHMKPVTNSPLETTLGGSMNSVSKLIHYVGWLSTTAMRLESNNTFLLHF
ILDFYEKVCDIYINYNLPLVVLFPPGIFYSALLSLDTSILNQLCFIMHRYRKNLTAAKKNELVQKTKSEFNFSSKTYQEF
NHYLTSMVGCLWTSKPFGKGIYIDPEILEKTGVAEYKNSLNVVHHPSFLSYAVSFLLQESPEERTVNVSSIRGKKWSWYL
DYLFSQGLQGLKLFIRSSVHHSSIPRAEGINCNNQY
;
I
3 'polydeoxyribonucleotide'
;(DA)(DA)(DT)(DC)(DT)(DG)(DC)(DA)(DA)(DG)(DT)(DG)(DG)(DA)(DT)(DA)(DT)(DT)(DT)(DG)
(DG)(DA)(DC)(DC)(DG)(DC)(DT)(DT)(DT)(DG)(DA)(DG)(DG)(DC)(DC)(DT)(DT)(DC)(DG)(DT)
(DT)(DG)(DG)(DA)(DA)(DA)(DC)(DG)(DG)(DG)(DA)(DA)(DT)(DA)(DT)(DC)(DT)(DT)(DC)(DA)
(DC)(DA)(DT)(DA)(DA)(DA)(DA)(DA)(DC)(DT)(DA)(DA)(DA)(DC)(DA)(DG)(DA)(DA)(DG)(DC)
(DA)(DT)(DT)(DC)(DT)(DC)(DA)(DG)(DA)(DA)(DA)(DC)(DT)(DT)(DC)(DT)(DT)(DT)(DG)(DT)
(DG)(DA)(DT)(DG)(DA)(DT)(DT)(DG)(DC)(DA)(DT)(DT)(DC)(DA)(DA)(DC)(DT)(DC)(DA)(DC)
(DA)(DG)(DA)(DG)(DT)(DT)(DG)(DA)(DA)(DC)(DA)(DT)(DT)(DC)(DC)(DT)(DT)(DT)(DT)(DG)
(DA)(DT)(DA)(DG)(DA)(DG)(DC)(DA)(DG)(DT)(DT)(DT)(DT)(DG)(DA)(DA)(DA)(DC)(DA)(DC)
(DT)(DC)(DT)(DT)(DT)(DT)(DT)(DG)(DT)(DA)(DG)
;
J
4 'polypeptide(L)'
;MNQEDLDPDSTTDVGDVTNTEEELIRECEEMWKDMEECQNKLSLIGTETLTDSNAQLSLLIMQVKCLTAELSQWQKKTPE
TIPLTEDVLITLGKEEFQKLRQDLEMVLSTKESKNEKLKEDLEREQRWLDEQQQIMESLNVLHSELKNKVETFSESRIFN
ELKTKMLNIKEYKEKLLSTLGEFLEDHFPLPDRSVKKKKKNIQESSVNLITLHEMLEILINRLFDVPHDPYVKISDSFWP
PYVELLLRNGIALRHPEDPTRIRLEAFHQ
;
K
5 'polypeptide(L)'
;MDSYSAPESTPSASSRPEDYFIGATPLQKRLESVRKQSSFILTPPRRKIPQCSQLQEDVDPQKVAFLLHKQWTLYSLTPL
YKFSYSNLKEYSRLLNAFIVAEKQKGLAVEVGEDFNIKVIFSTLLGMKGTQRDPEAFLVQIVSKSQLPSENREGKVLWTG
WFCCVFGDSLLETVSEDFTCLPLFLANGAESNTAIIGTWFQKTFDCYFSPLAINAFNLSWMAAMWTACKMDHYVATTEFL
WSVPCSPQSLDISFAIHPEDAKALWDSVHKTPGEVTQEEVDLFMDCLYSHFHRHFKIHLSATRLVRVSTSVASAHTDGKI
KILCHKYLIGVLAYLTELAIFQIE
;
L
6 'polypeptide(L)'
;MSVLRPLDKLPGLNTATILLVGTEDALLQQLADSMLKEDCASELKVHLAKSLPLPSSVNRPRIDLIVFVVNLHSKYSLQN
TEESLRHVDASFFLGKVCFLATGAGRESHCSIHRHTVVKLAHTYQSPLLYCDLEVEGFRATMAQRLVRVLQICAGHVPGV
SALNLLSLLRSSEGPSLEDL
;
M
7 'polypeptide(L)'
;MDETVAEFIKRTILKIPMNELTTILKAWDFLSENQLQTVNFRQRKESVVQHLIHLCEEKRASISDAALLDIIYMQFHQHQ
KVWEVFQMSKGPGEDVDLFDMKQFKNSFKKILQRALKNVTVSFRETEENAVWIRIAWGTQYTKPNQYKPTYVVYYSQTPY
AFTSSSMLRRNTPLLGQALTIASKHHQIVKMDLRSRYLDSLKAIVFKQYNQTFETHNSTTPLQERSLGLDINMDSRIIHE
NIVEKERVQRITQETFGDYPQPQLEFAQYKLETKFKSGLNGSILAEREEPLRCLIKFSSPHLLEALKSLAPAGIADAPLS
PLLTCIPNKRMNYFKIRDK
;
N
8 'polypeptide(L)'
;MEQANPLRPDGESKGGVLAHLERLETQVSRSRKQSEELQSVQAQEGALGTKIHKLRRLRDELRAVVRHRRASVKACIANV
EPNQTVEINEQEALEEKLENVKAILQAYHFTGLSGKLTSRGVCVCISTAFEGNLLDSYFVDLVIQKPLRIHHHSVPVFIP
LEEIAAKYLQTNIQHFLFSLCEYLNAYSGRKYQADRLQSDFAALLTGPLQRNPLCNLLSFTYKLDPGGQSFPFCARLLYK
DLTATLPTDVTVTCQGVEVLSTSWEEQRASHETLFCTKPLHQVFASFTRKGEKLDMSLVS
;
O
9 'polypeptide(L)'
;MDAELAEVRALQAEIAALRRACEDPPAPWEEKSRVQKSFQAIHQFNLEGWKSSKDLKNQLGHLESELSFLSTLTGINIRN
HSKQTEDLTSTEMTEKSIRKVLQRHRLSGNCHMVTFQLEFQILEIQNKERLSSAVTDLNIIMEPTECSELSEFVSRAEER
KDLFMFFRSLHFFVEWFEYRKRTFKHLKEKYPDAVYLSEGPSSCSMGIRSASRPGFELVIVWRIQIDEDGKVFPKLDLLT
KVPQRALELDKNRAIETAPLSFRTLVGLLGIEAALESLIKSLCAEENN
;
P
10 'polypeptide(L)'
;MSGKANASKKNAQQLKRNPKRKKDNEEVVLSENKVRNTVKKNKNHLKDLSSEGQTKHTNLKHGKTAASKRKTWQPLSKST
RDHLQTMMESVIMTILSNSIKEKEEIQYHLNFLKKRLLQQCETLKVPPKKMEDLTNVSSLLNMERARDKANEEGLALLQE
EIDKMVETTELMTGNIQSLKNKIQILASEVEEEEERVKQMHQINSSGVLSLPELSQKTLKAPTLQKEILALIPNQNALLK
DLDILHNSSQMKSMSTFIEEAYKKLDAS
;
Q
11 'polypeptide(L)'
;MAPRGRRRPRPHRSEGARRSKNTLERTHSMKDKAGQKCKPIDVFDFPDNSDVSSIGRLGENEKDEETYETFDPPLHSTAI
YADEEEFSKHCGLSLSSTPPGKEAKRSSDTSGNEASEIESVKISAKKPGRKLRPISDDSESIEESDTRRKVKSAEKISTQ
RHEVIRTTASSELSEKPAESVTSKKTGPLSAQPSVEKENLAIESQSKTQKKGKISHDKRKKSRSKAIGSDTSDIVHIWCP
EGMKTSDIKELNIVLPEFEKTHLEHQQRIESKVCKAAIATFYVNVKEQFIKMLKESQMLTNLKRKNAKMISDIEKKRQRM
IEVQDELLRLEPQLKQLQTKYDELKERKSSLRNAAYFLSNLKQLYQDYSDVQAQEPNVKETYDSSSLPALLFKARTLLGA
ESHLRNINHQLEKLLDQG
;
U
12 'polydeoxyribonucleotide'
;(DC)(DT)(DA)(DC)(DA)(DA)(DA)(DA)(DA)(DG)(DA)(DG)(DT)(DG)(DT)(DT)(DT)(DC)(DA)(DA)
(DA)(DA)(DC)(DT)(DG)(DC)(DT)(DC)(DT)(DA)(DT)(DC)(DA)(DA)(DA)(DA)(DG)(DG)(DA)(DA)
(DT)(DG)(DT)(DT)(DC)(DA)(DA)(DC)(DT)(DC)(DT)(DG)(DT)(DG)(DA)(DG)(DT)(DT)(DG)(DA)
(DA)(DT)(DG)(DC)(DA)(DA)(DT)(DC)(DA)(DT)(DC)(DA)(DC)(DA)(DA)(DA)(DG)(DA)(DA)(DG)
(DT)(DT)(DT)(DC)(DT)(DG)(DA)(DG)(DA)(DA)(DT)(DG)(DC)(DT)(DT)(DC)(DT)(DG)(DT)(DT)
(DT)(DA)(DG)(DT)(DT)(DT)(DT)(DT)(DA)(DT)(DG)(DT)(DG)(DA)(DA)(DG)(DA)(DT)(DA)(DT)
(DT)(DC)(DC)(DC)(DC)(DT)(DT)(DT)(DC)(DC)(DA)(DA)(DC)(DG)(DA)(DA)(DG)(DG)(DC)(DC)
(DT)(DC)(DA)(DA)(DA)(DG)(DC)(DG)(DG)(DT)(DC)(DC)(DA)(DA)(DA)(DT)(DA)(DT)(DC)(DC)
(DA)(DC)(DT)(DT)(DG)(DC)(DA)(DG)(DA)(DT)(DT)
;
i
13 'polypeptide(L)'
;MPVKRSLKLDGLLEENSFDPSKITRKKSVITYSPTTGTCQMSLFASPTSSEEQKHRNGLSNEKRKKLNHPSLTESKESTT
KDNDEFMMLLSKVEKLSEEIMEIMQNLSSIQALEGSRELENLIGISCASHFLKREMQKTKELMTKVNKQKLFEKSTGLPH
KASRHLDSYEFLKAILN
;
R
#
# COMPACT_ATOMS: atom_id res chain seq x y z
N MET A 40 51.77 8.72 23.43
CA MET A 40 52.73 7.92 22.69
C MET A 40 52.41 7.94 21.20
N THR A 41 52.02 6.78 20.66
CA THR A 41 51.65 6.67 19.26
C THR A 41 50.43 7.52 18.92
N LEU A 42 49.42 7.53 19.79
CA LEU A 42 48.27 8.40 19.57
C LEU A 42 48.69 9.86 19.54
N LEU A 43 49.62 10.26 20.42
CA LEU A 43 50.08 11.64 20.44
C LEU A 43 50.75 12.01 19.13
N LEU A 44 51.63 11.15 18.61
CA LEU A 44 52.34 11.49 17.39
C LEU A 44 51.41 11.47 16.17
N ARG A 45 50.44 10.57 16.15
CA ARG A 45 49.52 10.55 15.01
C ARG A 45 48.58 11.76 15.05
N LEU A 46 48.14 12.17 16.24
CA LEU A 46 47.42 13.44 16.35
C LEU A 46 48.27 14.61 15.91
N ARG A 47 49.56 14.60 16.28
CA ARG A 47 50.47 15.67 15.85
C ARG A 47 50.57 15.73 14.34
N ALA A 48 50.73 14.57 13.69
CA ALA A 48 50.82 14.53 12.24
C ALA A 48 49.53 15.03 11.59
N GLN A 49 48.38 14.57 12.10
CA GLN A 49 47.11 15.00 11.52
C GLN A 49 46.91 16.50 11.66
N THR A 50 47.27 17.05 12.83
CA THR A 50 47.21 18.50 13.00
C THR A 50 48.16 19.20 12.05
N LYS A 51 49.32 18.60 11.77
CA LYS A 51 50.25 19.19 10.81
C LYS A 51 49.62 19.27 9.42
N GLN A 52 49.01 18.17 8.96
CA GLN A 52 48.40 18.21 7.63
C GLN A 52 47.22 19.17 7.59
N GLN A 53 46.44 19.22 8.68
CA GLN A 53 45.33 20.15 8.73
C GLN A 53 45.81 21.60 8.66
N LEU A 54 46.88 21.92 9.39
CA LEU A 54 47.44 23.27 9.35
C LEU A 54 47.98 23.60 7.96
N LEU A 55 48.65 22.65 7.32
CA LEU A 55 49.14 22.89 5.96
C LEU A 55 47.98 23.14 5.00
N GLU A 56 46.92 22.35 5.12
CA GLU A 56 45.76 22.54 4.25
C GLU A 56 45.11 23.89 4.49
N TYR A 57 45.00 24.30 5.75
CA TYR A 57 44.41 25.60 6.06
C TYR A 57 45.27 26.74 5.52
N LYS A 58 46.59 26.60 5.61
CA LYS A 58 47.49 27.61 5.06
C LYS A 58 47.32 27.69 3.55
N SER A 59 47.22 26.55 2.88
CA SER A 59 46.99 26.55 1.44
C SER A 59 45.66 27.21 1.10
N MET A 60 44.61 26.92 1.88
CA MET A 60 43.31 27.50 1.62
C MET A 60 43.33 29.02 1.79
N VAL A 61 43.97 29.51 2.86
CA VAL A 61 44.00 30.95 3.08
C VAL A 61 44.88 31.64 2.04
N ASP A 62 45.93 30.97 1.56
CA ASP A 62 46.74 31.55 0.50
C ASP A 62 45.97 31.60 -0.81
N ALA A 63 45.18 30.56 -1.10
CA ALA A 63 44.41 30.53 -2.34
C ALA A 63 43.26 31.51 -2.35
N SER A 64 42.89 32.05 -1.19
CA SER A 64 41.78 33.01 -1.12
C SER A 64 42.11 34.30 -1.85
N GLU A 65 43.39 34.62 -2.03
CA GLU A 65 43.79 35.85 -2.72
C GLU A 65 43.86 35.62 -4.23
N ILE A 78 43.69 27.19 -17.95
CA ILE A 78 43.19 26.08 -18.77
C ILE A 78 43.45 24.75 -18.07
N GLU A 79 43.62 23.70 -18.86
CA GLU A 79 43.86 22.36 -18.33
C GLU A 79 45.32 21.94 -18.36
N ALA A 80 46.09 22.40 -19.35
CA ALA A 80 47.50 22.07 -19.41
C ALA A 80 48.27 22.65 -18.23
N LYS A 81 47.94 23.89 -17.85
CA LYS A 81 48.56 24.51 -16.69
C LYS A 81 48.27 23.71 -15.43
N ILE A 82 47.02 23.30 -15.24
CA ILE A 82 46.66 22.52 -14.06
C ILE A 82 47.39 21.19 -14.07
N GLU A 83 47.45 20.54 -15.24
CA GLU A 83 48.12 19.25 -15.36
C GLU A 83 49.59 19.36 -14.99
N ASP A 84 50.28 20.37 -15.53
CA ASP A 84 51.66 20.61 -15.12
C ASP A 84 51.74 20.91 -13.63
N LEU A 85 50.68 21.50 -13.08
CA LEU A 85 50.67 21.75 -11.64
C LEU A 85 50.71 20.47 -10.84
N GLU A 86 49.84 19.49 -11.14
CA GLU A 86 49.92 18.28 -10.32
C GLU A 86 51.22 17.53 -10.60
N ASN A 87 51.72 17.61 -11.84
CA ASN A 87 53.02 16.99 -12.11
C ASN A 87 54.11 17.57 -11.22
N GLU A 88 54.21 18.90 -11.17
CA GLU A 88 55.25 19.55 -10.38
C GLU A 88 55.08 19.27 -8.90
N ILE A 89 53.84 19.34 -8.39
CA ILE A 89 53.64 19.13 -6.96
C ILE A 89 53.93 17.68 -6.59
N GLU A 90 53.57 16.74 -7.47
CA GLU A 90 53.91 15.34 -7.22
C GLU A 90 55.41 15.15 -7.16
N GLU A 91 56.14 15.76 -8.10
CA GLU A 91 57.59 15.61 -8.10
C GLU A 91 58.21 16.19 -6.83
N VAL A 92 57.81 17.40 -6.45
CA VAL A 92 58.43 18.05 -5.29
C VAL A 92 58.03 17.34 -4.00
N LYS A 93 56.79 16.89 -3.89
CA LYS A 93 56.36 16.15 -2.71
C LYS A 93 57.08 14.81 -2.60
N VAL A 94 57.22 14.13 -3.74
CA VAL A 94 57.93 12.81 -3.75
C VAL A 94 59.36 13.05 -3.29
N ALA A 95 60.01 14.11 -3.80
CA ALA A 95 61.40 14.42 -3.38
C ALA A 95 61.42 14.73 -1.88
N PHE A 96 60.44 15.49 -1.38
CA PHE A 96 60.44 15.88 0.06
C PHE A 96 60.31 14.63 0.94
N GLU A 97 59.38 13.73 0.60
CA GLU A 97 59.18 12.51 1.43
C GLU A 97 60.43 11.63 1.32
N ILE A 98 61.03 11.53 0.13
CA ILE A 98 62.29 10.75 -0.04
C ILE A 98 63.31 11.29 0.96
N LYS A 99 63.48 12.61 1.02
CA LYS A 99 64.51 13.19 1.87
C LYS A 99 64.17 13.00 3.34
N LYS A 100 62.90 13.22 3.70
CA LYS A 100 62.48 13.11 5.10
C LYS A 100 62.63 11.68 5.60
N LEU A 101 62.10 10.71 4.86
CA LEU A 101 62.21 9.31 5.27
C LEU A 101 63.68 8.89 5.33
N ALA A 102 64.46 9.27 4.32
CA ALA A 102 65.87 8.93 4.31
C ALA A 102 66.56 9.42 5.57
N LEU A 103 66.39 10.71 5.90
CA LEU A 103 67.08 11.24 7.07
C LEU A 103 66.59 10.57 8.35
N ASP A 104 65.27 10.40 8.51
CA ASP A 104 64.77 9.92 9.79
C ASP A 104 65.17 8.46 10.04
N ARG A 105 64.97 7.58 9.06
CA ARG A 105 65.30 6.19 9.36
C ARG A 105 66.75 5.87 9.01
N MET A 106 67.49 6.84 8.46
CA MET A 106 68.95 6.75 8.52
C MET A 106 69.45 7.04 9.93
N ARG A 107 68.84 8.03 10.60
CA ARG A 107 69.10 8.22 12.02
C ARG A 107 68.73 6.97 12.81
N LEU A 108 67.61 6.35 12.45
CA LEU A 108 67.22 5.09 13.07
C LEU A 108 68.26 4.00 12.84
N SER A 109 68.79 3.90 11.61
CA SER A 109 69.81 2.91 11.31
C SER A 109 71.07 3.16 12.13
N THR A 110 71.46 4.42 12.28
CA THR A 110 72.61 4.75 13.12
C THR A 110 72.36 4.38 14.58
N ALA A 111 71.14 4.64 15.08
CA ALA A 111 70.82 4.26 16.45
C ALA A 111 70.88 2.75 16.63
N LEU A 112 70.41 1.99 15.65
CA LEU A 112 70.54 0.54 15.69
C LEU A 112 72.00 0.12 15.67
N LYS A 113 72.83 0.80 14.86
CA LYS A 113 74.26 0.52 14.85
C LYS A 113 74.90 0.78 16.20
N LYS A 114 74.41 1.78 16.92
CA LYS A 114 74.92 2.04 18.27
C LYS A 114 74.67 0.87 19.20
N ASN A 115 73.58 0.13 19.00
CA ASN A 115 73.28 -1.04 19.81
C ASN A 115 73.87 -2.29 19.17
N SER A 124 65.97 -12.08 24.16
CA SER A 124 64.88 -11.25 23.63
C SER A 124 64.31 -11.85 22.35
N VAL A 125 63.27 -11.20 21.83
CA VAL A 125 62.65 -11.68 20.60
C VAL A 125 63.45 -11.30 19.36
N LEU A 126 64.56 -10.57 19.53
CA LEU A 126 65.36 -10.15 18.39
C LEU A 126 65.94 -11.35 17.65
N MET A 127 66.40 -12.36 18.39
CA MET A 127 66.91 -13.56 17.76
C MET A 127 65.83 -14.28 16.96
N ASP A 128 64.61 -14.35 17.51
CA ASP A 128 63.50 -14.94 16.80
C ASP A 128 63.22 -14.18 15.50
N ASN A 129 63.20 -12.85 15.58
CA ASN A 129 62.95 -12.03 14.41
C ASN A 129 64.03 -12.24 13.34
N MET A 130 65.29 -12.31 13.76
CA MET A 130 66.36 -12.41 12.78
C MET A 130 66.39 -13.79 12.12
N LYS A 131 66.18 -14.85 12.90
CA LYS A 131 66.14 -16.17 12.27
C LYS A 131 64.93 -16.28 11.34
N HIS A 132 63.79 -15.71 11.75
CA HIS A 132 62.62 -15.70 10.89
C HIS A 132 62.92 -14.99 9.58
N LEU A 133 63.51 -13.79 9.64
CA LEU A 133 63.77 -13.06 8.41
C LEU A 133 64.75 -13.81 7.52
N LEU A 134 65.78 -14.43 8.11
CA LEU A 134 66.75 -15.19 7.32
C LEU A 134 66.07 -16.33 6.58
N GLU A 135 65.33 -17.17 7.30
CA GLU A 135 64.68 -18.32 6.67
C GLU A 135 63.67 -17.89 5.62
N LEU A 136 62.85 -16.88 5.95
CA LEU A 136 61.78 -16.47 5.06
C LEU A 136 62.36 -15.82 3.80
N ASN A 137 63.47 -15.09 3.93
CA ASN A 137 64.10 -14.50 2.76
C ASN A 137 64.79 -15.55 1.90
N LYS A 138 65.34 -16.59 2.51
CA LYS A 138 65.87 -17.70 1.73
C LYS A 138 64.75 -18.34 0.92
N LEU A 139 63.59 -18.52 1.53
CA LEU A 139 62.43 -19.05 0.80
C LEU A 139 62.02 -18.09 -0.32
N ILE A 140 62.08 -16.78 -0.07
CA ILE A 140 61.82 -15.80 -1.12
C ILE A 140 62.74 -16.02 -2.31
N MET A 141 64.04 -16.15 -2.07
CA MET A 141 64.95 -16.26 -3.22
C MET A 141 64.77 -17.60 -3.93
N LYS A 142 64.47 -18.67 -3.19
CA LYS A 142 64.19 -19.95 -3.86
C LYS A 142 62.98 -19.82 -4.77
N SER A 143 61.90 -19.21 -4.27
CA SER A 143 60.72 -19.00 -5.10
C SER A 143 61.03 -18.11 -6.28
N GLN A 144 61.88 -17.09 -6.07
CA GLN A 144 62.23 -16.18 -7.15
C GLN A 144 62.99 -16.90 -8.26
N GLN A 145 63.95 -17.74 -7.89
CA GLN A 145 64.68 -18.51 -8.89
C GLN A 145 63.76 -19.46 -9.64
N GLU A 146 62.85 -20.11 -8.91
CA GLU A 146 61.90 -21.00 -9.56
C GLU A 146 61.05 -20.24 -10.56
N SER A 147 60.54 -19.08 -10.17
CA SER A 147 59.72 -18.28 -11.07
C SER A 147 60.53 -17.81 -12.27
N TRP A 148 61.79 -17.44 -12.06
CA TRP A 148 62.63 -16.99 -13.16
C TRP A 148 62.81 -18.08 -14.20
N ASP A 149 63.16 -19.29 -13.76
CA ASP A 149 63.35 -20.37 -14.72
C ASP A 149 62.03 -20.75 -15.40
N LEU A 150 60.93 -20.77 -14.63
CA LEU A 150 59.64 -21.10 -15.22
C LEU A 150 59.25 -20.08 -16.27
N GLU A 151 59.45 -18.80 -15.99
CA GLU A 151 59.12 -17.76 -16.96
C GLU A 151 60.04 -17.81 -18.17
N GLU A 152 61.31 -18.16 -17.96
CA GLU A 152 62.20 -18.33 -19.10
C GLU A 152 61.70 -19.43 -20.02
N LYS A 153 61.22 -20.54 -19.45
CA LYS A 153 60.61 -21.59 -20.26
C LYS A 153 59.34 -21.09 -20.94
N LEU A 154 58.50 -20.37 -20.20
CA LEU A 154 57.22 -19.92 -20.73
C LEU A 154 57.41 -19.00 -21.93
N LEU A 155 58.39 -18.09 -21.84
CA LEU A 155 58.62 -17.14 -22.93
C LEU A 155 58.85 -17.86 -24.25
N ASP A 156 59.80 -18.80 -24.28
CA ASP A 156 60.15 -19.42 -25.55
C ASP A 156 59.07 -20.40 -26.01
N ILE A 157 58.43 -21.10 -25.07
CA ILE A 157 57.36 -22.00 -25.51
C ILE A 157 56.20 -21.21 -26.09
N ARG A 158 55.84 -20.08 -25.50
CA ARG A 158 54.75 -19.27 -26.04
C ARG A 158 55.13 -18.64 -27.37
N LYS A 159 56.38 -18.19 -27.50
CA LYS A 159 56.82 -17.62 -28.77
C LYS A 159 56.77 -18.66 -29.89
N LYS A 160 57.27 -19.87 -29.61
CA LYS A 160 57.18 -20.94 -30.59
C LYS A 160 55.73 -21.28 -30.91
N ARG A 161 54.88 -21.27 -29.89
CA ARG A 161 53.46 -21.56 -30.11
C ARG A 161 52.83 -20.52 -31.02
N LEU A 162 53.15 -19.24 -30.82
CA LEU A 162 52.58 -18.18 -31.66
C LEU A 162 53.08 -18.28 -33.09
N GLN A 163 54.38 -18.52 -33.26
CA GLN A 163 54.92 -18.67 -34.62
C GLN A 163 54.28 -19.86 -35.32
N LEU A 164 54.13 -20.98 -34.61
CA LEU A 164 53.50 -22.14 -35.21
C LEU A 164 52.03 -21.90 -35.49
N LYS A 165 51.36 -21.11 -34.65
CA LYS A 165 49.96 -20.78 -34.90
C LYS A 165 49.82 -19.97 -36.18
N GLN A 166 50.71 -18.99 -36.38
CA GLN A 166 50.71 -18.24 -37.62
C GLN A 166 50.98 -19.15 -38.82
N ALA A 167 51.95 -20.05 -38.69
CA ALA A 167 52.25 -20.97 -39.78
C ALA A 167 51.06 -21.87 -40.09
N SER A 168 50.38 -22.36 -39.05
CA SER A 168 49.23 -23.24 -39.25
C SER A 168 48.07 -22.49 -39.89
N GLU A 169 47.86 -21.24 -39.48
CA GLU A 169 46.82 -20.42 -40.09
C GLU A 169 47.10 -20.22 -41.58
N SER A 170 48.35 -19.91 -41.93
CA SER A 170 48.71 -19.75 -43.33
C SER A 170 48.53 -21.06 -44.09
N LYS A 171 48.93 -22.18 -43.49
CA LYS A 171 48.82 -23.47 -44.16
C LYS A 171 47.35 -23.84 -44.41
N LEU A 172 46.50 -23.64 -43.40
CA LEU A 172 45.08 -23.94 -43.59
C LEU A 172 44.46 -23.01 -44.62
N LEU A 173 44.85 -21.73 -44.62
CA LEU A 173 44.34 -20.81 -45.62
C LEU A 173 44.71 -21.27 -47.03
N GLU A 174 45.98 -21.62 -47.24
CA GLU A 174 46.41 -21.99 -48.58
C GLU A 174 45.79 -23.32 -49.01
N ILE A 175 45.67 -24.28 -48.10
CA ILE A 175 45.08 -25.57 -48.48
C ILE A 175 43.60 -25.40 -48.78
N GLN A 176 42.89 -24.57 -48.01
CA GLN A 176 41.48 -24.32 -48.28
C GLN A 176 41.30 -23.62 -49.62
N THR A 177 42.15 -22.63 -49.90
CA THR A 177 42.04 -21.90 -51.17
C THR A 177 42.29 -22.82 -52.35
N GLU A 178 43.33 -23.66 -52.29
CA GLU A 178 43.58 -24.56 -53.40
C GLU A 178 42.48 -25.62 -53.52
N LYS A 179 41.97 -26.12 -52.38
CA LYS A 179 40.90 -27.11 -52.42
C LYS A 179 39.65 -26.54 -53.08
N ASN A 180 39.31 -25.29 -52.77
CA ASN A 180 38.23 -24.64 -53.52
C ASN A 180 38.65 -24.39 -54.97
N LYS A 181 39.96 -24.29 -55.21
CA LYS A 181 40.43 -24.00 -56.57
C LYS A 181 40.16 -25.16 -57.53
N GLN A 182 40.43 -26.42 -57.13
CA GLN A 182 40.09 -27.47 -58.09
C GLN A 182 38.58 -27.64 -58.23
N LYS A 183 37.84 -27.31 -57.19
CA LYS A 183 36.37 -27.41 -57.22
C LYS A 183 35.77 -26.40 -58.19
N SER B 308 20.53 -25.53 -19.91
CA SER B 308 21.92 -25.97 -20.01
C SER B 308 22.82 -24.82 -20.45
N VAL B 309 23.91 -24.61 -19.70
CA VAL B 309 24.84 -23.54 -20.03
C VAL B 309 25.54 -23.82 -21.36
N ILE B 310 25.91 -25.07 -21.60
CA ILE B 310 26.53 -25.48 -22.85
C ILE B 310 25.50 -26.22 -23.69
N PRO B 311 25.16 -25.73 -24.88
CA PRO B 311 24.16 -26.42 -25.70
C PRO B 311 24.61 -27.82 -26.09
N VAL B 312 23.64 -28.73 -26.15
CA VAL B 312 23.93 -30.10 -26.55
C VAL B 312 24.26 -30.15 -28.04
N LEU B 313 25.40 -30.75 -28.37
CA LEU B 313 25.85 -30.79 -29.76
C LEU B 313 24.88 -31.59 -30.62
N ASN B 314 24.57 -31.03 -31.80
CA ASN B 314 23.67 -31.67 -32.76
C ASN B 314 24.38 -31.71 -34.12
N SER B 315 25.15 -32.79 -34.33
CA SER B 315 25.91 -32.98 -35.56
C SER B 315 26.82 -31.78 -35.87
N GLY B 337 32.01 -35.15 -48.91
CA GLY B 337 32.26 -36.19 -47.92
C GLY B 337 32.76 -35.66 -46.59
N SER B 338 31.98 -34.77 -45.99
CA SER B 338 32.37 -34.18 -44.72
C SER B 338 32.27 -35.20 -43.60
N PHE B 339 33.21 -35.14 -42.66
CA PHE B 339 33.20 -36.04 -41.53
C PHE B 339 32.10 -35.65 -40.55
N PRO B 340 31.22 -36.57 -40.14
CA PRO B 340 30.24 -36.24 -39.11
C PRO B 340 30.93 -35.87 -37.80
N LEU B 341 30.33 -34.90 -37.09
CA LEU B 341 30.93 -34.41 -35.86
C LEU B 341 30.77 -35.41 -34.71
N GLU B 342 29.68 -36.18 -34.73
CA GLU B 342 29.48 -37.18 -33.68
C GLU B 342 30.54 -38.27 -33.75
N GLN B 343 30.94 -38.66 -34.95
CA GLN B 343 31.98 -39.68 -35.11
C GLN B 343 33.34 -39.23 -34.60
N LEU B 344 33.53 -37.92 -34.41
CA LEU B 344 34.78 -37.39 -33.89
C LEU B 344 34.86 -37.71 -32.40
N GLN B 345 35.50 -38.83 -32.08
CA GLN B 345 35.67 -39.26 -30.70
C GLN B 345 37.12 -39.55 -30.33
N SER B 346 38.05 -39.48 -31.29
CA SER B 346 39.44 -39.78 -31.02
C SER B 346 40.32 -38.75 -31.71
N PHE B 347 41.50 -38.54 -31.13
CA PHE B 347 42.47 -37.63 -31.74
C PHE B 347 42.91 -38.05 -33.13
N PRO B 348 43.25 -39.32 -33.40
CA PRO B 348 43.58 -39.69 -34.79
C PRO B 348 42.45 -39.44 -35.78
N GLN B 349 41.20 -39.57 -35.35
CA GLN B 349 40.08 -39.25 -36.23
C GLN B 349 40.11 -37.79 -36.65
N LEU B 350 40.36 -36.89 -35.70
CA LEU B 350 40.50 -35.48 -36.05
C LEU B 350 41.71 -35.25 -36.95
N LEU B 351 42.82 -35.93 -36.66
CA LEU B 351 44.01 -35.79 -37.50
C LEU B 351 43.71 -36.18 -38.94
N GLN B 352 42.92 -37.25 -39.13
CA GLN B 352 42.63 -37.70 -40.48
C GLN B 352 41.59 -36.83 -41.17
N ASN B 353 40.63 -36.30 -40.41
CA ASN B 353 39.46 -35.64 -41.00
C ASN B 353 39.41 -34.14 -40.74
N ILE B 354 40.55 -33.52 -40.41
CA ILE B 354 40.56 -32.09 -40.16
C ILE B 354 40.14 -31.31 -41.39
N HIS B 355 40.52 -31.78 -42.59
CA HIS B 355 40.22 -31.01 -43.79
C HIS B 355 38.73 -31.01 -44.09
N CYS B 356 38.05 -32.13 -43.89
CA CYS B 356 36.64 -32.28 -44.22
C CYS B 356 35.73 -32.09 -43.01
N LEU B 357 36.11 -31.25 -42.06
CA LEU B 357 35.25 -30.98 -40.92
C LEU B 357 34.09 -30.07 -41.32
N GLU B 358 33.00 -30.17 -40.56
CA GLU B 358 31.82 -29.34 -40.76
C GLU B 358 31.53 -28.57 -39.49
N LEU B 359 31.21 -27.29 -39.66
CA LEU B 359 30.90 -26.44 -38.53
C LEU B 359 29.62 -26.88 -37.84
N PRO B 360 29.61 -26.92 -36.51
CA PRO B 360 28.40 -27.34 -35.80
C PRO B 360 27.31 -26.28 -35.91
N SER B 361 26.07 -26.73 -35.69
CA SER B 361 24.96 -25.80 -35.62
C SER B 361 25.12 -24.85 -34.43
N GLN B 362 25.58 -25.37 -33.30
CA GLN B 362 25.95 -24.57 -32.14
C GLN B 362 27.37 -24.92 -31.73
N MET B 363 28.18 -23.90 -31.47
CA MET B 363 29.59 -24.11 -31.15
C MET B 363 29.90 -23.95 -29.67
N GLY B 364 28.88 -23.86 -28.81
CA GLY B 364 29.14 -23.84 -27.38
C GLY B 364 29.84 -25.10 -26.91
N SER B 365 29.47 -26.25 -27.45
CA SER B 365 30.15 -27.50 -27.11
C SER B 365 31.59 -27.50 -27.59
N VAL B 366 31.97 -26.55 -28.45
CA VAL B 366 33.38 -26.41 -28.81
C VAL B 366 34.21 -26.03 -27.59
N LEU B 367 33.62 -25.32 -26.62
CA LEU B 367 34.39 -24.89 -25.46
C LEU B 367 34.89 -26.07 -24.65
N ASN B 368 34.00 -26.99 -24.28
CA ASN B 368 34.38 -28.13 -23.47
C ASN B 368 34.85 -29.31 -24.31
N ASN B 369 34.85 -29.20 -25.63
CA ASN B 369 35.42 -30.19 -26.52
C ASN B 369 36.64 -29.62 -27.22
N SER B 370 37.82 -30.03 -26.75
CA SER B 370 39.07 -29.53 -27.31
C SER B 370 39.29 -29.98 -28.75
N LEU B 371 38.58 -31.02 -29.18
CA LEU B 371 38.75 -31.52 -30.55
C LEU B 371 38.36 -30.47 -31.58
N LEU B 372 37.20 -29.83 -31.38
CA LEU B 372 36.77 -28.78 -32.31
C LEU B 372 37.56 -27.50 -32.10
N LEU B 373 38.11 -27.30 -30.89
CA LEU B 373 38.94 -26.13 -30.64
C LEU B 373 40.17 -26.12 -31.52
N HIS B 374 40.71 -27.31 -31.83
CA HIS B 374 41.87 -27.40 -32.71
C HIS B 374 41.59 -26.84 -34.09
N TYR B 375 40.42 -27.13 -34.66
CA TYR B 375 40.02 -26.57 -35.94
C TYR B 375 39.61 -25.11 -35.82
N ILE B 376 39.02 -24.73 -34.68
CA ILE B 376 38.66 -23.33 -34.45
C ILE B 376 39.90 -22.45 -34.42
N ASN B 377 41.01 -22.98 -33.89
CA ASN B 377 42.24 -22.20 -33.77
C ASN B 377 42.74 -21.68 -35.11
N CYS B 378 42.39 -22.33 -36.22
CA CYS B 378 42.89 -21.94 -37.52
C CYS B 378 41.81 -21.71 -38.57
N VAL B 379 40.54 -21.92 -38.23
CA VAL B 379 39.48 -21.79 -39.23
C VAL B 379 39.41 -20.36 -39.76
N ARG B 380 39.55 -19.38 -38.86
CA ARG B 380 39.52 -17.94 -39.26
C ARG B 380 38.32 -17.69 -40.16
N ASP B 381 37.11 -18.03 -39.70
CA ASP B 381 35.90 -17.85 -40.48
C ASP B 381 35.07 -16.70 -39.91
N GLU B 382 34.71 -15.76 -40.78
CA GLU B 382 33.96 -14.57 -40.38
C GLU B 382 32.60 -14.88 -39.78
N PRO B 383 31.74 -15.68 -40.42
CA PRO B 383 30.41 -15.90 -39.85
C PRO B 383 30.43 -16.56 -38.49
N VAL B 384 31.30 -17.55 -38.27
CA VAL B 384 31.33 -18.22 -36.98
C VAL B 384 31.82 -17.26 -35.90
N LEU B 385 32.64 -16.28 -36.26
CA LEU B 385 33.05 -15.27 -35.28
C LEU B 385 31.85 -14.51 -34.74
N LEU B 386 30.99 -14.00 -35.62
CA LEU B 386 29.79 -13.29 -35.17
C LEU B 386 28.84 -14.23 -34.43
N ARG B 387 28.69 -15.46 -34.93
CA ARG B 387 27.81 -16.43 -34.29
C ARG B 387 28.24 -16.73 -32.85
N PHE B 388 29.54 -16.93 -32.62
CA PHE B 388 30.04 -17.16 -31.26
C PHE B 388 30.01 -15.88 -30.43
N TYR B 389 30.24 -14.73 -31.06
CA TYR B 389 30.18 -13.47 -30.32
C TYR B 389 28.80 -13.25 -29.73
N TYR B 390 27.76 -13.31 -30.56
CA TYR B 390 26.41 -13.10 -30.06
C TYR B 390 26.04 -14.17 -29.03
N TRP B 391 26.40 -15.43 -29.33
CA TRP B 391 26.16 -16.52 -28.39
C TRP B 391 26.71 -16.20 -27.01
N LEU B 392 28.03 -15.99 -26.92
CA LEU B 392 28.67 -15.83 -25.62
C LEU B 392 28.24 -14.53 -24.96
N SER B 393 28.03 -13.47 -25.74
CA SER B 393 27.59 -12.21 -25.14
C SER B 393 26.21 -12.34 -24.50
N GLN B 394 25.25 -12.94 -25.19
CA GLN B 394 23.92 -13.08 -24.59
C GLN B 394 23.95 -14.09 -23.44
N THR B 395 24.81 -15.11 -23.55
CA THR B 395 24.96 -16.06 -22.44
C THR B 395 25.51 -15.35 -21.20
N LEU B 396 26.51 -14.50 -21.37
CA LEU B 396 27.05 -13.72 -20.26
C LEU B 396 26.02 -12.77 -19.67
N GLN B 397 25.23 -12.11 -20.52
CA GLN B 397 24.17 -11.25 -20.01
C GLN B 397 23.13 -12.02 -19.19
N GLU B 398 22.66 -13.16 -19.70
CA GLU B 398 21.63 -13.90 -19.00
C GLU B 398 22.17 -14.51 -17.70
N GLU B 399 23.41 -15.01 -17.72
CA GLU B 399 24.00 -15.54 -16.50
C GLU B 399 24.17 -14.45 -15.45
N CYS B 400 24.64 -13.27 -15.86
CA CYS B 400 24.82 -12.18 -14.93
C CYS B 400 23.50 -11.70 -14.34
N ILE B 401 22.45 -11.59 -15.17
CA ILE B 401 21.18 -11.12 -14.64
C ILE B 401 20.53 -12.19 -13.75
N TRP B 402 20.78 -13.47 -14.05
CA TRP B 402 20.22 -14.53 -13.22
C TRP B 402 20.98 -14.69 -11.91
N TYR B 403 22.25 -14.30 -11.87
CA TYR B 403 23.04 -14.44 -10.65
C TYR B 403 22.45 -13.60 -9.52
N LYS B 404 22.05 -12.37 -9.82
CA LYS B 404 21.47 -11.49 -8.81
C LYS B 404 19.95 -11.48 -8.91
N GLY B 411 25.23 -19.05 -8.21
CA GLY B 411 26.49 -18.36 -8.34
C GLY B 411 27.65 -19.29 -8.63
N LYS B 412 27.61 -20.49 -8.03
CA LYS B 412 28.67 -21.46 -8.27
C LYS B 412 28.72 -21.92 -9.71
N GLU B 413 27.55 -22.12 -10.34
CA GLU B 413 27.53 -22.49 -11.75
C GLU B 413 28.08 -21.37 -12.63
N PHE B 414 27.76 -20.12 -12.29
CA PHE B 414 28.33 -18.99 -13.03
C PHE B 414 29.85 -18.95 -12.89
N THR B 415 30.35 -19.19 -11.67
CA THR B 415 31.79 -19.22 -11.46
C THR B 415 32.44 -20.33 -12.26
N ASN B 416 31.83 -21.53 -12.28
CA ASN B 416 32.38 -22.63 -13.05
C ASN B 416 32.37 -22.33 -14.54
N PHE B 417 31.28 -21.74 -15.04
CA PHE B 417 31.23 -21.37 -16.45
C PHE B 417 32.31 -20.37 -16.81
N LEU B 418 32.49 -19.34 -15.97
CA LEU B 418 33.53 -18.37 -16.24
C LEU B 418 34.92 -19.00 -16.14
N ASP B 419 35.11 -19.97 -15.25
CA ASP B 419 36.38 -20.67 -15.17
C ASP B 419 36.64 -21.47 -16.45
N THR B 420 35.61 -22.10 -17.00
CA THR B 420 35.76 -22.80 -18.28
C THR B 420 36.09 -21.81 -19.39
N ILE B 421 35.44 -20.65 -19.38
CA ILE B 421 35.76 -19.62 -20.38
C ILE B 421 37.21 -19.18 -20.27
N ILE B 422 37.70 -19.01 -19.03
CA ILE B 422 39.08 -18.61 -18.82
C ILE B 422 40.03 -19.70 -19.30
N ARG B 423 39.70 -20.96 -19.02
CA ARG B 423 40.53 -22.07 -19.49
C ARG B 423 40.61 -22.09 -21.01
N ALA B 424 39.48 -21.89 -21.69
CA ALA B 424 39.51 -21.80 -23.14
C ALA B 424 40.30 -20.58 -23.60
N GLU B 425 40.22 -19.48 -22.85
CA GLU B 425 40.96 -18.28 -23.19
C GLU B 425 42.47 -18.48 -23.06
N CYS B 426 42.90 -19.35 -22.15
CA CYS B 426 44.31 -19.70 -22.07
C CYS B 426 44.79 -20.28 -23.40
N PHE B 427 43.94 -21.06 -24.06
CA PHE B 427 44.21 -21.51 -25.40
C PHE B 427 43.87 -20.42 -26.41
N LEU B 428 44.23 -20.65 -27.68
CA LEU B 428 44.00 -19.72 -28.77
C LEU B 428 44.94 -18.51 -28.69
N GLN B 429 45.64 -18.36 -27.57
CA GLN B 429 46.62 -17.29 -27.36
C GLN B 429 46.09 -15.93 -27.79
N GLU B 430 44.79 -15.69 -27.64
CA GLU B 430 44.21 -14.41 -27.99
C GLU B 430 42.87 -14.27 -27.26
N GLY B 431 42.54 -13.03 -26.90
CA GLY B 431 41.36 -12.72 -26.14
C GLY B 431 40.09 -12.71 -26.97
N PHE B 432 38.96 -12.89 -26.29
CA PHE B 432 37.66 -12.81 -26.90
C PHE B 432 37.10 -11.40 -26.80
N TYR B 433 36.05 -11.15 -27.57
CA TYR B 433 35.46 -9.81 -27.60
C TYR B 433 34.15 -9.74 -26.84
N SER B 434 33.42 -10.85 -26.74
CA SER B 434 32.20 -10.87 -25.93
C SER B 434 32.53 -10.60 -24.47
N CYS B 435 33.59 -11.23 -23.95
CA CYS B 435 34.02 -10.97 -22.59
C CYS B 435 34.46 -9.52 -22.42
N GLU B 436 35.16 -8.99 -23.42
CA GLU B 436 35.59 -7.60 -23.35
C GLU B 436 34.40 -6.66 -23.26
N ALA B 437 33.39 -6.85 -24.10
CA ALA B 437 32.22 -6.00 -24.06
C ALA B 437 31.46 -6.15 -22.75
N PHE B 438 31.34 -7.39 -22.25
CA PHE B 438 30.66 -7.62 -20.98
C PHE B 438 31.38 -6.91 -19.84
N LEU B 439 32.71 -6.99 -19.83
CA LEU B 439 33.47 -6.36 -18.76
C LEU B 439 33.40 -4.85 -18.86
N TYR B 440 33.43 -4.31 -20.08
CA TYR B 440 33.21 -2.88 -20.27
C TYR B 440 31.87 -2.44 -19.72
N LYS B 441 30.81 -3.19 -20.03
CA LYS B 441 29.48 -2.83 -19.57
C LYS B 441 29.35 -2.93 -18.06
N SER B 442 29.95 -3.96 -17.46
CA SER B 442 29.72 -4.26 -16.05
C SER B 442 30.75 -3.66 -15.11
N LEU B 443 31.89 -3.18 -15.63
CA LEU B 443 32.92 -2.63 -14.75
C LEU B 443 32.42 -1.42 -13.96
N PRO B 444 31.77 -0.42 -14.60
CA PRO B 444 31.26 0.70 -13.78
C PRO B 444 30.28 0.27 -12.72
N LEU B 445 29.42 -0.71 -13.01
CA LEU B 445 28.50 -1.26 -12.03
C LEU B 445 29.17 -2.24 -11.08
N TRP B 446 30.40 -2.65 -11.36
CA TRP B 446 31.05 -3.69 -10.57
C TRP B 446 31.38 -3.17 -9.17
N ASP B 447 31.01 -3.97 -8.17
CA ASP B 447 31.33 -3.63 -6.79
C ASP B 447 32.80 -3.93 -6.49
N GLY B 448 33.39 -4.90 -7.18
CA GLY B 448 34.73 -5.34 -6.90
C GLY B 448 34.84 -6.65 -6.15
N LEU B 449 33.72 -7.26 -5.75
CA LEU B 449 33.79 -8.50 -4.98
C LEU B 449 32.81 -9.58 -5.44
N CYS B 450 31.97 -9.32 -6.45
CA CYS B 450 31.02 -10.33 -6.89
C CYS B 450 31.71 -11.59 -7.38
N CYS B 451 32.53 -11.45 -8.43
CA CYS B 451 33.31 -12.55 -8.99
C CYS B 451 34.72 -12.07 -9.29
N ARG B 452 35.34 -11.40 -8.30
CA ARG B 452 36.61 -10.71 -8.51
C ARG B 452 37.65 -11.63 -9.16
N SER B 453 37.73 -12.88 -8.68
CA SER B 453 38.65 -13.84 -9.25
C SER B 453 38.39 -14.01 -10.74
N GLN B 454 37.12 -14.07 -11.13
CA GLN B 454 36.79 -14.26 -12.53
C GLN B 454 37.06 -13.00 -13.35
N PHE B 455 36.65 -11.82 -12.84
CA PHE B 455 36.85 -10.59 -13.60
C PHE B 455 38.33 -10.31 -13.84
N LEU B 456 39.16 -10.48 -12.81
CA LEU B 456 40.54 -10.03 -12.92
C LEU B 456 41.36 -10.88 -13.88
N GLN B 457 40.90 -12.09 -14.18
CA GLN B 457 41.63 -12.90 -15.16
C GLN B 457 41.25 -12.60 -16.59
N LEU B 458 40.10 -11.96 -16.83
CA LEU B 458 39.74 -11.54 -18.18
C LEU B 458 40.50 -10.29 -18.62
N VAL B 459 40.77 -9.35 -17.72
CA VAL B 459 41.51 -8.16 -18.09
C VAL B 459 42.92 -8.53 -18.56
N SER B 460 43.42 -9.69 -18.15
CA SER B 460 44.73 -10.14 -18.63
C SER B 460 44.72 -10.35 -20.13
N TRP B 461 43.64 -10.92 -20.66
CA TRP B 461 43.50 -11.14 -22.10
C TRP B 461 42.60 -10.06 -22.71
N ILE B 462 43.22 -8.91 -22.94
CA ILE B 462 42.56 -7.76 -23.57
C ILE B 462 43.29 -7.47 -24.88
N PRO B 463 42.58 -7.32 -26.00
CA PRO B 463 43.27 -7.05 -27.27
C PRO B 463 44.06 -5.77 -27.23
N PHE B 464 45.18 -5.76 -27.95
CA PHE B 464 46.04 -4.60 -28.01
C PHE B 464 45.30 -3.42 -28.62
N SER B 465 45.38 -2.27 -27.95
CA SER B 465 44.72 -1.07 -28.43
C SER B 465 45.52 0.14 -27.94
N SER B 466 45.32 1.27 -28.63
CA SER B 466 46.00 2.49 -28.24
C SER B 466 45.56 2.92 -26.85
N PHE B 467 46.50 3.48 -26.09
CA PHE B 467 46.21 3.91 -24.73
C PHE B 467 45.54 5.28 -24.74
N SER B 468 44.49 5.42 -25.55
CA SER B 468 43.70 6.65 -25.59
C SER B 468 42.20 6.41 -25.60
N GLU B 469 41.75 5.19 -25.90
CA GLU B 469 40.33 4.85 -25.84
C GLU B 469 39.96 3.96 -24.67
N VAL B 470 40.88 3.07 -24.27
CA VAL B 470 40.61 2.19 -23.14
C VAL B 470 40.60 2.95 -21.81
N LYS B 471 41.50 3.92 -21.62
CA LYS B 471 41.53 4.66 -20.37
C LYS B 471 40.22 5.36 -20.06
N PRO B 472 39.60 6.12 -20.98
CA PRO B 472 38.32 6.76 -20.65
C PRO B 472 37.21 5.77 -20.31
N LEU B 473 37.22 4.58 -20.89
CA LEU B 473 36.15 3.62 -20.65
C LEU B 473 36.52 2.53 -19.66
N LEU B 474 37.77 2.11 -19.62
CA LEU B 474 38.17 0.96 -18.82
C LEU B 474 39.01 1.33 -17.61
N PHE B 475 40.12 2.05 -17.80
CA PHE B 475 41.07 2.22 -16.70
C PHE B 475 40.60 3.24 -15.69
N ASP B 476 39.59 4.05 -16.01
CA ASP B 476 39.08 5.01 -15.04
C ASP B 476 38.44 4.29 -13.85
N HIS B 477 37.52 3.37 -14.12
CA HIS B 477 36.92 2.61 -13.03
C HIS B 477 37.94 1.68 -12.38
N LEU B 478 38.93 1.22 -13.13
CA LEU B 478 40.01 0.44 -12.53
C LEU B 478 40.75 1.25 -11.48
N ALA B 479 41.07 2.51 -11.79
CA ALA B 479 41.70 3.38 -10.80
C ALA B 479 40.73 3.70 -9.67
N GLN B 480 39.44 3.84 -9.99
CA GLN B 480 38.45 4.10 -8.96
C GLN B 480 38.46 3.01 -7.90
N LEU B 481 38.44 1.75 -8.33
CA LEU B 481 38.56 0.65 -7.38
C LEU B 481 39.93 0.63 -6.72
N PHE B 482 40.99 0.86 -7.50
CA PHE B 482 42.36 0.69 -7.00
C PHE B 482 42.66 1.66 -5.87
N PHE B 483 42.22 2.91 -5.99
CA PHE B 483 42.54 3.91 -4.99
C PHE B 483 41.75 3.74 -3.70
N THR B 484 40.74 2.86 -3.69
CA THR B 484 39.84 2.75 -2.55
C THR B 484 39.70 1.32 -2.03
N SER B 485 40.14 0.31 -2.78
CA SER B 485 39.93 -1.06 -2.38
C SER B 485 41.10 -1.55 -1.52
N THR B 486 41.07 -2.83 -1.18
CA THR B 486 42.03 -3.41 -0.24
C THR B 486 43.42 -3.46 -0.88
N ILE B 487 44.45 -3.50 -0.04
CA ILE B 487 45.82 -3.61 -0.53
C ILE B 487 46.02 -4.93 -1.27
N TYR B 488 45.41 -6.01 -0.81
CA TYR B 488 45.49 -7.28 -1.53
C TYR B 488 44.83 -7.16 -2.89
N PHE B 489 43.73 -6.40 -2.98
CA PHE B 489 43.14 -6.14 -4.29
C PHE B 489 44.09 -5.34 -5.17
N LYS B 490 44.87 -4.46 -4.55
CA LYS B 490 45.89 -3.73 -5.32
C LYS B 490 46.92 -4.67 -5.89
N CYS B 491 47.45 -5.59 -5.06
CA CYS B 491 48.37 -6.59 -5.57
C CYS B 491 47.71 -7.42 -6.67
N SER B 492 46.41 -7.68 -6.52
CA SER B 492 45.68 -8.46 -7.50
C SER B 492 45.66 -7.76 -8.86
N VAL B 493 45.28 -6.48 -8.87
CA VAL B 493 45.19 -5.76 -10.13
C VAL B 493 46.58 -5.53 -10.70
N LEU B 494 47.59 -5.40 -9.85
CA LEU B 494 48.97 -5.37 -10.33
C LEU B 494 49.33 -6.64 -11.08
N GLN B 495 48.98 -7.80 -10.51
CA GLN B 495 49.22 -9.05 -11.20
C GLN B 495 48.47 -9.09 -12.53
N SER B 496 47.23 -8.62 -12.52
CA SER B 496 46.43 -8.63 -13.76
C SER B 496 47.07 -7.77 -14.83
N LEU B 497 47.52 -6.56 -14.47
CA LEU B 497 48.13 -5.68 -15.46
C LEU B 497 49.48 -6.18 -15.93
N LYS B 498 50.27 -6.82 -15.05
CA LYS B 498 51.54 -7.35 -15.52
C LYS B 498 51.31 -8.52 -16.47
N GLU B 499 50.27 -9.33 -16.21
CA GLU B 499 49.91 -10.39 -17.15
C GLU B 499 49.45 -9.79 -18.47
N LEU B 500 48.69 -8.69 -18.42
CA LEU B 500 48.29 -8.00 -19.64
C LEU B 500 49.50 -7.52 -20.43
N LEU B 501 50.49 -6.95 -19.73
CA LEU B 501 51.70 -6.48 -20.38
C LEU B 501 52.45 -7.64 -21.03
N GLN B 502 52.53 -8.77 -20.33
CA GLN B 502 53.17 -9.95 -20.90
C GLN B 502 52.44 -10.41 -22.16
N ASN B 503 51.12 -10.46 -22.11
CA ASN B 503 50.34 -10.91 -23.26
C ASN B 503 50.51 -9.96 -24.44
N TRP B 504 50.51 -8.65 -24.17
CA TRP B 504 50.66 -7.68 -25.24
C TRP B 504 52.04 -7.78 -25.88
N LEU B 505 53.10 -7.91 -25.07
CA LEU B 505 54.42 -8.09 -25.65
C LEU B 505 54.51 -9.37 -26.47
N LEU B 506 53.91 -10.45 -25.97
CA LEU B 506 53.92 -11.70 -26.70
C LEU B 506 53.22 -11.56 -28.04
N TRP B 507 52.08 -10.87 -28.06
CA TRP B 507 51.34 -10.69 -29.32
C TRP B 507 52.10 -9.83 -30.30
N LEU B 508 52.65 -8.70 -29.84
CA LEU B 508 53.37 -7.82 -30.74
C LEU B 508 54.61 -8.50 -31.33
N SER B 509 55.33 -9.25 -30.50
CA SER B 509 56.52 -9.95 -30.99
C SER B 509 56.13 -11.20 -31.77
N SER B 529 52.16 2.46 -31.34
CA SER B 529 52.51 1.12 -30.90
C SER B 529 53.31 1.15 -29.60
N MET B 530 54.61 1.46 -29.72
CA MET B 530 55.44 1.56 -28.53
C MET B 530 55.01 2.73 -27.64
N ASN B 531 54.40 3.76 -28.21
CA ASN B 531 53.88 4.85 -27.41
C ASN B 531 52.78 4.37 -26.48
N SER B 532 51.93 3.46 -26.97
CA SER B 532 50.84 2.94 -26.14
C SER B 532 51.37 2.20 -24.92
N VAL B 533 52.34 1.30 -25.12
CA VAL B 533 52.88 0.57 -23.98
C VAL B 533 53.66 1.50 -23.06
N SER B 534 54.33 2.51 -23.63
CA SER B 534 55.02 3.48 -22.79
C SER B 534 54.03 4.23 -21.89
N LYS B 535 52.91 4.66 -22.45
CA LYS B 535 51.90 5.34 -21.65
C LYS B 535 51.29 4.40 -20.62
N LEU B 536 51.08 3.14 -20.98
CA LEU B 536 50.57 2.17 -20.02
C LEU B 536 51.54 1.99 -18.85
N ILE B 537 52.84 1.91 -19.16
CA ILE B 537 53.85 1.76 -18.12
C ILE B 537 53.88 2.99 -17.23
N HIS B 538 53.79 4.19 -17.82
CA HIS B 538 53.77 5.41 -17.02
C HIS B 538 52.55 5.44 -16.11
N TYR B 539 51.39 5.04 -16.64
CA TYR B 539 50.16 5.03 -15.85
C TYR B 539 50.25 4.05 -14.69
N VAL B 540 50.74 2.83 -14.95
CA VAL B 540 50.84 1.85 -13.87
C VAL B 540 51.90 2.28 -12.86
N GLY B 541 52.94 2.96 -13.31
CA GLY B 541 53.93 3.49 -12.36
C GLY B 541 53.36 4.58 -11.48
N TRP B 542 52.52 5.45 -12.06
CA TRP B 542 51.85 6.47 -11.25
C TRP B 542 50.95 5.82 -10.21
N LEU B 543 50.18 4.81 -10.63
CA LEU B 543 49.37 4.07 -9.67
C LEU B 543 50.25 3.44 -8.60
N SER B 544 51.40 2.91 -9.01
CA SER B 544 52.31 2.25 -8.08
C SER B 544 52.79 3.21 -7.02
N THR B 545 53.30 4.37 -7.42
CA THR B 545 53.82 5.31 -6.45
C THR B 545 52.72 5.87 -5.57
N THR B 546 51.53 6.13 -6.15
CA THR B 546 50.42 6.64 -5.35
C THR B 546 50.01 5.64 -4.28
N ALA B 547 49.90 4.36 -4.64
CA ALA B 547 49.52 3.37 -3.65
C ALA B 547 50.64 3.10 -2.66
N MET B 548 51.90 3.18 -3.10
CA MET B 548 53.03 3.01 -2.20
C MET B 548 53.02 4.07 -1.11
N ARG B 549 52.69 5.31 -1.49
CA ARG B 549 52.39 6.31 -0.47
C ARG B 549 51.15 5.92 0.34
N LEU B 550 50.14 5.38 -0.33
CA LEU B 550 48.82 5.23 0.29
C LEU B 550 48.86 4.31 1.50
N GLU B 551 49.56 3.19 1.39
CA GLU B 551 49.49 2.14 2.40
C GLU B 551 50.56 2.26 3.47
N SER B 552 51.00 3.48 3.78
CA SER B 552 52.04 3.71 4.78
C SER B 552 53.32 2.94 4.44
N ASN B 553 53.60 2.85 3.14
CA ASN B 553 54.78 2.19 2.61
C ASN B 553 54.84 0.73 3.07
N ASN B 554 53.83 -0.03 2.66
CA ASN B 554 53.78 -1.45 2.93
C ASN B 554 54.56 -2.23 1.87
N THR B 555 55.46 -3.09 2.34
CA THR B 555 56.33 -3.81 1.42
C THR B 555 55.59 -4.92 0.69
N PHE B 556 54.39 -5.26 1.16
CA PHE B 556 53.61 -6.31 0.49
C PHE B 556 53.28 -5.91 -0.93
N LEU B 557 52.85 -4.66 -1.13
CA LEU B 557 52.64 -4.16 -2.48
C LEU B 557 53.95 -3.92 -3.20
N LEU B 558 54.99 -3.55 -2.45
CA LEU B 558 56.30 -3.29 -3.05
C LEU B 558 56.83 -4.54 -3.73
N HIS B 559 56.56 -5.72 -3.15
CA HIS B 559 56.99 -6.96 -3.78
C HIS B 559 56.36 -7.12 -5.16
N PHE B 560 55.06 -6.84 -5.27
CA PHE B 560 54.40 -6.94 -6.56
C PHE B 560 54.90 -5.88 -7.52
N ILE B 561 55.15 -4.65 -7.03
CA ILE B 561 55.72 -3.60 -7.86
C ILE B 561 57.02 -4.08 -8.48
N LEU B 562 57.90 -4.62 -7.64
CA LEU B 562 59.22 -5.02 -8.10
C LEU B 562 59.15 -6.23 -9.01
N ASP B 563 58.27 -7.18 -8.73
CA ASP B 563 58.11 -8.33 -9.62
C ASP B 563 57.61 -7.89 -10.99
N PHE B 564 56.63 -6.99 -11.02
CA PHE B 564 56.16 -6.42 -12.28
C PHE B 564 57.30 -5.75 -13.02
N TYR B 565 58.15 -5.02 -12.29
CA TYR B 565 59.24 -4.30 -12.97
C TYR B 565 60.29 -5.27 -13.49
N GLU B 566 60.52 -6.39 -12.79
CA GLU B 566 61.39 -7.43 -13.35
C GLU B 566 60.80 -8.00 -14.62
N LYS B 567 59.49 -8.24 -14.65
CA LYS B 567 58.87 -8.72 -15.89
C LYS B 567 59.02 -7.69 -17.01
N VAL B 568 58.99 -6.40 -16.66
CA VAL B 568 59.16 -5.36 -17.66
C VAL B 568 60.60 -5.31 -18.18
N CYS B 569 61.57 -5.47 -17.28
CA CYS B 569 62.96 -5.13 -17.57
C CYS B 569 63.60 -5.96 -18.69
N ASP B 570 62.88 -6.90 -19.32
CA ASP B 570 63.49 -7.77 -20.32
C ASP B 570 62.88 -7.57 -21.70
N ILE B 571 62.40 -6.37 -22.01
CA ILE B 571 61.71 -6.14 -23.29
C ILE B 571 62.67 -6.37 -24.46
N TYR B 572 63.85 -5.75 -24.41
CA TYR B 572 64.77 -5.82 -25.54
C TYR B 572 65.28 -7.23 -25.76
N ILE B 573 65.54 -7.96 -24.67
CA ILE B 573 66.12 -9.29 -24.80
C ILE B 573 65.09 -10.39 -24.92
N ASN B 574 63.80 -10.08 -24.74
CA ASN B 574 62.77 -11.11 -24.84
C ASN B 574 61.89 -10.94 -26.07
N TYR B 575 61.71 -9.72 -26.56
CA TYR B 575 60.83 -9.47 -27.68
C TYR B 575 61.49 -8.64 -28.78
N ASN B 576 62.80 -8.37 -28.68
CA ASN B 576 63.54 -7.62 -29.69
C ASN B 576 62.91 -6.25 -29.93
N LEU B 577 62.48 -5.62 -28.84
CA LEU B 577 61.91 -4.28 -28.92
C LEU B 577 62.83 -3.27 -28.27
N PRO B 578 63.35 -2.30 -29.03
CA PRO B 578 64.29 -1.31 -28.48
C PRO B 578 63.58 -0.24 -27.66
N LEU B 579 63.02 -0.66 -26.52
CA LEU B 579 62.31 0.25 -25.64
C LEU B 579 62.53 -0.18 -24.19
N VAL B 580 63.09 0.72 -23.40
CA VAL B 580 63.32 0.48 -21.97
C VAL B 580 62.74 1.66 -21.20
N VAL B 581 61.92 1.37 -20.20
CA VAL B 581 61.30 2.40 -19.37
C VAL B 581 61.82 2.26 -17.96
N LEU B 582 62.07 3.40 -17.32
CA LEU B 582 62.68 3.45 -15.99
C LEU B 582 61.63 3.74 -14.93
N PHE B 583 61.72 3.00 -13.83
CA PHE B 583 60.80 3.13 -12.72
C PHE B 583 61.00 4.45 -11.99
N PRO B 584 59.94 5.00 -11.40
CA PRO B 584 60.01 6.33 -10.78
C PRO B 584 60.99 6.35 -9.62
N PRO B 585 61.65 7.49 -9.38
CA PRO B 585 62.62 7.56 -8.28
C PRO B 585 62.02 7.36 -6.91
N GLY B 586 60.73 7.61 -6.72
CA GLY B 586 60.12 7.37 -5.43
C GLY B 586 60.21 5.91 -5.01
N ILE B 587 59.82 5.01 -5.92
CA ILE B 587 59.95 3.57 -5.66
C ILE B 587 61.42 3.21 -5.51
N PHE B 588 62.28 3.83 -6.33
CA PHE B 588 63.72 3.58 -6.24
C PHE B 588 64.24 3.81 -4.84
N TYR B 589 63.96 4.98 -4.27
CA TYR B 589 64.48 5.31 -2.95
C TYR B 589 63.76 4.55 -1.85
N SER B 590 62.46 4.31 -2.00
CA SER B 590 61.73 3.56 -0.99
C SER B 590 62.25 2.13 -0.87
N ALA B 591 62.56 1.50 -2.01
CA ALA B 591 62.95 0.10 -1.98
C ALA B 591 64.45 -0.06 -1.71
N LEU B 592 65.27 0.83 -2.28
CA LEU B 592 66.72 0.66 -2.16
C LEU B 592 67.18 0.73 -0.71
N LEU B 593 66.66 1.69 0.05
CA LEU B 593 67.06 1.85 1.44
C LEU B 593 66.01 1.31 2.40
N SER B 594 65.16 0.40 1.94
CA SER B 594 64.17 -0.27 2.77
C SER B 594 64.83 -1.15 3.82
N LEU B 595 64.01 -1.69 4.71
CA LEU B 595 64.48 -2.47 5.85
C LEU B 595 64.41 -3.97 5.61
N ASP B 596 64.06 -4.42 4.41
CA ASP B 596 63.94 -5.84 4.13
C ASP B 596 65.07 -6.30 3.20
N THR B 597 65.69 -7.43 3.55
CA THR B 597 66.82 -7.95 2.80
C THR B 597 66.45 -8.51 1.44
N SER B 598 65.31 -9.20 1.33
CA SER B 598 64.89 -9.70 0.03
C SER B 598 64.60 -8.54 -0.93
N ILE B 599 64.16 -7.41 -0.39
CA ILE B 599 64.03 -6.20 -1.21
C ILE B 599 65.39 -5.82 -1.78
N LEU B 600 66.43 -5.81 -0.93
CA LEU B 600 67.77 -5.52 -1.42
C LEU B 600 68.20 -6.51 -2.50
N ASN B 601 67.89 -7.79 -2.28
CA ASN B 601 68.18 -8.83 -3.26
C ASN B 601 67.58 -8.50 -4.62
N GLN B 602 66.28 -8.22 -4.65
CA GLN B 602 65.60 -8.07 -5.93
C GLN B 602 65.90 -6.72 -6.56
N LEU B 603 66.26 -5.70 -5.77
CA LEU B 603 66.80 -4.48 -6.35
C LEU B 603 68.15 -4.73 -7.02
N CYS B 604 69.04 -5.47 -6.35
CA CYS B 604 70.31 -5.80 -6.99
C CYS B 604 70.06 -6.53 -8.30
N PHE B 605 69.12 -7.48 -8.29
CA PHE B 605 68.79 -8.21 -9.51
C PHE B 605 68.25 -7.27 -10.59
N ILE B 606 67.37 -6.34 -10.23
CA ILE B 606 66.72 -5.51 -11.23
C ILE B 606 67.69 -4.51 -11.83
N MET B 607 68.58 -3.92 -11.02
CA MET B 607 69.58 -3.04 -11.62
C MET B 607 70.60 -3.83 -12.44
N HIS B 608 70.90 -5.07 -12.05
CA HIS B 608 71.76 -5.89 -12.90
C HIS B 608 71.12 -6.13 -14.26
N ARG B 609 69.83 -6.47 -14.27
CA ARG B 609 69.13 -6.69 -15.53
C ARG B 609 69.04 -5.42 -16.36
N TYR B 610 68.81 -4.28 -15.69
CA TYR B 610 68.77 -3.01 -16.40
C TYR B 610 70.12 -2.69 -17.05
N ARG B 611 71.21 -2.93 -16.32
CA ARG B 611 72.53 -2.69 -16.90
C ARG B 611 72.80 -3.63 -18.06
N LYS B 612 72.39 -4.89 -17.94
CA LYS B 612 72.57 -5.84 -19.03
C LYS B 612 71.81 -5.41 -20.26
N ASN B 613 70.56 -4.97 -20.07
CA ASN B 613 69.78 -4.49 -21.20
C ASN B 613 70.37 -3.23 -21.81
N LEU B 614 70.88 -2.32 -20.98
CA LEU B 614 71.47 -1.09 -21.50
C LEU B 614 72.72 -1.37 -22.32
N THR B 615 73.60 -2.24 -21.81
CA THR B 615 74.80 -2.58 -22.56
C THR B 615 74.51 -3.48 -23.75
N ALA B 616 73.36 -4.14 -23.75
CA ALA B 616 72.98 -4.94 -24.92
C ALA B 616 72.78 -4.06 -26.15
N ALA B 617 72.17 -2.90 -25.97
CA ALA B 617 71.94 -1.98 -27.07
C ALA B 617 72.64 -0.64 -26.82
N SER B 634 69.09 9.41 -23.78
CA SER B 634 70.15 10.21 -23.19
C SER B 634 69.92 10.40 -21.70
N LYS B 635 68.75 10.94 -21.34
CA LYS B 635 68.42 11.15 -19.94
C LYS B 635 68.31 9.83 -19.19
N THR B 636 67.92 8.76 -19.88
CA THR B 636 67.84 7.45 -19.23
C THR B 636 69.20 7.01 -18.71
N TYR B 637 70.25 7.18 -19.53
CA TYR B 637 71.59 6.81 -19.09
C TYR B 637 72.05 7.67 -17.92
N GLN B 638 71.74 8.97 -17.95
CA GLN B 638 72.12 9.85 -16.85
C GLN B 638 71.44 9.43 -15.56
N GLU B 639 70.13 9.14 -15.62
CA GLU B 639 69.43 8.69 -14.42
C GLU B 639 69.95 7.36 -13.93
N PHE B 640 70.28 6.45 -14.85
CA PHE B 640 70.84 5.16 -14.47
C PHE B 640 72.18 5.34 -13.75
N ASN B 641 73.03 6.21 -14.28
CA ASN B 641 74.32 6.48 -13.63
C ASN B 641 74.12 7.12 -12.27
N HIS B 642 73.15 8.04 -12.16
CA HIS B 642 72.87 8.65 -10.87
C HIS B 642 72.42 7.61 -9.86
N TYR B 643 71.56 6.67 -10.28
CA TYR B 643 71.12 5.60 -9.38
C TYR B 643 72.28 4.70 -8.99
N LEU B 644 73.16 4.38 -9.93
CA LEU B 644 74.32 3.55 -9.62
C LEU B 644 75.21 4.23 -8.59
N THR B 645 75.44 5.54 -8.75
CA THR B 645 76.19 6.28 -7.74
C THR B 645 75.46 6.25 -6.40
N SER B 646 74.13 6.37 -6.43
CA SER B 646 73.36 6.37 -5.19
C SER B 646 73.53 5.06 -4.42
N MET B 647 73.40 3.91 -5.10
CA MET B 647 73.51 2.66 -4.36
C MET B 647 74.96 2.33 -4.03
N VAL B 648 75.92 2.74 -4.86
CA VAL B 648 77.30 2.48 -4.51
C VAL B 648 77.70 3.33 -3.31
N GLY B 649 77.12 4.52 -3.17
CA GLY B 649 77.25 5.25 -1.93
C GLY B 649 76.55 4.61 -0.74
N CYS B 650 75.35 4.07 -0.96
CA CYS B 650 74.63 3.33 0.07
C CYS B 650 75.30 2.01 0.44
N LEU B 651 75.88 1.32 -0.54
CA LEU B 651 76.58 0.07 -0.29
C LEU B 651 78.06 0.37 -0.02
N TRP B 652 78.88 -0.67 -0.01
CA TRP B 652 80.32 -0.54 0.24
C TRP B 652 80.97 0.40 -0.76
N HIS B 684 77.05 -1.48 8.49
CA HIS B 684 76.69 -0.71 7.31
C HIS B 684 75.19 -0.61 7.14
N HIS B 685 74.65 -1.40 6.20
CA HIS B 685 73.21 -1.37 5.96
C HIS B 685 72.47 -1.94 7.17
N PRO B 686 71.43 -1.25 7.64
CA PRO B 686 70.68 -1.76 8.80
C PRO B 686 70.05 -3.11 8.55
N SER B 687 69.57 -3.37 7.34
CA SER B 687 68.92 -4.64 7.04
C SER B 687 69.83 -5.83 7.28
N PHE B 688 71.15 -5.62 7.25
CA PHE B 688 72.10 -6.70 7.46
C PHE B 688 72.51 -6.88 8.91
N LEU B 689 72.00 -6.05 9.83
CA LEU B 689 72.41 -6.16 11.22
C LEU B 689 72.14 -7.55 11.77
N SER B 690 71.03 -8.16 11.35
CA SER B 690 70.75 -9.56 11.66
C SER B 690 71.99 -10.42 11.41
N TYR B 691 72.47 -10.42 10.15
CA TYR B 691 73.68 -11.16 9.82
C TYR B 691 74.82 -10.80 10.75
N ALA B 692 74.99 -9.49 11.02
CA ALA B 692 76.06 -9.05 11.91
C ALA B 692 75.92 -9.69 13.28
N VAL B 693 74.70 -9.75 13.81
CA VAL B 693 74.49 -10.40 15.10
C VAL B 693 74.93 -11.86 15.01
N SER B 694 74.57 -12.52 13.91
CA SER B 694 75.05 -13.88 13.70
C SER B 694 76.56 -13.91 13.62
N PHE B 695 77.16 -12.92 12.95
CA PHE B 695 78.61 -12.80 12.93
C PHE B 695 79.18 -12.60 14.33
N LEU B 696 78.43 -11.95 15.22
CA LEU B 696 78.84 -11.87 16.61
C LEU B 696 78.63 -13.18 17.35
N LEU B 697 77.65 -13.98 16.95
CA LEU B 697 77.41 -15.26 17.60
C LEU B 697 78.45 -16.30 17.17
N GLN B 698 79.00 -16.15 15.98
CA GLN B 698 80.00 -17.09 15.47
C GLN B 698 81.40 -16.52 15.58
N TRP B 716 87.98 -12.98 11.39
CA TRP B 716 87.20 -13.01 10.17
C TRP B 716 86.93 -11.61 9.64
N SER B 717 87.96 -10.98 9.08
CA SER B 717 87.79 -9.66 8.49
C SER B 717 86.83 -9.69 7.32
N TRP B 718 86.91 -10.73 6.49
CA TRP B 718 86.02 -10.92 5.36
C TRP B 718 84.80 -11.72 5.83
N TYR B 719 83.67 -11.03 5.99
CA TYR B 719 82.43 -11.67 6.40
C TYR B 719 81.42 -11.74 5.27
N LEU B 720 81.76 -11.23 4.09
CA LEU B 720 80.84 -11.27 2.96
C LEU B 720 80.59 -12.70 2.49
N ASP B 721 81.55 -13.60 2.72
CA ASP B 721 81.35 -15.00 2.35
C ASP B 721 80.25 -15.65 3.17
N TYR B 722 80.13 -15.31 4.45
CA TYR B 722 79.03 -15.82 5.26
C TYR B 722 77.69 -15.32 4.73
N LEU B 723 77.61 -14.04 4.37
CA LEU B 723 76.41 -13.51 3.74
C LEU B 723 76.10 -14.26 2.45
N PHE B 724 77.15 -14.58 1.69
CA PHE B 724 76.96 -15.26 0.41
C PHE B 724 76.41 -16.66 0.62
N SER B 725 76.96 -17.38 1.60
CA SER B 725 76.45 -18.71 1.93
C SER B 725 75.04 -18.65 2.48
N GLN B 726 74.66 -17.52 3.11
CA GLN B 726 73.29 -17.37 3.55
C GLN B 726 72.30 -17.36 2.39
N GLY B 727 72.77 -17.10 1.17
CA GLY B 727 71.91 -17.24 0.01
C GLY B 727 71.66 -15.97 -0.79
N LEU B 728 72.65 -15.08 -0.84
CA LEU B 728 72.51 -13.82 -1.59
C LEU B 728 73.24 -13.93 -2.93
N GLN B 729 72.76 -14.86 -3.75
CA GLN B 729 73.42 -15.12 -5.04
C GLN B 729 73.16 -13.99 -6.03
N GLY B 730 71.99 -13.36 -5.96
CA GLY B 730 71.77 -12.17 -6.74
C GLY B 730 72.76 -11.08 -6.37
N LEU B 731 73.18 -11.05 -5.11
CA LEU B 731 74.17 -10.07 -4.70
C LEU B 731 75.52 -10.35 -5.36
N LYS B 732 75.92 -11.63 -5.45
CA LYS B 732 77.13 -11.93 -6.21
C LYS B 732 76.98 -11.47 -7.65
N LEU B 733 75.84 -11.74 -8.26
CA LEU B 733 75.68 -11.36 -9.67
C LEU B 733 75.81 -9.85 -9.83
N PHE B 734 75.16 -9.08 -8.95
CA PHE B 734 75.19 -7.64 -9.05
C PHE B 734 76.59 -7.07 -8.78
N ILE B 735 77.26 -7.57 -7.74
CA ILE B 735 78.55 -7.00 -7.37
C ILE B 735 79.70 -7.52 -8.20
N ARG B 736 79.49 -8.58 -8.99
CA ARG B 736 80.56 -9.13 -9.82
C ARG B 736 80.40 -8.70 -11.28
N SER B 737 79.17 -8.57 -11.78
CA SER B 737 78.97 -8.34 -13.20
C SER B 737 78.32 -7.00 -13.53
N SER B 738 78.02 -6.18 -12.53
CA SER B 738 77.38 -4.89 -12.78
C SER B 738 78.22 -3.70 -12.32
N VAL B 739 78.64 -3.68 -11.06
CA VAL B 739 79.34 -2.51 -10.54
C VAL B 739 80.74 -2.39 -11.16
N HIS B 740 81.45 -3.51 -11.25
CA HIS B 740 82.78 -3.58 -11.87
C HIS B 740 83.83 -2.76 -11.12
N HIS B 741 83.44 -2.11 -10.02
CA HIS B 741 84.41 -1.39 -9.22
C HIS B 741 85.36 -2.36 -8.51
N SER B 742 84.82 -3.45 -7.98
CA SER B 742 85.59 -4.54 -7.40
C SER B 742 85.06 -5.82 -8.03
N SER B 743 85.59 -6.17 -9.21
CA SER B 743 85.10 -7.35 -9.92
C SER B 743 85.39 -8.63 -9.15
N ILE B 744 86.57 -8.73 -8.55
CA ILE B 744 86.90 -9.94 -7.78
C ILE B 744 86.05 -9.98 -6.52
N PRO B 745 85.64 -11.17 -6.06
CA PRO B 745 84.83 -11.30 -4.83
C PRO B 745 85.62 -10.90 -3.59
N ASN D 19 60.37 14.66 29.03
CA ASN D 19 61.20 14.13 27.94
C ASN D 19 60.72 14.66 26.59
N THR D 20 60.94 13.86 25.55
CA THR D 20 60.52 14.25 24.21
C THR D 20 59.00 14.35 24.09
N GLU D 21 58.25 13.56 24.86
CA GLU D 21 56.79 13.60 24.76
C GLU D 21 56.25 14.97 25.17
N GLU D 22 56.84 15.57 26.20
CA GLU D 22 56.39 16.90 26.62
C GLU D 22 56.64 17.94 25.54
N GLU D 23 57.81 17.87 24.89
CA GLU D 23 58.11 18.79 23.79
C GLU D 23 57.14 18.58 22.63
N LEU D 24 56.82 17.31 22.32
CA LEU D 24 55.86 17.03 21.27
C LEU D 24 54.48 17.58 21.60
N ILE D 25 54.07 17.45 22.86
CA ILE D 25 52.77 17.98 23.28
C ILE D 25 52.76 19.51 23.18
N ARG D 26 53.86 20.15 23.58
CA ARG D 26 53.95 21.60 23.49
C ARG D 26 53.88 22.06 22.03
N GLU D 27 54.57 21.35 21.14
CA GLU D 27 54.52 21.70 19.71
C GLU D 27 53.13 21.45 19.14
N CYS D 28 52.45 20.40 19.63
CA CYS D 28 51.08 20.15 19.20
C CYS D 28 50.15 21.28 19.64
N GLU D 29 50.32 21.77 20.86
CA GLU D 29 49.53 22.92 21.31
C GLU D 29 49.85 24.17 20.49
N GLU D 30 51.13 24.36 20.16
CA GLU D 30 51.51 25.52 19.34
C GLU D 30 50.87 25.44 17.95
N MET D 31 50.86 24.27 17.33
CA MET D 31 50.26 24.15 16.02
C MET D 31 48.74 24.21 16.10
N TRP D 32 48.17 23.81 17.25
CA TRP D 32 46.74 24.04 17.48
C TRP D 32 46.43 25.53 17.53
N LYS D 33 47.29 26.30 18.20
CA LYS D 33 47.12 27.75 18.22
C LYS D 33 47.24 28.34 16.83
N ASP D 34 48.22 27.87 16.05
CA ASP D 34 48.36 28.34 14.68
C ASP D 34 47.14 27.98 13.84
N MET D 35 46.59 26.79 14.06
CA MET D 35 45.38 26.37 13.36
C MET D 35 44.20 27.26 13.72
N GLU D 36 44.05 27.60 15.00
CA GLU D 36 42.99 28.51 15.40
C GLU D 36 43.17 29.89 14.77
N GLU D 37 44.42 30.37 14.71
CA GLU D 37 44.71 31.64 14.07
C GLU D 37 44.32 31.62 12.60
N CYS D 38 44.67 30.54 11.90
CA CYS D 38 44.31 30.43 10.49
C CYS D 38 42.79 30.35 10.32
N GLN D 39 42.12 29.64 11.22
CA GLN D 39 40.67 29.50 11.14
C GLN D 39 39.98 30.86 11.29
N ASN D 40 40.38 31.63 12.30
CA ASN D 40 39.77 32.95 12.47
C ASN D 40 40.24 33.95 11.42
N LYS D 41 41.38 33.70 10.79
CA LYS D 41 41.81 34.57 9.68
C LYS D 41 41.00 34.32 8.42
N LEU D 42 40.74 33.06 8.09
CA LEU D 42 40.04 32.71 6.85
C LEU D 42 38.54 32.97 6.93
N SER D 43 37.96 32.99 8.13
CA SER D 43 36.52 33.08 8.27
C SER D 43 35.94 34.41 7.81
N LEU D 44 36.77 35.43 7.61
CA LEU D 44 36.28 36.76 7.24
C LEU D 44 36.22 36.92 5.72
N ILE D 45 35.57 35.96 5.07
CA ILE D 45 35.36 35.98 3.63
C ILE D 45 33.94 35.49 3.35
N GLY D 46 33.23 36.17 2.45
CA GLY D 46 31.96 35.65 1.96
C GLY D 46 32.18 34.30 1.32
N THR D 47 31.42 33.29 1.74
CA THR D 47 31.79 31.91 1.44
C THR D 47 31.81 31.61 -0.05
N GLU D 48 30.63 31.57 -0.69
CA GLU D 48 30.52 31.31 -2.12
C GLU D 48 29.05 31.26 -2.55
N THR D 49 28.82 31.34 -3.86
CA THR D 49 27.51 31.03 -4.44
C THR D 49 27.65 30.76 -5.95
N LEU D 50 27.23 29.57 -6.37
CA LEU D 50 27.34 29.15 -7.76
C LEU D 50 26.04 28.53 -8.24
N THR D 51 25.72 28.76 -9.52
CA THR D 51 24.66 28.04 -10.20
C THR D 51 25.28 27.03 -11.17
N ASP D 52 24.42 26.36 -11.94
CA ASP D 52 24.89 25.33 -12.87
C ASP D 52 25.78 25.91 -13.96
N SER D 53 25.45 27.08 -14.48
CA SER D 53 26.12 27.59 -15.68
C SER D 53 27.58 27.93 -15.42
N ASN D 54 27.86 28.69 -14.36
CA ASN D 54 29.20 29.21 -14.10
C ASN D 54 29.97 28.39 -13.08
N ALA D 55 29.46 27.21 -12.72
CA ALA D 55 30.14 26.39 -11.71
C ALA D 55 31.51 25.92 -12.20
N GLN D 56 31.60 25.53 -13.48
CA GLN D 56 32.79 24.87 -13.97
C GLN D 56 34.00 25.78 -13.94
N LEU D 57 33.87 27.00 -14.49
CA LEU D 57 34.99 27.93 -14.52
C LEU D 57 35.41 28.32 -13.09
N SER D 58 34.43 28.54 -12.22
CA SER D 58 34.71 28.91 -10.85
C SER D 58 35.48 27.81 -10.13
N LEU D 59 35.05 26.55 -10.30
CA LEU D 59 35.73 25.45 -9.63
C LEU D 59 37.12 25.25 -10.19
N LEU D 60 37.29 25.44 -11.50
CA LEU D 60 38.63 25.35 -12.08
C LEU D 60 39.56 26.42 -11.52
N ILE D 61 39.06 27.65 -11.40
CA ILE D 61 39.87 28.73 -10.85
C ILE D 61 40.22 28.46 -9.39
N MET D 62 39.24 27.99 -8.61
CA MET D 62 39.50 27.69 -7.22
C MET D 62 40.52 26.57 -7.09
N GLN D 63 40.41 25.54 -7.94
CA GLN D 63 41.34 24.42 -7.89
C GLN D 63 42.75 24.85 -8.26
N VAL D 64 42.89 25.69 -9.28
CA VAL D 64 44.23 26.13 -9.68
C VAL D 64 44.83 27.04 -8.61
N LYS D 65 44.01 27.87 -7.98
CA LYS D 65 44.50 28.71 -6.88
C LYS D 65 44.98 27.85 -5.72
N CYS D 66 44.20 26.84 -5.34
CA CYS D 66 44.62 25.94 -4.27
C CYS D 66 45.88 25.18 -4.64
N LEU D 67 45.98 24.74 -5.88
CA LEU D 67 47.18 24.03 -6.33
C LEU D 67 48.42 24.92 -6.21
N THR D 68 48.32 26.17 -6.67
CA THR D 68 49.45 27.07 -6.55
C THR D 68 49.79 27.33 -5.09
N ALA D 69 48.77 27.50 -4.25
CA ALA D 69 49.01 27.78 -2.83
C ALA D 69 49.73 26.63 -2.15
N GLU D 70 49.26 25.40 -2.37
CA GLU D 70 49.90 24.26 -1.72
C GLU D 70 51.27 23.97 -2.32
N LEU D 71 51.46 24.24 -3.62
CA LEU D 71 52.77 24.11 -4.22
C LEU D 71 53.77 25.06 -3.56
N SER D 72 53.36 26.32 -3.37
CA SER D 72 54.22 27.27 -2.69
C SER D 72 54.48 26.85 -1.25
N GLN D 73 53.45 26.35 -0.56
CA GLN D 73 53.63 25.93 0.83
C GLN D 73 54.63 24.79 0.94
N TRP D 74 54.54 23.81 0.04
CA TRP D 74 55.46 22.68 0.08
C TRP D 74 56.86 23.11 -0.38
N GLN D 75 56.94 24.12 -1.25
CA GLN D 75 58.23 24.69 -1.59
C GLN D 75 58.89 25.33 -0.39
N LYS D 76 58.08 25.98 0.46
CA LYS D 76 58.63 26.56 1.69
C LYS D 76 59.20 25.49 2.60
N LYS D 77 58.53 24.36 2.72
CA LYS D 77 58.99 23.27 3.56
C LYS D 77 60.24 22.61 2.97
N LEU D 84 64.82 13.97 18.92
CA LEU D 84 64.24 12.76 19.50
C LEU D 84 65.22 12.07 20.43
N THR D 85 64.82 10.92 20.95
CA THR D 85 65.66 10.12 21.85
C THR D 85 65.88 8.73 21.25
N GLU D 86 66.81 7.98 21.84
CA GLU D 86 67.12 6.64 21.31
C GLU D 86 66.01 5.65 21.70
N ASP D 87 65.37 5.86 22.85
CA ASP D 87 64.38 4.88 23.31
C ASP D 87 63.20 4.78 22.33
N VAL D 88 62.71 5.91 21.84
CA VAL D 88 61.58 5.88 20.91
C VAL D 88 62.01 5.23 19.60
N LEU D 89 63.24 5.49 19.16
CA LEU D 89 63.76 4.85 17.96
C LEU D 89 63.83 3.34 18.12
N ILE D 90 64.31 2.88 19.28
CA ILE D 90 64.41 1.44 19.53
C ILE D 90 63.02 0.81 19.56
N THR D 91 62.07 1.46 20.23
CA THR D 91 60.72 0.90 20.29
C THR D 91 60.09 0.82 18.91
N LEU D 92 60.24 1.87 18.10
CA LEU D 92 59.68 1.84 16.75
C LEU D 92 60.35 0.77 15.90
N GLY D 93 61.67 0.60 16.07
CA GLY D 93 62.36 -0.46 15.34
C GLY D 93 61.87 -1.84 15.73
N LYS D 94 61.68 -2.08 17.02
CA LYS D 94 61.14 -3.36 17.46
C LYS D 94 59.76 -3.59 16.87
N GLU D 95 58.93 -2.54 16.85
CA GLU D 95 57.60 -2.65 16.26
C GLU D 95 57.69 -3.01 14.78
N GLU D 96 58.62 -2.41 14.04
CA GLU D 96 58.67 -2.65 12.60
C GLU D 96 59.23 -4.04 12.29
N PHE D 97 60.21 -4.51 13.08
CA PHE D 97 60.62 -5.91 12.92
C PHE D 97 59.48 -6.87 13.24
N GLN D 98 58.72 -6.58 14.30
CA GLN D 98 57.59 -7.46 14.61
C GLN D 98 56.58 -7.47 13.47
N LYS D 99 56.29 -6.30 12.90
CA LYS D 99 55.34 -6.22 11.79
C LYS D 99 55.85 -6.99 10.58
N LEU D 100 57.13 -6.85 10.24
CA LEU D 100 57.69 -7.56 9.10
C LEU D 100 57.63 -9.06 9.31
N ARG D 101 58.04 -9.52 10.50
CA ARG D 101 58.02 -10.95 10.78
C ARG D 101 56.59 -11.49 10.78
N GLN D 102 55.61 -10.65 11.15
CA GLN D 102 54.24 -11.13 11.25
C GLN D 102 53.47 -10.92 9.94
N ASP D 103 54.06 -10.28 8.95
CA ASP D 103 53.33 -10.19 7.68
C ASP D 103 54.04 -10.86 6.51
N LEU D 104 55.30 -11.30 6.67
CA LEU D 104 55.95 -11.99 5.56
C LEU D 104 55.30 -13.32 5.20
N GLU D 105 54.53 -13.92 6.11
CA GLU D 105 53.99 -15.25 5.82
C GLU D 105 53.00 -15.21 4.65
N MET D 106 52.24 -14.12 4.53
CA MET D 106 51.32 -14.01 3.39
C MET D 106 52.07 -13.97 2.07
N VAL D 107 53.12 -13.15 1.98
CA VAL D 107 53.84 -13.06 0.71
C VAL D 107 54.55 -14.38 0.41
N LEU D 108 55.06 -15.06 1.43
CA LEU D 108 55.63 -16.39 1.18
C LEU D 108 54.58 -17.35 0.64
N SER D 109 53.44 -17.46 1.32
CA SER D 109 52.40 -18.38 0.88
C SER D 109 51.96 -18.07 -0.55
N THR D 110 51.88 -16.78 -0.89
CA THR D 110 51.65 -16.42 -2.28
C THR D 110 52.76 -16.95 -3.17
N LYS D 111 54.00 -16.90 -2.68
CA LYS D 111 55.12 -17.36 -3.49
C LYS D 111 55.02 -18.85 -3.80
N GLU D 112 54.72 -19.68 -2.80
CA GLU D 112 54.49 -21.09 -3.12
C GLU D 112 53.32 -21.23 -4.07
N SER D 113 52.17 -20.66 -3.72
CA SER D 113 50.97 -20.83 -4.53
C SER D 113 51.25 -20.51 -6.00
N LYS D 114 51.96 -19.42 -6.27
CA LYS D 114 52.30 -19.09 -7.64
C LYS D 114 53.33 -20.07 -8.21
N ASN D 115 54.20 -20.62 -7.37
CA ASN D 115 55.15 -21.61 -7.86
C ASN D 115 54.44 -22.85 -8.42
N GLU D 116 53.55 -23.45 -7.63
CA GLU D 116 52.80 -24.59 -8.14
C GLU D 116 51.84 -24.19 -9.26
N LYS D 117 51.30 -22.96 -9.22
CA LYS D 117 50.44 -22.52 -10.32
C LYS D 117 51.23 -22.45 -11.62
N LEU D 118 52.43 -21.90 -11.58
CA LEU D 118 53.26 -21.82 -12.78
C LEU D 118 53.69 -23.20 -13.24
N LYS D 119 53.97 -24.12 -12.30
CA LYS D 119 54.31 -25.48 -12.69
C LYS D 119 53.15 -26.14 -13.42
N GLU D 120 51.93 -25.99 -12.89
CA GLU D 120 50.76 -26.56 -13.56
C GLU D 120 50.53 -25.94 -14.93
N ASP D 121 50.67 -24.61 -15.02
CA ASP D 121 50.48 -23.94 -16.30
C ASP D 121 51.53 -24.38 -17.31
N LEU D 122 52.78 -24.56 -16.86
CA LEU D 122 53.84 -25.04 -17.74
C LEU D 122 53.55 -26.45 -18.24
N GLU D 123 53.08 -27.33 -17.35
CA GLU D 123 52.72 -28.68 -17.77
C GLU D 123 51.61 -28.65 -18.80
N ARG D 124 50.59 -27.82 -18.57
CA ARG D 124 49.52 -27.66 -19.54
C ARG D 124 50.06 -27.13 -20.86
N GLU D 125 51.04 -26.23 -20.80
CA GLU D 125 51.62 -25.69 -22.01
C GLU D 125 52.35 -26.76 -22.81
N GLN D 126 53.11 -27.63 -22.13
CA GLN D 126 53.74 -28.73 -22.85
C GLN D 126 52.70 -29.69 -23.42
N ARG D 127 51.61 -29.92 -22.68
CA ARG D 127 50.54 -30.77 -23.22
C ARG D 127 49.98 -30.19 -24.51
N TRP D 128 49.65 -28.90 -24.51
CA TRP D 128 49.11 -28.26 -25.69
C TRP D 128 50.13 -28.26 -26.82
N LEU D 129 51.40 -28.00 -26.50
CA LEU D 129 52.45 -28.01 -27.51
C LEU D 129 52.57 -29.38 -28.16
N ASP D 130 52.56 -30.44 -27.35
CA ASP D 130 52.63 -31.78 -27.89
C ASP D 130 51.45 -32.07 -28.80
N GLU D 131 50.24 -31.76 -28.35
CA GLU D 131 49.06 -32.03 -29.17
C GLU D 131 49.13 -31.29 -30.51
N GLN D 132 49.42 -29.99 -30.47
CA GLN D 132 49.49 -29.24 -31.71
C GLN D 132 50.62 -29.73 -32.59
N GLN D 133 51.64 -30.37 -32.02
CA GLN D 133 52.68 -30.94 -32.87
C GLN D 133 52.11 -31.96 -33.85
N GLN D 134 51.57 -33.08 -33.34
CA GLN D 134 50.98 -34.06 -34.24
C GLN D 134 49.87 -33.45 -35.07
N ILE D 135 49.19 -32.42 -34.56
CA ILE D 135 48.27 -31.67 -35.41
C ILE D 135 49.00 -31.13 -36.63
N MET D 136 50.18 -30.56 -36.43
CA MET D 136 50.94 -29.97 -37.53
C MET D 136 51.42 -31.03 -38.51
N GLU D 137 51.99 -32.13 -38.02
CA GLU D 137 52.42 -33.16 -38.97
C GLU D 137 51.23 -33.75 -39.74
N SER D 138 50.09 -33.94 -39.07
CA SER D 138 48.92 -34.44 -39.78
C SER D 138 48.46 -33.47 -40.85
N LEU D 139 48.40 -32.18 -40.52
CA LEU D 139 47.99 -31.19 -41.50
C LEU D 139 48.96 -31.13 -42.68
N ASN D 140 50.27 -31.17 -42.39
CA ASN D 140 51.27 -31.10 -43.44
C ASN D 140 51.21 -32.31 -44.35
N VAL D 141 51.05 -33.51 -43.77
CA VAL D 141 51.01 -34.71 -44.59
C VAL D 141 49.73 -34.74 -45.41
N LEU D 142 48.61 -34.27 -44.86
CA LEU D 142 47.38 -34.19 -45.63
C LEU D 142 47.52 -33.20 -46.79
N HIS D 143 48.14 -32.05 -46.54
CA HIS D 143 48.36 -31.08 -47.60
C HIS D 143 49.25 -31.64 -48.69
N SER D 144 50.32 -32.34 -48.31
CA SER D 144 51.21 -32.94 -49.30
C SER D 144 50.50 -34.02 -50.10
N GLU D 145 49.67 -34.83 -49.43
CA GLU D 145 48.92 -35.88 -50.14
C GLU D 145 47.95 -35.27 -51.14
N LEU D 146 47.23 -34.21 -50.73
CA LEU D 146 46.32 -33.56 -51.66
C LEU D 146 47.07 -32.91 -52.82
N LYS D 147 48.23 -32.31 -52.54
CA LYS D 147 49.02 -31.70 -53.61
C LYS D 147 49.51 -32.75 -54.61
N ASN D 148 49.96 -33.90 -54.10
CA ASN D 148 50.44 -34.96 -54.99
C ASN D 148 49.30 -35.58 -55.79
N LYS D 149 48.13 -35.73 -55.16
CA LYS D 149 47.00 -36.35 -55.84
C LYS D 149 46.56 -35.53 -57.05
N VAL D 150 46.50 -34.21 -56.91
CA VAL D 150 46.09 -33.34 -58.00
C VAL D 150 47.24 -33.11 -58.95
N PRO E 26 37.76 -8.15 -40.10
CA PRO E 26 36.59 -8.07 -40.97
C PRO E 26 35.46 -7.24 -40.34
N LEU E 27 34.26 -7.81 -40.31
CA LEU E 27 33.13 -7.09 -39.70
C LEU E 27 33.32 -6.96 -38.19
N GLN E 28 34.01 -7.92 -37.58
CA GLN E 28 34.19 -7.92 -36.13
C GLN E 28 34.99 -6.70 -35.67
N LYS E 29 36.02 -6.30 -36.42
CA LYS E 29 36.88 -5.22 -35.97
C LYS E 29 36.14 -3.88 -35.93
N ARG E 30 35.46 -3.54 -37.04
CA ARG E 30 34.70 -2.27 -37.13
C ARG E 30 33.50 -2.33 -36.18
N LEU E 31 32.94 -3.52 -35.95
CA LEU E 31 31.88 -3.67 -34.96
C LEU E 31 32.39 -3.37 -33.55
N GLU E 32 33.58 -3.88 -33.22
CA GLU E 32 34.22 -3.52 -31.97
C GLU E 32 34.41 -2.01 -31.86
N SER E 33 34.89 -1.38 -32.94
CA SER E 33 35.10 0.06 -32.90
C SER E 33 33.79 0.82 -32.70
N VAL E 34 32.72 0.39 -33.36
CA VAL E 34 31.46 1.14 -33.27
C VAL E 34 30.83 0.98 -31.90
N ARG E 35 30.97 -0.19 -31.27
CA ARG E 35 30.44 -0.27 -29.90
C ARG E 35 31.41 0.32 -28.89
N LYS E 36 32.67 0.51 -29.27
CA LYS E 36 33.57 1.31 -28.44
C LYS E 36 33.17 2.77 -28.45
N GLN E 37 32.77 3.28 -29.62
CA GLN E 37 32.28 4.64 -29.72
C GLN E 37 30.93 4.82 -29.02
N SER E 38 30.22 3.73 -28.74
CA SER E 38 28.90 3.78 -28.12
C SER E 38 29.06 4.00 -26.62
N SER E 39 29.03 5.28 -26.23
CA SER E 39 29.11 5.67 -24.84
C SER E 39 27.94 6.60 -24.51
N PHE E 40 27.57 6.64 -23.23
CA PHE E 40 26.46 7.45 -22.77
C PHE E 40 26.90 8.90 -22.58
N ILE E 41 27.45 9.46 -23.65
CA ILE E 41 27.91 10.84 -23.65
C ILE E 41 27.17 11.73 -24.62
N LEU E 42 26.68 11.20 -25.74
CA LEU E 42 25.99 11.99 -26.75
C LEU E 42 24.60 12.36 -26.26
N THR E 43 24.11 13.52 -26.70
CA THR E 43 22.78 13.97 -26.33
C THR E 43 21.73 13.08 -27.00
N PRO E 44 20.57 12.87 -26.36
CA PRO E 44 19.50 12.11 -27.01
C PRO E 44 18.93 12.90 -28.18
N PRO E 45 19.00 12.34 -29.39
CA PRO E 45 18.50 13.07 -30.57
C PRO E 45 16.99 13.21 -30.54
N ARG E 46 16.52 14.31 -31.14
CA ARG E 46 15.10 14.53 -31.27
C ARG E 46 14.51 13.53 -32.26
N ARG E 47 13.22 13.25 -32.09
CA ARG E 47 12.53 12.25 -32.89
C ARG E 47 11.39 12.91 -33.65
N LYS E 48 11.23 12.49 -34.92
CA LYS E 48 10.19 13.03 -35.76
C LYS E 48 8.84 12.40 -35.43
N ILE E 49 7.84 13.25 -35.21
CA ILE E 49 6.51 12.75 -34.86
C ILE E 49 5.91 12.01 -36.05
N PRO E 50 5.44 10.78 -35.87
CA PRO E 50 4.79 10.07 -36.97
C PRO E 50 3.52 10.78 -37.42
N GLN E 51 3.24 10.68 -38.71
CA GLN E 51 2.07 11.31 -39.31
C GLN E 51 1.02 10.25 -39.62
N CYS E 52 -0.20 10.68 -39.87
CA CYS E 52 -1.28 9.76 -40.21
C CYS E 52 -0.96 9.07 -41.53
N SER E 53 -0.65 7.77 -41.46
CA SER E 53 -0.28 6.99 -42.63
C SER E 53 -1.20 5.80 -42.75
N GLN E 54 -1.90 5.70 -43.87
CA GLN E 54 -2.80 4.58 -44.10
C GLN E 54 -1.99 3.30 -44.33
N LEU E 55 -2.66 2.16 -44.15
CA LEU E 55 -2.00 0.88 -44.35
C LEU E 55 -1.54 0.74 -45.79
N GLN E 56 -0.37 0.12 -45.96
CA GLN E 56 0.22 0.00 -47.30
C GLN E 56 -0.57 -0.99 -48.15
N GLU E 57 -0.36 -0.90 -49.47
CA GLU E 57 -1.11 -1.73 -50.40
C GLU E 57 -0.82 -3.21 -50.19
N ASP E 58 0.44 -3.59 -49.99
CA ASP E 58 0.78 -4.98 -49.75
C ASP E 58 0.29 -5.45 -48.39
N VAL E 59 -0.01 -4.51 -47.48
CA VAL E 59 -0.50 -4.88 -46.17
C VAL E 59 -1.93 -5.36 -46.26
N ASP E 60 -2.18 -6.58 -45.81
CA ASP E 60 -3.53 -7.12 -45.83
C ASP E 60 -4.29 -6.61 -44.62
N PRO E 61 -5.44 -5.94 -44.80
CA PRO E 61 -6.18 -5.43 -43.64
C PRO E 61 -6.62 -6.52 -42.68
N GLN E 62 -6.98 -7.71 -43.17
CA GLN E 62 -7.44 -8.77 -42.29
C GLN E 62 -6.30 -9.27 -41.40
N LYS E 63 -5.10 -9.43 -41.96
CA LYS E 63 -3.98 -9.93 -41.18
C LYS E 63 -3.63 -8.97 -40.05
N VAL E 64 -3.53 -7.68 -40.34
CA VAL E 64 -3.20 -6.72 -39.29
C VAL E 64 -4.36 -6.60 -38.30
N ALA E 65 -5.60 -6.65 -38.80
CA ALA E 65 -6.75 -6.63 -37.90
C ALA E 65 -6.69 -7.77 -36.91
N PHE E 66 -6.27 -8.96 -37.36
CA PHE E 66 -5.96 -10.04 -36.43
C PHE E 66 -4.81 -9.66 -35.51
N LEU E 67 -3.77 -9.03 -36.06
CA LEU E 67 -2.63 -8.62 -35.25
C LEU E 67 -3.00 -7.50 -34.28
N LEU E 68 -3.67 -6.46 -34.77
CA LEU E 68 -4.07 -5.36 -33.90
C LEU E 68 -5.16 -5.82 -32.94
N HIS E 69 -5.39 -5.01 -31.92
CA HIS E 69 -6.35 -5.31 -30.86
C HIS E 69 -6.03 -6.65 -30.20
N LYS E 70 -4.75 -6.90 -29.99
CA LYS E 70 -4.27 -8.11 -29.31
C LYS E 70 -3.06 -7.75 -28.46
N GLN E 71 -2.79 -8.61 -27.49
CA GLN E 71 -1.69 -8.40 -26.54
C GLN E 71 -0.46 -9.15 -27.06
N TRP E 72 0.69 -8.49 -27.01
CA TRP E 72 1.94 -9.07 -27.50
C TRP E 72 3.05 -8.92 -26.46
N THR E 73 3.85 -9.98 -26.36
CA THR E 73 5.03 -9.99 -25.51
C THR E 73 6.28 -9.83 -26.36
N LEU E 74 7.19 -8.96 -25.90
CA LEU E 74 8.35 -8.54 -26.65
C LEU E 74 9.53 -9.47 -26.42
N TYR E 75 10.31 -9.69 -27.48
CA TYR E 75 11.53 -10.47 -27.38
C TYR E 75 12.56 -9.93 -28.36
N SER E 76 13.79 -9.78 -27.89
CA SER E 76 14.91 -9.35 -28.70
C SER E 76 15.68 -10.56 -29.20
N LEU E 77 16.14 -10.50 -30.44
CA LEU E 77 16.71 -11.66 -31.11
C LEU E 77 18.01 -11.29 -31.82
N THR E 78 19.01 -12.16 -31.71
CA THR E 78 20.20 -12.05 -32.52
C THR E 78 19.89 -12.46 -33.95
N PRO E 79 20.64 -11.94 -34.93
CA PRO E 79 20.29 -12.20 -36.33
C PRO E 79 20.25 -13.69 -36.66
N LEU E 80 19.28 -14.08 -37.48
CA LEU E 80 19.11 -15.45 -37.89
C LEU E 80 20.32 -15.92 -38.69
N TYR E 81 20.67 -17.19 -38.52
CA TYR E 81 21.75 -17.80 -39.29
C TYR E 81 21.15 -18.72 -40.33
N LYS E 82 21.39 -18.41 -41.61
CA LYS E 82 20.95 -19.23 -42.74
C LYS E 82 19.44 -19.45 -42.69
N PHE E 83 18.70 -18.35 -42.78
CA PHE E 83 17.25 -18.37 -42.80
C PHE E 83 16.77 -18.08 -44.21
N SER E 84 15.93 -18.97 -44.74
CA SER E 84 15.38 -18.84 -46.08
C SER E 84 13.86 -18.74 -45.99
N TYR E 85 13.29 -17.83 -46.79
CA TYR E 85 11.85 -17.64 -46.78
C TYR E 85 11.12 -18.66 -47.66
N SER E 86 11.86 -19.50 -48.38
CA SER E 86 11.22 -20.42 -49.32
C SER E 86 10.78 -21.70 -48.65
N ASN E 87 11.64 -22.28 -47.82
CA ASN E 87 11.38 -23.59 -47.21
C ASN E 87 10.56 -23.44 -45.92
N LEU E 88 9.45 -22.72 -46.05
CA LEU E 88 8.58 -22.50 -44.89
C LEU E 88 7.88 -23.78 -44.46
N LYS E 89 7.49 -24.62 -45.42
CA LYS E 89 6.84 -25.88 -45.09
C LYS E 89 7.79 -26.79 -44.32
N GLU E 90 9.06 -26.78 -44.67
CA GLU E 90 10.05 -27.56 -43.92
C GLU E 90 10.12 -27.09 -42.47
N TYR E 91 10.13 -25.77 -42.27
CA TYR E 91 10.13 -25.26 -40.90
C TYR E 91 8.87 -25.67 -40.16
N SER E 92 7.71 -25.60 -40.83
CA SER E 92 6.46 -25.96 -40.17
C SER E 92 6.47 -27.42 -39.74
N ARG E 93 6.92 -28.31 -40.62
CA ARG E 93 6.94 -29.72 -40.27
C ARG E 93 7.99 -30.01 -39.19
N LEU E 94 9.11 -29.29 -39.22
CA LEU E 94 10.11 -29.48 -38.17
C LEU E 94 9.58 -29.05 -36.80
N LEU E 95 8.89 -27.91 -36.74
CA LEU E 95 8.26 -27.49 -35.49
C LEU E 95 7.20 -28.48 -35.05
N ASN E 96 6.41 -29.01 -35.98
CA ASN E 96 5.40 -30.00 -35.62
C ASN E 96 6.06 -31.26 -35.04
N ALA E 97 7.15 -31.70 -35.66
CA ALA E 97 7.87 -32.87 -35.16
C ALA E 97 8.44 -32.61 -33.77
N PHE E 98 9.01 -31.42 -33.55
CA PHE E 98 9.53 -31.08 -32.23
C PHE E 98 8.42 -31.07 -31.19
N ILE E 99 7.26 -30.52 -31.55
CA ILE E 99 6.15 -30.44 -30.60
C ILE E 99 5.65 -31.84 -30.24
N VAL E 100 5.48 -32.71 -31.24
CA VAL E 100 5.00 -34.06 -30.96
C VAL E 100 6.05 -34.86 -30.20
N ALA E 101 7.33 -34.55 -30.41
CA ALA E 101 8.37 -35.16 -29.60
C ALA E 101 8.29 -34.70 -28.16
N GLU E 102 7.99 -33.42 -27.94
CA GLU E 102 7.80 -32.92 -26.58
C GLU E 102 6.62 -33.62 -25.90
N LYS E 103 5.54 -33.83 -26.64
CA LYS E 103 4.36 -34.50 -26.09
C LYS E 103 4.62 -36.00 -25.89
N ASN E 116 -3.45 -33.17 -32.22
CA ASN E 116 -4.57 -32.51 -32.88
C ASN E 116 -4.28 -31.02 -33.07
N ILE E 117 -3.02 -30.70 -33.34
CA ILE E 117 -2.59 -29.33 -33.58
C ILE E 117 -1.72 -29.29 -34.83
N LYS E 118 -1.61 -28.10 -35.40
CA LYS E 118 -0.87 -27.88 -36.63
C LYS E 118 -0.15 -26.54 -36.55
N VAL E 119 0.95 -26.43 -37.29
CA VAL E 119 1.77 -25.24 -37.32
C VAL E 119 1.74 -24.66 -38.73
N ILE E 120 1.42 -23.38 -38.84
CA ILE E 120 1.25 -22.72 -40.14
C ILE E 120 2.24 -21.56 -40.23
N PHE E 121 2.98 -21.50 -41.33
CA PHE E 121 3.88 -20.40 -41.62
C PHE E 121 3.30 -19.53 -42.73
N SER E 122 3.32 -18.22 -42.51
CA SER E 122 2.81 -17.28 -43.50
C SER E 122 3.82 -16.15 -43.67
N THR E 123 3.79 -15.53 -44.85
CA THR E 123 4.68 -14.42 -45.18
C THR E 123 3.86 -13.14 -45.28
N LEU E 124 4.26 -12.11 -44.53
CA LEU E 124 3.48 -10.88 -44.40
C LEU E 124 4.25 -9.74 -45.06
N LEU E 125 3.60 -9.05 -45.99
CA LEU E 125 4.23 -7.99 -46.76
C LEU E 125 3.83 -6.61 -46.25
N GLY E 126 4.72 -5.64 -46.46
CA GLY E 126 4.38 -4.25 -46.28
C GLY E 126 4.73 -3.64 -44.94
N MET E 127 5.26 -4.40 -44.00
CA MET E 127 5.62 -3.87 -42.68
C MET E 127 7.12 -3.83 -42.44
N LYS E 128 7.92 -3.67 -43.50
CA LYS E 128 9.34 -3.41 -43.33
C LYS E 128 9.61 -1.91 -43.46
N GLY E 129 10.44 -1.40 -42.56
CA GLY E 129 10.72 0.03 -42.57
C GLY E 129 11.39 0.49 -43.85
N THR E 130 12.40 -0.25 -44.29
CA THR E 130 13.12 0.03 -45.52
C THR E 130 13.27 -1.26 -46.33
N GLN E 131 13.80 -1.11 -47.54
CA GLN E 131 14.09 -2.29 -48.36
C GLN E 131 15.21 -3.13 -47.74
N ARG E 132 16.09 -2.49 -46.97
CA ARG E 132 17.13 -3.23 -46.26
C ARG E 132 16.54 -4.18 -45.23
N ASP E 133 15.50 -3.76 -44.53
CA ASP E 133 14.87 -4.61 -43.54
C ASP E 133 14.27 -5.85 -44.22
N PRO E 134 14.55 -7.04 -43.70
CA PRO E 134 14.07 -8.26 -44.35
C PRO E 134 12.56 -8.41 -44.22
N GLU E 135 12.03 -9.32 -45.05
CA GLU E 135 10.61 -9.60 -45.08
C GLU E 135 10.16 -10.20 -43.75
N ALA E 136 8.93 -9.85 -43.34
CA ALA E 136 8.37 -10.32 -42.08
C ALA E 136 7.46 -11.51 -42.32
N PHE E 137 7.28 -12.31 -41.28
CA PHE E 137 6.49 -13.54 -41.41
C PHE E 137 5.84 -13.86 -40.07
N LEU E 138 4.82 -14.72 -40.14
CA LEU E 138 4.02 -15.11 -38.99
C LEU E 138 4.05 -16.63 -38.84
N VAL E 139 4.01 -17.09 -37.60
CA VAL E 139 3.88 -18.51 -37.29
C VAL E 139 2.67 -18.67 -36.37
N GLN E 140 1.82 -19.65 -36.68
CA GLN E 140 0.56 -19.82 -35.97
C GLN E 140 0.40 -21.29 -35.56
N ILE E 141 -0.24 -21.49 -34.41
CA ILE E 141 -0.60 -22.82 -33.93
C ILE E 141 -2.12 -22.91 -33.97
N VAL E 142 -2.64 -23.87 -34.75
CA VAL E 142 -4.07 -24.03 -34.94
C VAL E 142 -4.47 -25.42 -34.45
N SER E 143 -5.45 -25.48 -33.55
CA SER E 143 -5.96 -26.73 -33.02
C SER E 143 -7.09 -27.23 -33.92
N LYS E 144 -6.83 -28.30 -34.66
CA LYS E 144 -7.82 -28.86 -35.57
C LYS E 144 -8.88 -29.65 -34.81
N LYS E 155 -8.99 -22.58 -34.67
CA LYS E 155 -8.82 -21.82 -33.43
C LYS E 155 -7.34 -21.64 -33.12
N VAL E 156 -6.81 -20.46 -33.46
CA VAL E 156 -5.39 -20.20 -33.24
C VAL E 156 -5.13 -19.95 -31.76
N LEU E 157 -4.12 -20.64 -31.22
CA LEU E 157 -3.78 -20.51 -29.81
C LEU E 157 -2.46 -19.81 -29.56
N TRP E 158 -1.50 -19.88 -30.47
CA TRP E 158 -0.20 -19.27 -30.23
C TRP E 158 0.30 -18.66 -31.53
N THR E 159 0.70 -17.39 -31.47
CA THR E 159 1.14 -16.63 -32.63
C THR E 159 2.51 -16.03 -32.35
N GLY E 160 3.38 -16.09 -33.35
CA GLY E 160 4.70 -15.51 -33.26
C GLY E 160 5.01 -14.67 -34.48
N TRP E 161 5.54 -13.47 -34.24
CA TRP E 161 5.82 -12.50 -35.29
C TRP E 161 7.29 -12.13 -35.23
N PHE E 162 7.98 -12.24 -36.36
CA PHE E 162 9.38 -11.86 -36.49
C PHE E 162 9.47 -10.69 -37.45
N CYS E 163 10.08 -9.59 -37.02
CA CYS E 163 10.09 -8.37 -37.81
C CYS E 163 11.23 -7.45 -37.40
N CYS E 164 11.45 -6.44 -38.24
CA CYS E 164 12.45 -5.41 -38.03
C CYS E 164 12.08 -4.21 -38.89
N VAL E 165 11.90 -3.05 -38.27
CA VAL E 165 11.46 -1.84 -38.97
C VAL E 165 12.47 -0.73 -38.70
N PHE E 166 13.01 -0.16 -39.78
CA PHE E 166 14.01 0.91 -39.70
C PHE E 166 15.26 0.47 -38.95
N GLY E 167 15.44 -0.84 -38.80
CA GLY E 167 16.61 -1.35 -38.11
C GLY E 167 17.73 -1.65 -39.09
N ASP E 168 18.66 -0.71 -39.24
CA ASP E 168 19.75 -0.85 -40.19
C ASP E 168 21.11 -0.94 -39.55
N SER E 169 21.29 -0.44 -38.32
CA SER E 169 22.59 -0.53 -37.67
C SER E 169 23.01 -1.97 -37.49
N LEU E 170 22.08 -2.84 -37.08
CA LEU E 170 22.36 -4.28 -37.07
C LEU E 170 22.58 -4.79 -38.50
N LEU E 171 21.77 -4.31 -39.45
CA LEU E 171 21.94 -4.73 -40.83
C LEU E 171 23.23 -4.17 -41.42
N GLU E 172 23.77 -3.10 -40.84
CA GLU E 172 25.01 -2.47 -41.39
C GLU E 172 26.22 -3.23 -40.84
N THR E 173 26.04 -3.96 -39.73
CA THR E 173 27.14 -4.70 -39.12
C THR E 173 26.99 -6.22 -39.27
N VAL E 174 26.30 -6.68 -40.31
CA VAL E 174 26.02 -8.11 -40.46
C VAL E 174 26.54 -8.55 -41.83
N SER E 175 26.86 -9.84 -41.93
CA SER E 175 27.30 -10.43 -43.18
C SER E 175 26.08 -10.81 -44.02
N GLU E 176 26.32 -11.39 -45.19
CA GLU E 176 25.24 -11.71 -46.13
C GLU E 176 24.45 -12.94 -45.71
N ASP E 177 25.07 -13.87 -45.00
CA ASP E 177 24.39 -15.12 -44.65
C ASP E 177 23.22 -14.88 -43.71
N PHE E 178 23.37 -13.94 -42.79
CA PHE E 178 22.39 -13.79 -41.72
C PHE E 178 21.16 -13.01 -42.17
N THR E 179 20.05 -13.24 -41.47
CA THR E 179 18.81 -12.49 -41.65
C THR E 179 18.52 -11.76 -40.34
N CYS E 180 18.30 -10.45 -40.44
CA CYS E 180 18.17 -9.59 -39.26
C CYS E 180 16.70 -9.23 -39.05
N LEU E 181 16.02 -10.01 -38.20
CA LEU E 181 14.69 -9.68 -37.72
C LEU E 181 14.73 -9.78 -36.20
N PRO E 182 15.36 -8.83 -35.53
CA PRO E 182 15.56 -8.92 -34.07
C PRO E 182 14.31 -8.69 -33.23
N LEU E 183 13.14 -8.46 -33.83
CA LEU E 183 11.94 -8.18 -33.06
C LEU E 183 11.03 -9.38 -33.10
N PHE E 184 10.63 -9.88 -31.93
CA PHE E 184 9.72 -11.01 -31.85
C PHE E 184 8.54 -10.64 -30.97
N LEU E 185 7.34 -10.90 -31.45
CA LEU E 185 6.11 -10.69 -30.71
C LEU E 185 5.42 -12.02 -30.50
N ALA E 186 5.11 -12.34 -29.24
CA ALA E 186 4.49 -13.61 -28.90
C ALA E 186 3.10 -13.35 -28.34
N ASN E 187 2.15 -14.21 -28.69
CA ASN E 187 0.79 -14.13 -28.16
C ASN E 187 0.23 -15.54 -28.01
N GLY E 188 0.15 -16.02 -26.78
CA GLY E 188 -0.37 -17.33 -26.51
C GLY E 188 0.16 -17.86 -25.20
N ALA E 189 0.06 -19.18 -25.04
CA ALA E 189 0.53 -19.82 -23.82
C ALA E 189 2.05 -19.72 -23.70
N GLU E 190 2.52 -19.57 -22.46
CA GLU E 190 3.93 -19.45 -22.21
C GLU E 190 4.68 -20.74 -22.52
N SER E 191 4.04 -21.89 -22.31
CA SER E 191 4.68 -23.17 -22.61
C SER E 191 4.99 -23.29 -24.09
N ASN E 192 4.04 -22.90 -24.95
CA ASN E 192 4.28 -22.91 -26.38
C ASN E 192 5.42 -21.97 -26.75
N THR E 193 5.45 -20.78 -26.13
CA THR E 193 6.52 -19.84 -26.40
C THR E 193 7.88 -20.42 -26.02
N ALA E 194 7.95 -21.10 -24.86
CA ALA E 194 9.20 -21.72 -24.44
C ALA E 194 9.61 -22.83 -25.40
N ILE E 195 8.65 -23.63 -25.87
CA ILE E 195 8.98 -24.71 -26.81
C ILE E 195 9.51 -24.13 -28.11
N ILE E 196 8.85 -23.10 -28.65
CA ILE E 196 9.29 -22.49 -29.88
C ILE E 196 10.67 -21.87 -29.70
N GLY E 197 10.90 -21.23 -28.56
CA GLY E 197 12.21 -20.68 -28.28
C GLY E 197 13.29 -21.73 -28.21
N THR E 198 12.98 -22.87 -27.60
CA THR E 198 13.94 -23.97 -27.56
C THR E 198 14.26 -24.47 -28.96
N TRP E 199 13.23 -24.62 -29.80
CA TRP E 199 13.48 -25.06 -31.17
C TRP E 199 14.35 -24.06 -31.91
N PHE E 200 14.08 -22.77 -31.75
CA PHE E 200 14.85 -21.75 -32.46
C PHE E 200 16.29 -21.70 -31.95
N GLN E 201 16.48 -21.87 -30.65
CA GLN E 201 17.83 -21.94 -30.09
C GLN E 201 18.60 -23.11 -30.67
N LYS E 202 17.96 -24.28 -30.76
CA LYS E 202 18.63 -25.44 -31.32
C LYS E 202 18.92 -25.26 -32.81
N THR E 203 18.00 -24.63 -33.53
CA THR E 203 18.10 -24.56 -34.99
C THR E 203 19.03 -23.43 -35.46
N PHE E 204 18.70 -22.19 -35.14
CA PHE E 204 19.35 -21.03 -35.73
C PHE E 204 20.43 -20.42 -34.86
N ASP E 205 20.75 -21.03 -33.71
CA ASP E 205 21.83 -20.58 -32.84
C ASP E 205 21.61 -19.13 -32.41
N CYS E 206 20.54 -18.94 -31.66
CA CYS E 206 20.12 -17.61 -31.22
C CYS E 206 19.29 -17.77 -29.95
N TYR E 207 19.07 -16.67 -29.24
CA TYR E 207 18.12 -16.63 -28.14
C TYR E 207 17.16 -15.47 -28.28
N PHE E 208 16.00 -15.61 -27.63
CA PHE E 208 15.10 -14.51 -27.34
C PHE E 208 15.42 -13.98 -25.95
N SER E 209 15.56 -12.67 -25.83
CA SER E 209 15.74 -12.06 -24.52
C SER E 209 14.51 -11.20 -24.22
N PRO E 210 13.90 -11.37 -23.04
CA PRO E 210 12.72 -10.55 -22.70
C PRO E 210 13.11 -9.09 -22.63
N LEU E 211 12.65 -8.32 -23.60
CA LEU E 211 12.98 -6.91 -23.68
C LEU E 211 12.25 -6.14 -22.59
N ALA E 212 12.98 -5.24 -21.93
CA ALA E 212 12.45 -4.46 -20.84
C ALA E 212 12.44 -2.99 -21.24
N ILE E 213 11.47 -2.25 -20.70
CA ILE E 213 11.32 -0.82 -20.97
C ILE E 213 11.36 -0.09 -19.65
N ASN E 214 12.24 0.91 -19.55
CA ASN E 214 12.38 1.68 -18.33
C ASN E 214 11.39 2.85 -18.32
N ALA E 215 11.44 3.65 -17.25
CA ALA E 215 10.52 4.78 -17.13
C ALA E 215 10.85 5.88 -18.13
N PHE E 216 12.15 6.11 -18.40
CA PHE E 216 12.54 7.12 -19.36
C PHE E 216 11.99 6.81 -20.74
N ASN E 217 12.23 5.60 -21.22
CA ASN E 217 11.74 5.20 -22.54
C ASN E 217 10.22 5.22 -22.59
N LEU E 218 9.56 4.76 -21.53
CA LEU E 218 8.11 4.72 -21.53
C LEU E 218 7.52 6.13 -21.55
N SER E 219 8.12 7.06 -20.81
CA SER E 219 7.65 8.44 -20.86
C SER E 219 7.88 9.04 -22.24
N TRP E 220 9.05 8.78 -22.84
CA TRP E 220 9.31 9.26 -24.19
C TRP E 220 8.28 8.74 -25.17
N MET E 221 7.97 7.45 -25.12
CA MET E 221 7.00 6.90 -26.07
C MET E 221 5.59 7.41 -25.77
N ALA E 222 5.28 7.63 -24.50
CA ALA E 222 4.01 8.25 -24.14
C ALA E 222 3.85 9.60 -24.82
N ALA E 223 4.89 10.44 -24.69
CA ALA E 223 4.87 11.73 -25.39
C ALA E 223 4.78 11.54 -26.89
N MET E 224 5.43 10.48 -27.40
CA MET E 224 5.45 10.24 -28.84
C MET E 224 4.05 9.95 -29.36
N TRP E 225 3.29 9.09 -28.69
CA TRP E 225 1.94 8.84 -29.21
C TRP E 225 0.96 9.94 -28.84
N THR E 226 1.18 10.66 -27.73
CA THR E 226 0.28 11.78 -27.46
C THR E 226 0.53 12.93 -28.43
N ALA E 227 1.70 12.91 -29.10
CA ALA E 227 1.93 13.83 -30.20
C ALA E 227 1.18 13.42 -31.44
N CYS E 228 0.92 12.13 -31.61
CA CYS E 228 0.21 11.64 -32.79
C CYS E 228 -1.22 12.15 -32.79
N LYS E 229 -1.71 12.47 -33.98
CA LYS E 229 -3.06 13.01 -34.14
C LYS E 229 -4.02 11.86 -34.45
N MET E 230 -5.05 11.72 -33.62
CA MET E 230 -6.07 10.69 -33.79
C MET E 230 -7.40 11.36 -34.10
N ASP E 231 -8.00 10.99 -35.23
CA ASP E 231 -9.29 11.57 -35.61
C ASP E 231 -10.38 11.15 -34.63
N HIS E 232 -10.36 9.89 -34.20
CA HIS E 232 -11.39 9.33 -33.33
C HIS E 232 -10.75 9.00 -31.98
N TYR E 233 -10.96 9.89 -31.00
CA TYR E 233 -10.48 9.63 -29.65
C TYR E 233 -11.36 8.55 -29.00
N VAL E 234 -10.95 7.30 -29.14
CA VAL E 234 -11.74 6.17 -28.67
C VAL E 234 -11.21 5.59 -27.36
N ALA E 235 -10.13 6.14 -26.81
CA ALA E 235 -9.57 5.63 -25.56
C ALA E 235 -8.84 6.76 -24.86
N THR E 236 -9.31 7.13 -23.67
CA THR E 236 -8.63 8.17 -22.90
C THR E 236 -7.25 7.69 -22.49
N THR E 237 -6.29 8.60 -22.48
CA THR E 237 -4.94 8.25 -22.06
C THR E 237 -4.94 7.88 -20.58
N GLU E 238 -4.06 6.95 -20.22
CA GLU E 238 -4.02 6.44 -18.86
C GLU E 238 -2.61 5.97 -18.53
N PHE E 239 -2.13 6.37 -17.35
CA PHE E 239 -0.82 6.02 -16.86
C PHE E 239 -0.97 5.18 -15.60
N LEU E 240 -0.03 4.27 -15.37
CA LEU E 240 -0.07 3.40 -14.21
C LEU E 240 1.27 3.45 -13.50
N TRP E 241 1.25 3.51 -12.17
CA TRP E 241 2.46 3.59 -11.36
C TRP E 241 2.47 2.48 -10.33
N SER E 242 3.64 2.32 -9.68
CA SER E 242 3.80 1.30 -8.65
C SER E 242 4.82 1.80 -7.63
N VAL E 243 4.38 1.99 -6.40
CA VAL E 243 5.31 2.40 -5.34
C VAL E 243 6.23 1.24 -5.00
N PRO E 244 7.54 1.45 -4.88
CA PRO E 244 8.43 0.34 -4.53
C PRO E 244 8.33 -0.06 -3.07
N CYS E 245 7.81 -1.25 -2.82
CA CYS E 245 7.63 -1.75 -1.47
C CYS E 245 7.54 -3.27 -1.54
N SER E 246 8.20 -3.93 -0.59
CA SER E 246 8.23 -5.39 -0.59
C SER E 246 6.83 -5.99 -0.47
N PRO E 247 5.98 -5.57 0.48
CA PRO E 247 4.57 -5.95 0.38
C PRO E 247 3.89 -5.14 -0.73
N GLN E 248 2.91 -5.78 -1.37
CA GLN E 248 2.20 -5.11 -2.45
C GLN E 248 1.44 -3.91 -1.89
N SER E 249 1.61 -2.77 -2.55
CA SER E 249 1.10 -1.50 -2.06
C SER E 249 0.27 -0.82 -3.15
N LEU E 250 -0.07 0.44 -2.89
CA LEU E 250 -0.93 1.19 -3.79
C LEU E 250 -0.32 1.31 -5.17
N ASP E 251 -1.17 1.22 -6.20
CA ASP E 251 -0.76 1.36 -7.59
C ASP E 251 -1.63 2.47 -8.20
N ILE E 252 -1.04 3.65 -8.34
CA ILE E 252 -1.80 4.80 -8.81
C ILE E 252 -2.05 4.70 -10.31
N SER E 253 -3.31 4.89 -10.70
CA SER E 253 -3.68 4.97 -12.11
C SER E 253 -4.25 6.36 -12.36
N PHE E 254 -3.68 7.07 -13.33
CA PHE E 254 -3.99 8.47 -13.59
C PHE E 254 -4.50 8.59 -15.02
N ALA E 255 -5.71 9.09 -15.19
CA ALA E 255 -6.34 9.16 -16.51
C ALA E 255 -6.67 10.60 -16.85
N ILE E 256 -6.47 10.96 -18.12
CA ILE E 256 -6.73 12.30 -18.61
C ILE E 256 -7.63 12.21 -19.84
N HIS E 257 -8.62 13.10 -19.89
CA HIS E 257 -9.51 13.15 -21.04
C HIS E 257 -8.70 13.49 -22.29
N PRO E 258 -8.99 12.84 -23.43
CA PRO E 258 -8.14 13.07 -24.62
C PRO E 258 -8.08 14.51 -25.06
N GLU E 259 -9.18 15.26 -24.96
CA GLU E 259 -9.15 16.66 -25.31
C GLU E 259 -8.23 17.46 -24.39
N ASP E 260 -8.34 17.24 -23.08
CA ASP E 260 -7.46 17.92 -22.13
C ASP E 260 -6.01 17.55 -22.36
N ALA E 261 -5.75 16.26 -22.62
CA ALA E 261 -4.38 15.81 -22.88
C ALA E 261 -3.82 16.47 -24.13
N LYS E 262 -4.60 16.53 -25.21
CA LYS E 262 -4.12 17.14 -26.44
C LYS E 262 -3.88 18.63 -26.24
N ALA E 263 -4.77 19.31 -25.52
CA ALA E 263 -4.58 20.73 -25.26
C ALA E 263 -3.31 20.99 -24.45
N LEU E 264 -3.08 20.19 -23.40
CA LEU E 264 -1.88 20.35 -22.59
C LEU E 264 -0.63 20.06 -23.42
N TRP E 265 -0.70 19.02 -24.26
CA TRP E 265 0.43 18.70 -25.14
C TRP E 265 0.75 19.86 -26.06
N ASP E 266 -0.25 20.39 -26.75
CA ASP E 266 -0.03 21.52 -27.65
C ASP E 266 0.47 22.74 -26.90
N SER E 267 0.06 22.90 -25.64
CA SER E 267 0.62 23.96 -24.81
C SER E 267 2.12 23.73 -24.57
N VAL E 268 2.51 22.48 -24.36
CA VAL E 268 3.91 22.18 -24.06
C VAL E 268 4.61 21.68 -25.32
N HIS E 269 4.01 21.93 -26.48
CA HIS E 269 4.59 21.57 -27.77
C HIS E 269 5.26 22.80 -28.35
N LYS E 270 6.57 22.72 -28.58
CA LYS E 270 7.34 23.83 -29.12
C LYS E 270 7.82 23.59 -30.54
N THR E 271 8.54 22.50 -30.78
CA THR E 271 9.01 22.21 -32.13
C THR E 271 7.94 21.44 -32.89
N PRO E 272 7.40 22.01 -33.98
CA PRO E 272 6.34 21.32 -34.71
C PRO E 272 6.85 20.12 -35.47
N GLY E 273 6.13 19.01 -35.35
CA GLY E 273 6.49 17.77 -36.00
C GLY E 273 7.67 17.04 -35.39
N GLU E 274 8.14 17.48 -34.23
CA GLU E 274 9.28 16.85 -33.58
C GLU E 274 9.06 16.85 -32.07
N VAL E 275 9.61 15.83 -31.42
CA VAL E 275 9.56 15.71 -29.96
C VAL E 275 10.99 15.80 -29.43
N THR E 276 11.17 16.56 -28.37
CA THR E 276 12.47 16.82 -27.79
C THR E 276 12.43 16.49 -26.30
N GLN E 277 13.61 16.17 -25.74
CA GLN E 277 13.69 15.79 -24.34
C GLN E 277 13.10 16.85 -23.42
N GLU E 278 13.29 18.12 -23.76
CA GLU E 278 12.71 19.18 -22.95
C GLU E 278 11.18 19.11 -22.96
N GLU E 279 10.59 18.77 -24.11
CA GLU E 279 9.14 18.61 -24.17
C GLU E 279 8.67 17.50 -23.25
N VAL E 280 9.36 16.35 -23.27
CA VAL E 280 8.98 15.22 -22.43
C VAL E 280 9.12 15.59 -20.96
N ASP E 281 10.23 16.26 -20.62
CA ASP E 281 10.48 16.62 -19.23
C ASP E 281 9.44 17.60 -18.72
N LEU E 282 9.07 18.59 -19.54
CA LEU E 282 8.04 19.53 -19.12
C LEU E 282 6.67 18.87 -19.06
N PHE E 283 6.39 17.90 -19.93
CA PHE E 283 5.15 17.15 -19.85
C PHE E 283 5.05 16.43 -18.51
N MET E 284 6.10 15.68 -18.16
CA MET E 284 6.12 14.99 -16.88
C MET E 284 6.05 15.97 -15.72
N ASP E 285 6.75 17.09 -15.81
CA ASP E 285 6.74 18.08 -14.73
C ASP E 285 5.36 18.67 -14.54
N CYS E 286 4.66 18.96 -15.64
CA CYS E 286 3.30 19.49 -15.53
C CYS E 286 2.37 18.46 -14.89
N LEU E 287 2.49 17.20 -15.30
CA LEU E 287 1.66 16.17 -14.69
C LEU E 287 1.95 16.04 -13.20
N TYR E 288 3.23 16.05 -12.84
CA TYR E 288 3.61 15.93 -11.43
C TYR E 288 3.11 17.13 -10.63
N SER E 289 3.23 18.33 -11.19
CA SER E 289 2.77 19.53 -10.50
C SER E 289 1.25 19.50 -10.32
N HIS E 290 0.52 19.05 -11.34
CA HIS E 290 -0.92 18.91 -11.20
C HIS E 290 -1.27 17.91 -10.11
N PHE E 291 -0.57 16.77 -10.08
CA PHE E 291 -0.87 15.75 -9.08
C PHE E 291 -0.55 16.27 -7.67
N HIS E 292 0.56 17.00 -7.53
CA HIS E 292 0.92 17.52 -6.22
C HIS E 292 -0.01 18.63 -5.78
N ARG E 293 -0.47 19.46 -6.72
CA ARG E 293 -1.47 20.47 -6.40
C ARG E 293 -2.76 19.81 -5.94
N HIS E 294 -3.13 18.70 -6.56
CA HIS E 294 -4.33 17.98 -6.15
C HIS E 294 -4.16 17.38 -4.76
N PHE E 295 -3.07 16.66 -4.52
CA PHE E 295 -2.98 15.76 -3.36
C PHE E 295 -1.74 15.97 -2.50
N LYS E 296 -0.84 16.87 -2.88
CA LYS E 296 0.41 17.08 -2.15
C LYS E 296 1.20 15.77 -2.03
N ILE E 297 1.17 14.97 -3.10
CA ILE E 297 1.89 13.71 -3.15
C ILE E 297 2.88 13.77 -4.31
N HIS E 298 4.13 13.48 -4.02
CA HIS E 298 5.18 13.51 -5.02
C HIS E 298 5.11 12.23 -5.83
N LEU E 299 4.37 12.26 -6.93
CA LEU E 299 4.31 11.11 -7.82
C LEU E 299 5.67 10.81 -8.44
N SER E 300 6.55 11.82 -8.49
CA SER E 300 7.87 11.67 -9.08
C SER E 300 8.71 10.60 -8.41
N ALA E 301 8.40 10.24 -7.16
CA ALA E 301 9.13 9.20 -6.45
C ALA E 301 8.53 7.83 -6.65
N THR E 302 7.86 7.60 -7.78
CA THR E 302 7.17 6.34 -8.05
C THR E 302 7.60 5.84 -9.44
N ARG E 303 7.56 4.52 -9.61
CA ARG E 303 7.97 3.87 -10.84
C ARG E 303 6.79 3.78 -11.80
N LEU E 304 6.96 4.33 -13.00
CA LEU E 304 5.97 4.19 -14.05
C LEU E 304 6.03 2.77 -14.60
N VAL E 305 4.85 2.15 -14.77
CA VAL E 305 4.83 0.73 -15.08
C VAL E 305 4.00 0.44 -16.33
N ARG E 306 3.06 1.32 -16.66
CA ARG E 306 2.20 1.10 -17.81
C ARG E 306 1.66 2.43 -18.29
N VAL E 307 1.69 2.63 -19.60
CA VAL E 307 1.18 3.84 -20.23
C VAL E 307 0.26 3.45 -21.37
N SER E 308 -0.99 3.92 -21.32
CA SER E 308 -1.97 3.62 -22.34
C SER E 308 -2.55 4.91 -22.90
N THR E 309 -2.70 4.95 -24.23
CA THR E 309 -3.31 6.08 -24.91
C THR E 309 -4.29 5.55 -25.93
N SER E 310 -4.83 6.46 -26.74
CA SER E 310 -5.88 6.10 -27.69
C SER E 310 -5.40 5.13 -28.76
N VAL E 311 -4.12 5.20 -29.14
CA VAL E 311 -3.63 4.41 -30.26
C VAL E 311 -2.98 3.11 -29.81
N ALA E 312 -2.24 3.12 -28.70
CA ALA E 312 -1.50 1.94 -28.28
C ALA E 312 -1.26 2.03 -26.78
N SER E 313 -0.81 0.93 -26.19
CA SER E 313 -0.50 0.85 -24.77
C SER E 313 0.72 -0.03 -24.57
N ALA E 314 1.56 0.35 -23.61
CA ALA E 314 2.81 -0.32 -23.33
C ALA E 314 2.94 -0.59 -21.84
N HIS E 315 3.63 -1.69 -21.52
CA HIS E 315 3.89 -2.08 -20.15
C HIS E 315 5.38 -2.40 -20.00
N THR E 316 5.90 -2.20 -18.79
CA THR E 316 7.34 -2.38 -18.57
C THR E 316 7.77 -3.82 -18.79
N ASP E 317 6.94 -4.78 -18.38
CA ASP E 317 7.32 -6.18 -18.51
C ASP E 317 7.49 -6.61 -19.96
N GLY E 318 6.92 -5.85 -20.89
CA GLY E 318 7.04 -6.18 -22.30
C GLY E 318 5.72 -6.46 -22.96
N LYS E 319 4.65 -5.88 -22.43
CA LYS E 319 3.31 -6.05 -22.98
C LYS E 319 3.00 -4.88 -23.90
N ILE E 320 2.48 -5.18 -25.09
CA ILE E 320 2.13 -4.16 -26.08
C ILE E 320 0.74 -4.45 -26.60
N LYS E 321 -0.11 -3.42 -26.62
CA LYS E 321 -1.44 -3.48 -27.19
C LYS E 321 -1.55 -2.41 -28.27
N ILE E 322 -2.03 -2.79 -29.45
CA ILE E 322 -2.11 -1.90 -30.60
C ILE E 322 -3.56 -1.78 -31.05
N LEU E 323 -4.01 -0.55 -31.28
CA LEU E 323 -5.40 -0.31 -31.64
C LEU E 323 -5.53 0.31 -33.03
N CYS E 324 -4.73 1.34 -33.31
CA CYS E 324 -4.84 2.12 -34.53
C CYS E 324 -3.71 1.76 -35.48
N HIS E 325 -4.06 1.45 -36.73
CA HIS E 325 -3.08 1.07 -37.73
C HIS E 325 -2.30 2.28 -38.24
N LYS E 326 -2.88 3.48 -38.14
CA LYS E 326 -2.33 4.65 -38.83
C LYS E 326 -0.90 4.95 -38.41
N TYR E 327 -0.52 4.59 -37.18
CA TYR E 327 0.84 4.79 -36.70
C TYR E 327 1.55 3.47 -36.43
N LEU E 328 0.87 2.34 -36.65
CA LEU E 328 1.39 1.03 -36.29
C LEU E 328 2.85 0.86 -36.71
N ILE E 329 3.13 1.07 -38.00
CA ILE E 329 4.47 0.82 -38.52
C ILE E 329 5.49 1.62 -37.73
N GLY E 330 5.23 2.92 -37.55
CA GLY E 330 6.16 3.75 -36.82
C GLY E 330 6.41 3.21 -35.42
N VAL E 331 5.34 2.75 -34.76
CA VAL E 331 5.47 2.11 -33.46
C VAL E 331 6.60 1.09 -33.50
N LEU E 332 6.49 0.13 -34.42
CA LEU E 332 7.50 -0.92 -34.52
C LEU E 332 8.89 -0.32 -34.59
N ALA E 333 9.08 0.66 -35.48
CA ALA E 333 10.39 1.26 -35.68
C ALA E 333 10.99 1.67 -34.35
N TYR E 334 10.21 2.39 -33.54
CA TYR E 334 10.72 2.84 -32.26
C TYR E 334 11.16 1.67 -31.41
N LEU E 335 10.26 0.70 -31.20
CA LEU E 335 10.63 -0.44 -30.37
C LEU E 335 11.72 -1.25 -31.05
N THR E 336 11.83 -1.18 -32.38
CA THR E 336 12.91 -1.90 -33.10
C THR E 336 14.27 -1.39 -32.62
N GLU E 337 14.37 -0.09 -32.34
CA GLU E 337 15.65 0.50 -31.87
C GLU E 337 16.02 -0.17 -30.53
N LEU E 338 15.02 -0.42 -29.68
CA LEU E 338 15.28 -1.05 -28.35
C LEU E 338 15.91 -2.44 -28.52
N ALA E 339 15.45 -3.22 -29.51
CA ALA E 339 16.10 -4.51 -29.74
C ALA E 339 17.57 -4.31 -30.07
N ILE E 340 17.87 -3.37 -30.96
CA ILE E 340 19.26 -3.07 -31.27
C ILE E 340 19.98 -2.62 -30.01
N PHE E 341 19.34 -1.76 -29.22
CA PHE E 341 19.98 -1.29 -27.99
C PHE E 341 20.17 -2.42 -26.99
N GLN E 342 19.40 -3.50 -27.11
CA GLN E 342 19.66 -4.67 -26.28
C GLN E 342 20.72 -5.57 -26.90
N ILE E 343 20.79 -5.62 -28.23
CA ILE E 343 21.81 -6.42 -28.89
C ILE E 343 23.18 -5.78 -28.72
N GLU E 344 23.26 -4.46 -28.89
CA GLU E 344 24.51 -3.73 -28.74
C GLU E 344 24.76 -3.35 -27.28
N SER F 2 21.15 28.59 4.83
CA SER F 2 22.46 28.55 5.46
C SER F 2 23.44 27.73 4.61
N VAL F 3 24.34 28.42 3.92
CA VAL F 3 25.33 27.74 3.10
C VAL F 3 26.39 27.11 4.00
N LEU F 4 26.61 25.82 3.82
CA LEU F 4 27.57 25.08 4.63
C LEU F 4 28.99 25.35 4.15
N ARG F 5 29.92 25.45 5.11
CA ARG F 5 31.32 25.74 4.83
C ARG F 5 32.22 24.70 5.48
N PRO F 6 33.22 24.18 4.75
CA PRO F 6 34.10 23.15 5.31
C PRO F 6 35.02 23.70 6.38
N LEU F 7 35.22 25.01 6.38
CA LEU F 7 36.23 25.65 7.21
C LEU F 7 35.59 26.54 8.27
N ASP F 8 34.52 26.04 8.91
CA ASP F 8 33.83 26.83 9.91
C ASP F 8 34.46 26.66 11.29
N LYS F 9 34.50 25.44 11.78
CA LYS F 9 34.96 25.16 13.14
C LYS F 9 36.18 24.24 13.12
N LEU F 10 36.54 23.77 14.31
CA LEU F 10 37.67 22.87 14.44
C LEU F 10 37.18 21.45 14.72
N PRO F 11 37.85 20.45 14.17
CA PRO F 11 37.43 19.06 14.41
C PRO F 11 37.96 18.56 15.75
N GLY F 12 37.42 17.41 16.18
CA GLY F 12 37.86 16.79 17.41
C GLY F 12 39.18 16.06 17.23
N LEU F 13 39.69 15.57 18.36
CA LEU F 13 40.96 14.85 18.40
C LEU F 13 40.77 13.51 17.69
N ASN F 14 41.32 13.40 16.48
CA ASN F 14 41.20 12.19 15.66
C ASN F 14 39.73 11.85 15.41
N THR F 15 38.95 12.86 15.02
CA THR F 15 37.53 12.71 14.78
C THR F 15 37.24 12.96 13.31
N ALA F 16 36.37 12.13 12.73
CA ALA F 16 35.94 12.29 11.35
C ALA F 16 34.42 12.27 11.29
N THR F 17 33.86 12.98 10.32
CA THR F 17 32.42 13.11 10.17
C THR F 17 32.03 12.89 8.71
N ILE F 18 30.85 12.30 8.51
CA ILE F 18 30.30 12.09 7.17
C ILE F 18 28.86 12.59 7.14
N LEU F 19 28.45 13.04 5.95
CA LEU F 19 27.09 13.52 5.72
C LEU F 19 26.47 12.76 4.55
N LEU F 20 25.24 12.29 4.75
CA LEU F 20 24.48 11.61 3.72
C LEU F 20 23.16 12.33 3.51
N VAL F 21 22.92 12.75 2.27
CA VAL F 21 21.74 13.51 1.91
C VAL F 21 21.00 12.71 0.83
N GLY F 22 19.72 12.49 1.04
CA GLY F 22 18.92 11.71 0.10
C GLY F 22 17.47 11.72 0.50
N THR F 23 16.70 10.84 -0.13
CA THR F 23 15.27 10.75 0.12
C THR F 23 14.90 9.52 0.94
N GLU F 24 15.43 8.36 0.59
CA GLU F 24 15.08 7.11 1.24
C GLU F 24 15.77 7.04 2.61
N ASP F 25 14.97 7.22 3.67
CA ASP F 25 15.53 7.21 5.02
C ASP F 25 16.00 5.82 5.44
N ALA F 26 15.26 4.77 5.07
CA ALA F 26 15.65 3.42 5.45
C ALA F 26 16.98 3.04 4.82
N LEU F 27 17.17 3.38 3.55
CA LEU F 27 18.43 3.10 2.88
C LEU F 27 19.58 3.84 3.55
N LEU F 28 19.35 5.10 3.94
CA LEU F 28 20.39 5.86 4.64
C LEU F 28 20.73 5.22 5.97
N GLN F 29 19.71 4.76 6.72
CA GLN F 29 19.96 4.13 8.00
C GLN F 29 20.76 2.84 7.82
N GLN F 30 20.39 2.03 6.82
CA GLN F 30 21.12 0.79 6.58
C GLN F 30 22.56 1.08 6.15
N LEU F 31 22.75 2.11 5.32
CA LEU F 31 24.09 2.49 4.89
C LEU F 31 24.93 2.94 6.07
N ALA F 32 24.34 3.71 7.00
CA ALA F 32 25.06 4.14 8.19
C ALA F 32 25.38 2.96 9.09
N ASP F 33 24.48 1.97 9.14
CA ASP F 33 24.76 0.75 9.89
C ASP F 33 25.97 0.03 9.30
N SER F 34 26.04 -0.03 7.97
CA SER F 34 27.22 -0.61 7.32
C SER F 34 28.46 0.23 7.58
N MET F 35 28.29 1.57 7.66
CA MET F 35 29.41 2.44 7.99
C MET F 35 29.99 2.09 9.34
N LEU F 36 29.12 1.92 10.34
CA LEU F 36 29.56 1.73 11.72
C LEU F 36 29.59 0.27 12.14
N LYS F 37 29.49 -0.67 11.19
CA LYS F 37 29.72 -2.08 11.52
C LYS F 37 31.12 -2.29 12.09
N GLU F 38 32.11 -1.59 11.55
CA GLU F 38 33.47 -1.61 12.07
C GLU F 38 33.94 -0.17 12.27
N ASP F 39 34.75 0.05 13.31
CA ASP F 39 35.25 1.37 13.64
C ASP F 39 36.78 1.33 13.61
N CYS F 40 37.38 2.30 12.92
CA CYS F 40 38.83 2.40 12.84
C CYS F 40 39.38 3.08 14.08
N ALA F 41 40.67 3.46 14.04
CA ALA F 41 41.27 4.14 15.18
C ALA F 41 40.59 5.48 15.45
N SER F 42 40.28 6.24 14.39
CA SER F 42 39.61 7.51 14.55
C SER F 42 38.12 7.31 14.77
N GLU F 43 37.55 8.10 15.67
CA GLU F 43 36.12 8.04 15.90
C GLU F 43 35.37 8.66 14.71
N LEU F 44 34.19 8.13 14.46
CA LEU F 44 33.40 8.47 13.28
C LEU F 44 32.01 8.95 13.69
N LYS F 45 31.58 10.05 13.09
CA LYS F 45 30.25 10.60 13.30
C LYS F 45 29.51 10.56 11.97
N VAL F 46 28.23 10.19 12.02
CA VAL F 46 27.40 10.05 10.83
C VAL F 46 26.23 11.01 10.95
N HIS F 47 25.98 11.78 9.89
CA HIS F 47 24.84 12.68 9.83
C HIS F 47 23.99 12.33 8.62
N LEU F 48 22.67 12.31 8.81
CA LEU F 48 21.72 12.02 7.75
C LEU F 48 20.75 13.18 7.61
N ALA F 49 20.48 13.56 6.38
CA ALA F 49 19.58 14.68 6.10
C ALA F 49 18.78 14.37 4.85
N LYS F 50 17.65 15.04 4.71
CA LYS F 50 16.78 14.90 3.55
C LYS F 50 16.97 15.97 2.50
N SER F 51 17.39 17.17 2.88
CA SER F 51 17.56 18.26 1.92
C SER F 51 18.49 19.30 2.53
N LEU F 52 18.86 20.27 1.71
CA LEU F 52 19.69 21.40 2.10
C LEU F 52 18.92 22.71 1.92
N PRO F 53 19.25 23.76 2.67
CA PRO F 53 20.36 23.87 3.62
C PRO F 53 20.15 23.04 4.88
N LEU F 54 21.26 22.61 5.48
CA LEU F 54 21.22 21.78 6.67
C LEU F 54 20.57 22.57 7.81
N PRO F 55 19.80 21.89 8.66
CA PRO F 55 19.16 22.60 9.79
C PRO F 55 20.19 23.25 10.69
N SER F 56 19.87 24.45 11.16
CA SER F 56 20.80 25.22 11.97
C SER F 56 21.08 24.52 13.29
N SER F 57 22.35 24.50 13.67
CA SER F 57 22.77 23.90 14.93
C SER F 57 24.11 24.50 15.32
N VAL F 58 24.16 25.19 16.46
CA VAL F 58 25.36 25.87 16.91
C VAL F 58 26.39 24.83 17.35
N ASN F 59 25.92 23.62 17.65
CA ASN F 59 26.79 22.54 18.11
C ASN F 59 27.28 21.66 16.96
N ARG F 60 27.21 22.13 15.72
CA ARG F 60 27.63 21.32 14.59
C ARG F 60 29.15 21.22 14.54
N PRO F 61 29.72 20.02 14.52
CA PRO F 61 31.17 19.90 14.29
C PRO F 61 31.52 20.05 12.82
N ARG F 62 32.79 19.92 12.48
CA ARG F 62 33.20 19.96 11.07
C ARG F 62 32.60 18.79 10.32
N ILE F 63 32.12 19.05 9.11
CA ILE F 63 31.63 18.01 8.21
C ILE F 63 32.66 17.83 7.10
N ASP F 64 33.58 16.89 7.30
CA ASP F 64 34.73 16.73 6.43
C ASP F 64 34.41 16.04 5.11
N LEU F 65 33.23 15.44 4.97
CA LEU F 65 32.89 14.73 3.74
C LEU F 65 31.42 14.94 3.43
N ILE F 66 31.11 15.11 2.16
CA ILE F 66 29.73 15.24 1.68
C ILE F 66 29.48 14.11 0.68
N VAL F 67 28.42 13.34 0.90
CA VAL F 67 28.04 12.26 0.02
C VAL F 67 26.56 12.41 -0.31
N PHE F 68 26.25 12.47 -1.60
CA PHE F 68 24.87 12.53 -2.07
C PHE F 68 24.50 11.18 -2.67
N VAL F 69 23.44 10.57 -2.15
CA VAL F 69 22.91 9.32 -2.69
C VAL F 69 21.81 9.68 -3.68
N VAL F 70 21.88 9.08 -4.87
CA VAL F 70 20.94 9.32 -5.93
C VAL F 70 20.39 7.98 -6.40
N ASN F 71 19.06 7.90 -6.53
CA ASN F 71 18.40 6.72 -7.07
C ASN F 71 18.01 7.03 -8.51
N LEU F 72 18.46 6.19 -9.43
CA LEU F 72 18.00 6.32 -10.81
C LEU F 72 16.56 5.87 -10.99
N HIS F 73 15.92 5.41 -9.91
CA HIS F 73 14.54 4.96 -9.93
C HIS F 73 13.52 6.10 -9.89
N SER F 74 13.95 7.30 -9.55
CA SER F 74 13.02 8.42 -9.37
C SER F 74 13.70 9.73 -9.72
N LYS F 75 12.99 10.57 -10.49
CA LYS F 75 13.46 11.92 -10.76
C LYS F 75 13.34 12.82 -9.54
N TYR F 76 12.51 12.44 -8.57
CA TYR F 76 12.35 13.24 -7.36
C TYR F 76 13.66 13.34 -6.60
N SER F 77 14.39 12.24 -6.49
CA SER F 77 15.70 12.27 -5.85
C SER F 77 16.64 13.21 -6.58
N LEU F 78 16.59 13.21 -7.93
CA LEU F 78 17.39 14.17 -8.66
C LEU F 78 17.01 15.59 -8.27
N GLN F 79 15.75 15.97 -8.47
CA GLN F 79 15.34 17.34 -8.16
C GLN F 79 15.77 17.73 -6.75
N ASN F 80 15.67 16.79 -5.81
CA ASN F 80 16.22 17.01 -4.47
C ASN F 80 17.70 17.32 -4.50
N THR F 81 18.47 16.59 -5.31
CA THR F 81 19.92 16.80 -5.31
C THR F 81 20.29 18.15 -5.89
N GLU F 82 19.73 18.53 -7.04
CA GLU F 82 20.06 19.84 -7.59
C GLU F 82 19.46 20.99 -6.79
N GLU F 83 18.35 20.79 -6.06
CA GLU F 83 17.90 21.89 -5.21
C GLU F 83 18.81 22.03 -4.00
N SER F 84 19.28 20.91 -3.45
CA SER F 84 20.16 20.94 -2.29
C SER F 84 21.55 21.45 -2.66
N LEU F 85 21.96 21.27 -3.91
CA LEU F 85 23.30 21.66 -4.35
C LEU F 85 23.53 23.17 -4.31
N ARG F 86 22.48 23.97 -4.19
CA ARG F 86 22.61 25.41 -4.18
C ARG F 86 22.89 26.00 -2.80
N HIS F 87 23.03 25.15 -1.79
CA HIS F 87 23.25 25.59 -0.41
C HIS F 87 24.61 25.18 0.12
N VAL F 88 25.57 24.97 -0.78
CA VAL F 88 26.93 24.59 -0.42
C VAL F 88 27.89 25.44 -1.24
N ASP F 89 29.00 25.85 -0.61
CA ASP F 89 30.00 26.64 -1.32
C ASP F 89 30.76 25.77 -2.32
N ALA F 90 31.48 26.44 -3.21
CA ALA F 90 32.28 25.72 -4.20
C ALA F 90 33.46 24.98 -3.58
N SER F 91 33.90 25.39 -2.38
CA SER F 91 35.06 24.76 -1.76
C SER F 91 34.80 23.28 -1.44
N PHE F 92 33.56 22.93 -1.07
CA PHE F 92 33.22 21.52 -0.89
C PHE F 92 33.43 20.73 -2.18
N PHE F 93 33.22 21.37 -3.34
CA PHE F 93 33.35 20.68 -4.61
C PHE F 93 34.78 20.27 -4.91
N LEU F 94 35.76 20.78 -4.16
CA LEU F 94 37.16 20.40 -4.35
C LEU F 94 37.48 19.13 -3.58
N GLY F 95 36.79 18.05 -3.97
CA GLY F 95 37.09 16.74 -3.43
C GLY F 95 36.37 16.36 -2.15
N LYS F 96 35.59 17.27 -1.57
CA LYS F 96 34.85 16.98 -0.35
C LYS F 96 33.43 16.51 -0.66
N VAL F 97 33.10 16.37 -1.95
CA VAL F 97 31.78 15.95 -2.38
C VAL F 97 31.90 14.69 -3.22
N CYS F 98 30.95 13.79 -3.07
CA CYS F 98 30.91 12.56 -3.86
C CYS F 98 29.46 12.19 -4.14
N PHE F 99 29.26 11.47 -5.23
CA PHE F 99 27.94 11.02 -5.66
C PHE F 99 27.92 9.50 -5.68
N LEU F 100 26.91 8.91 -5.06
CA LEU F 100 26.73 7.47 -5.06
C LEU F 100 25.36 7.15 -5.66
N ALA F 101 25.37 6.41 -6.77
CA ALA F 101 24.14 6.03 -7.47
C ALA F 101 23.75 4.62 -7.06
N THR F 102 22.48 4.43 -6.76
CA THR F 102 21.96 3.14 -6.34
C THR F 102 21.00 2.58 -7.38
N GLY F 103 21.04 1.26 -7.52
CA GLY F 103 20.17 0.57 -8.46
C GLY F 103 20.58 0.67 -9.91
N ALA F 104 21.78 1.16 -10.21
CA ALA F 104 22.23 1.29 -11.59
C ALA F 104 22.34 -0.03 -12.31
N GLY F 105 22.59 -1.13 -11.60
CA GLY F 105 22.71 -2.43 -12.22
C GLY F 105 21.44 -2.88 -12.93
N ARG F 106 20.31 -2.66 -12.29
CA ARG F 106 19.01 -3.01 -12.87
C ARG F 106 18.65 -1.92 -13.87
N GLU F 107 19.05 -2.12 -15.13
CA GLU F 107 18.78 -1.13 -16.16
C GLU F 107 17.29 -0.97 -16.42
N SER F 108 16.51 -2.03 -16.17
CA SER F 108 15.06 -1.93 -16.34
C SER F 108 14.44 -1.00 -15.30
N HIS F 109 14.95 -1.02 -14.07
CA HIS F 109 14.38 -0.22 -13.00
C HIS F 109 14.91 1.20 -12.95
N CYS F 110 15.95 1.51 -13.74
CA CYS F 110 16.52 2.84 -13.75
C CYS F 110 15.61 3.81 -14.49
N SER F 111 14.86 4.63 -13.75
CA SER F 111 13.93 5.56 -14.37
C SER F 111 14.66 6.56 -15.26
N ILE F 112 15.52 7.37 -14.66
CA ILE F 112 16.31 8.33 -15.42
C ILE F 112 17.52 7.60 -15.99
N HIS F 113 18.00 8.06 -17.15
CA HIS F 113 19.15 7.42 -17.78
C HIS F 113 20.43 7.82 -17.06
N ARG F 114 21.35 6.86 -16.95
CA ARG F 114 22.59 7.10 -16.22
C ARG F 114 23.44 8.16 -16.90
N HIS F 115 23.23 8.40 -18.19
CA HIS F 115 23.96 9.46 -18.88
C HIS F 115 23.72 10.81 -18.22
N THR F 116 22.50 11.02 -17.71
CA THR F 116 22.18 12.30 -17.08
C THR F 116 23.04 12.52 -15.83
N VAL F 117 23.11 11.52 -14.95
CA VAL F 117 23.90 11.69 -13.73
C VAL F 117 25.38 11.72 -14.03
N VAL F 118 25.81 10.99 -15.08
CA VAL F 118 27.21 11.07 -15.49
C VAL F 118 27.56 12.49 -15.92
N LYS F 119 26.69 13.10 -16.73
CA LYS F 119 26.92 14.48 -17.16
C LYS F 119 26.88 15.43 -15.96
N LEU F 120 25.96 15.20 -15.03
CA LEU F 120 25.88 16.05 -13.84
C LEU F 120 27.17 15.99 -13.04
N ALA F 121 27.69 14.78 -12.82
CA ALA F 121 28.94 14.64 -12.08
C ALA F 121 30.12 15.24 -12.83
N HIS F 122 30.21 15.00 -14.14
CA HIS F 122 31.32 15.53 -14.91
C HIS F 122 31.29 17.05 -14.99
N THR F 123 30.09 17.64 -14.92
CA THR F 123 29.98 19.10 -14.96
C THR F 123 30.66 19.73 -13.75
N TYR F 124 30.50 19.15 -12.57
CA TYR F 124 31.03 19.71 -11.34
C TYR F 124 32.38 19.13 -10.96
N GLN F 125 32.92 18.21 -11.77
CA GLN F 125 34.22 17.59 -11.53
C GLN F 125 34.29 16.98 -10.13
N SER F 126 33.41 16.00 -9.91
CA SER F 126 33.30 15.34 -8.62
C SER F 126 33.33 13.84 -8.84
N PRO F 127 33.81 13.08 -7.87
CA PRO F 127 33.84 11.62 -8.02
C PRO F 127 32.45 11.04 -8.14
N LEU F 128 32.34 9.98 -8.93
CA LEU F 128 31.07 9.29 -9.15
C LEU F 128 31.26 7.81 -8.86
N LEU F 129 30.40 7.26 -8.01
CA LEU F 129 30.49 5.86 -7.61
C LEU F 129 29.16 5.16 -7.88
N TYR F 130 29.25 3.90 -8.29
CA TYR F 130 28.08 3.08 -8.56
C TYR F 130 28.05 1.92 -7.58
N CYS F 131 26.90 1.72 -6.94
CA CYS F 131 26.74 0.66 -5.96
C CYS F 131 25.26 0.32 -5.85
N ASP F 132 24.98 -0.82 -5.22
CA ASP F 132 23.61 -1.25 -4.95
C ASP F 132 23.49 -1.45 -3.44
N LEU F 133 22.79 -0.54 -2.78
CA LEU F 133 22.60 -0.62 -1.33
C LEU F 133 21.79 -1.83 -0.91
N GLU F 134 20.91 -2.34 -1.77
CA GLU F 134 20.05 -3.45 -1.41
C GLU F 134 20.87 -4.70 -1.10
N VAL F 135 21.87 -4.99 -1.93
CA VAL F 135 22.70 -6.17 -1.72
C VAL F 135 23.62 -5.95 -0.53
N GLU F 136 23.63 -6.92 0.39
CA GLU F 136 24.44 -6.79 1.59
C GLU F 136 25.93 -6.75 1.26
N GLY F 137 26.38 -7.60 0.33
CA GLY F 137 27.79 -7.61 -0.02
C GLY F 137 28.22 -6.32 -0.69
N PHE F 138 27.43 -5.83 -1.63
CA PHE F 138 27.74 -4.56 -2.29
C PHE F 138 27.74 -3.42 -1.29
N ARG F 139 26.77 -3.42 -0.38
CA ARG F 139 26.69 -2.39 0.65
C ARG F 139 27.92 -2.42 1.54
N ALA F 140 28.37 -3.62 1.94
CA ALA F 140 29.54 -3.73 2.78
C ALA F 140 30.79 -3.23 2.05
N THR F 141 30.95 -3.61 0.78
CA THR F 141 32.08 -3.15 0.00
C THR F 141 32.09 -1.63 -0.08
N MET F 142 30.95 -1.04 -0.40
CA MET F 142 30.84 0.41 -0.40
C MET F 142 31.10 0.96 1.00
N ALA F 143 30.86 0.15 2.03
CA ALA F 143 31.12 0.62 3.39
C ALA F 143 32.61 0.83 3.63
N GLN F 144 33.45 -0.16 3.31
CA GLN F 144 34.87 0.11 3.52
C GLN F 144 35.36 1.16 2.53
N ARG F 145 34.75 1.20 1.34
CA ARG F 145 35.13 2.24 0.37
C ARG F 145 34.93 3.63 0.94
N LEU F 146 33.74 3.89 1.50
CA LEU F 146 33.46 5.20 2.08
C LEU F 146 34.31 5.46 3.32
N VAL F 147 34.52 4.45 4.15
CA VAL F 147 35.36 4.65 5.34
C VAL F 147 36.76 5.07 4.93
N ARG F 148 37.31 4.42 3.91
CA ARG F 148 38.70 4.70 3.52
C ARG F 148 38.81 6.00 2.74
N VAL F 149 37.80 6.35 1.93
CA VAL F 149 37.85 7.66 1.28
C VAL F 149 37.70 8.77 2.31
N LEU F 150 36.93 8.52 3.37
CA LEU F 150 36.89 9.45 4.50
C LEU F 150 38.26 9.58 5.14
N GLN F 151 38.94 8.46 5.37
CA GLN F 151 40.28 8.51 5.94
C GLN F 151 41.22 9.31 5.06
N ILE F 152 41.10 9.17 3.74
CA ILE F 152 41.96 9.91 2.83
C ILE F 152 41.65 11.41 2.88
N CYS F 153 40.38 11.77 2.81
CA CYS F 153 40.02 13.19 2.69
C CYS F 153 40.19 13.91 4.03
N ALA F 154 40.06 13.20 5.14
CA ALA F 154 40.14 13.83 6.46
C ALA F 154 41.55 14.26 6.82
N GLY F 155 42.55 13.89 6.03
CA GLY F 155 43.93 14.22 6.34
C GLY F 155 44.59 13.33 7.37
N HIS F 156 43.96 12.22 7.74
CA HIS F 156 44.54 11.30 8.71
C HIS F 156 45.82 10.66 8.20
N VAL F 157 45.90 10.32 6.90
CA VAL F 157 47.08 9.70 6.32
C VAL F 157 47.95 10.81 5.72
N PRO F 158 49.23 10.89 6.08
CA PRO F 158 50.07 11.96 5.53
C PRO F 158 50.43 11.71 4.07
N GLY F 159 50.30 12.76 3.26
CA GLY F 159 50.79 12.72 1.90
C GLY F 159 49.85 13.28 0.84
N VAL F 160 48.54 13.15 1.01
CA VAL F 160 47.57 13.56 -0.02
C VAL F 160 46.51 14.43 0.64
N SER F 161 45.74 15.12 -0.20
CA SER F 161 44.62 15.94 0.23
C SER F 161 43.42 15.64 -0.66
N ALA F 162 42.35 16.41 -0.47
CA ALA F 162 41.13 16.19 -1.24
C ALA F 162 41.35 16.47 -2.72
N LEU F 163 42.08 17.54 -3.04
CA LEU F 163 42.35 17.84 -4.45
C LEU F 163 43.24 16.78 -5.08
N ASN F 164 44.13 16.19 -4.29
CA ASN F 164 44.93 15.07 -4.78
C ASN F 164 44.04 13.89 -5.18
N LEU F 165 43.12 13.48 -4.32
CA LEU F 165 42.24 12.36 -4.67
C LEU F 165 41.31 12.73 -5.81
N LEU F 166 40.93 14.00 -5.92
CA LEU F 166 40.15 14.44 -7.07
C LEU F 166 40.94 14.27 -8.36
N SER F 167 42.22 14.65 -8.34
CA SER F 167 43.06 14.41 -9.50
C SER F 167 43.27 12.93 -9.73
N LEU F 168 43.09 12.11 -8.69
CA LEU F 168 43.16 10.67 -8.85
C LEU F 168 41.87 10.15 -9.48
N LEU F 169 40.73 10.48 -8.89
CA LEU F 169 39.44 9.94 -9.30
C LEU F 169 38.84 10.67 -10.49
N ARG F 170 39.60 11.56 -11.14
CA ARG F 170 39.06 12.36 -12.23
C ARG F 170 38.71 11.48 -13.41
N SER F 171 37.61 11.80 -14.09
CA SER F 171 37.26 11.08 -15.31
C SER F 171 37.88 11.77 -16.52
N SER F 172 38.14 10.97 -17.56
CA SER F 172 38.72 11.51 -18.79
C SER F 172 37.76 12.51 -19.44
N GLU F 173 36.48 12.17 -19.48
CA GLU F 173 35.47 13.04 -20.09
C GLU F 173 34.08 12.70 -19.56
N ASP G 2 -36.46 -33.27 -7.80
CA ASP G 2 -36.18 -32.47 -8.98
C ASP G 2 -34.70 -32.56 -9.37
N GLU G 3 -34.45 -32.60 -10.67
CA GLU G 3 -33.08 -32.61 -11.17
C GLU G 3 -32.42 -31.25 -11.10
N THR G 4 -33.21 -30.17 -11.25
CA THR G 4 -32.64 -28.82 -11.20
C THR G 4 -32.04 -28.53 -9.83
N VAL G 5 -32.78 -28.82 -8.76
CA VAL G 5 -32.24 -28.60 -7.42
C VAL G 5 -31.05 -29.53 -7.17
N ALA G 6 -31.10 -30.74 -7.73
CA ALA G 6 -30.00 -31.69 -7.55
C ALA G 6 -28.71 -31.13 -8.17
N GLU G 7 -28.79 -30.66 -9.41
CA GLU G 7 -27.59 -30.11 -10.04
C GLU G 7 -27.17 -28.80 -9.40
N PHE G 8 -28.12 -28.02 -8.89
CA PHE G 8 -27.78 -26.80 -8.15
C PHE G 8 -26.97 -27.14 -6.90
N ILE G 9 -27.43 -28.14 -6.14
CA ILE G 9 -26.71 -28.56 -4.95
C ILE G 9 -25.34 -29.11 -5.33
N LYS G 10 -25.28 -29.87 -6.43
CA LYS G 10 -24.00 -30.39 -6.90
C LYS G 10 -23.03 -29.26 -7.23
N ARG G 11 -23.49 -28.23 -7.93
CA ARG G 11 -22.64 -27.11 -8.26
C ARG G 11 -22.18 -26.38 -7.01
N THR G 12 -23.09 -26.18 -6.05
CA THR G 12 -22.70 -25.51 -4.81
C THR G 12 -21.64 -26.32 -4.07
N ILE G 13 -21.81 -27.64 -4.01
CA ILE G 13 -20.82 -28.50 -3.35
C ILE G 13 -19.48 -28.40 -4.07
N LEU G 14 -19.49 -28.42 -5.41
CA LEU G 14 -18.26 -28.25 -6.17
C LEU G 14 -17.60 -26.92 -5.85
N LYS G 15 -18.39 -25.87 -5.62
CA LYS G 15 -17.84 -24.60 -5.18
C LYS G 15 -17.23 -24.71 -3.79
N ILE G 16 -17.82 -25.52 -2.93
CA ILE G 16 -17.30 -25.68 -1.56
C ILE G 16 -16.00 -26.49 -1.60
N PRO G 17 -14.93 -26.01 -1.00
CA PRO G 17 -13.73 -26.85 -0.86
C PRO G 17 -14.04 -28.07 -0.01
N MET G 18 -13.50 -29.22 -0.43
CA MET G 18 -13.76 -30.47 0.27
C MET G 18 -13.17 -30.49 1.68
N ASN G 19 -12.22 -29.60 1.97
CA ASN G 19 -11.59 -29.60 3.28
C ASN G 19 -12.54 -29.14 4.39
N GLU G 20 -13.61 -28.44 4.02
CA GLU G 20 -14.56 -27.91 4.99
C GLU G 20 -15.99 -28.39 4.74
N LEU G 21 -16.17 -29.34 3.81
CA LEU G 21 -17.51 -29.83 3.50
C LEU G 21 -18.25 -30.31 4.75
N THR G 22 -17.54 -31.00 5.63
CA THR G 22 -18.14 -31.43 6.89
C THR G 22 -18.75 -30.27 7.64
N THR G 23 -17.99 -29.18 7.80
CA THR G 23 -18.52 -27.99 8.47
C THR G 23 -19.78 -27.52 7.78
N ILE G 24 -19.81 -27.56 6.45
CA ILE G 24 -21.00 -27.19 5.70
C ILE G 24 -22.20 -27.98 6.19
N LEU G 25 -22.04 -29.30 6.31
CA LEU G 25 -23.12 -30.12 6.83
C LEU G 25 -23.50 -29.69 8.25
N LYS G 26 -22.50 -29.44 9.09
CA LYS G 26 -22.78 -28.97 10.44
C LYS G 26 -23.51 -27.64 10.41
N ALA G 27 -23.28 -26.84 9.37
CA ALA G 27 -24.03 -25.60 9.21
C ALA G 27 -25.31 -25.82 8.41
N TRP G 28 -25.36 -26.88 7.60
CA TRP G 28 -26.56 -27.13 6.81
C TRP G 28 -27.63 -27.83 7.63
N ASP G 29 -27.31 -28.99 8.19
CA ASP G 29 -28.17 -29.71 9.11
C ASP G 29 -29.47 -30.17 8.45
N PHE G 30 -29.55 -30.06 7.13
CA PHE G 30 -30.71 -30.59 6.42
C PHE G 30 -30.73 -32.11 6.42
N LEU G 31 -29.56 -32.73 6.37
CA LEU G 31 -29.44 -34.18 6.37
C LEU G 31 -29.08 -34.67 7.76
N SER G 32 -29.58 -35.86 8.09
CA SER G 32 -29.33 -36.45 9.39
C SER G 32 -27.86 -36.78 9.57
N GLU G 33 -27.39 -36.76 10.82
CA GLU G 33 -25.98 -37.01 11.10
C GLU G 33 -25.55 -38.42 10.70
N ASN G 34 -26.47 -39.38 10.76
CA ASN G 34 -26.15 -40.74 10.34
C ASN G 34 -25.80 -40.78 8.85
N GLN G 35 -26.55 -40.03 8.03
CA GLN G 35 -26.24 -39.94 6.61
C GLN G 35 -24.85 -39.35 6.40
N LEU G 36 -24.49 -38.35 7.21
CA LEU G 36 -23.12 -37.82 7.16
C LEU G 36 -22.09 -38.88 7.52
N GLN G 37 -22.38 -39.69 8.54
CA GLN G 37 -21.45 -40.74 8.94
C GLN G 37 -21.29 -41.79 7.85
N THR G 38 -22.35 -42.02 7.06
CA THR G 38 -22.27 -42.99 5.97
C THR G 38 -21.28 -42.57 4.88
N VAL G 39 -20.85 -41.31 4.88
CA VAL G 39 -19.96 -40.80 3.85
C VAL G 39 -18.63 -40.42 4.49
N ASN G 40 -17.54 -40.94 3.93
CA ASN G 40 -16.20 -40.56 4.34
C ASN G 40 -15.64 -39.51 3.39
N PHE G 41 -14.95 -38.53 3.95
CA PHE G 41 -14.44 -37.40 3.20
C PHE G 41 -13.01 -37.60 2.73
N ARG G 42 -12.43 -38.77 3.02
CA ARG G 42 -11.04 -39.08 2.60
C ARG G 42 -11.06 -39.61 1.16
N GLN G 43 -12.21 -40.08 0.68
CA GLN G 43 -12.29 -40.65 -0.66
C GLN G 43 -12.40 -39.54 -1.71
N ARG G 44 -12.65 -39.95 -2.95
CA ARG G 44 -12.53 -39.04 -4.08
C ARG G 44 -13.69 -38.03 -4.10
N LYS G 45 -13.44 -36.91 -4.79
CA LYS G 45 -14.42 -35.83 -4.87
C LYS G 45 -15.69 -36.27 -5.58
N GLU G 46 -15.52 -37.00 -6.69
CA GLU G 46 -16.69 -37.52 -7.41
C GLU G 46 -17.48 -38.46 -6.52
N SER G 47 -16.78 -39.33 -5.77
CA SER G 47 -17.47 -40.26 -4.89
C SER G 47 -18.27 -39.52 -3.81
N VAL G 48 -17.65 -38.50 -3.19
CA VAL G 48 -18.34 -37.81 -2.09
C VAL G 48 -19.52 -37.03 -2.63
N VAL G 49 -19.38 -36.40 -3.81
CA VAL G 49 -20.52 -35.64 -4.34
C VAL G 49 -21.64 -36.59 -4.75
N GLN G 50 -21.29 -37.76 -5.30
CA GLN G 50 -22.33 -38.73 -5.65
C GLN G 50 -23.04 -39.24 -4.41
N HIS G 51 -22.31 -39.51 -3.33
CA HIS G 51 -22.95 -39.93 -2.10
C HIS G 51 -23.83 -38.83 -1.51
N LEU G 52 -23.40 -37.57 -1.60
CA LEU G 52 -24.25 -36.47 -1.13
C LEU G 52 -25.52 -36.36 -1.97
N ILE G 53 -25.41 -36.57 -3.28
CA ILE G 53 -26.59 -36.59 -4.14
C ILE G 53 -27.52 -37.72 -3.72
N HIS G 54 -26.96 -38.89 -3.43
CA HIS G 54 -27.77 -40.01 -2.96
C HIS G 54 -28.49 -39.64 -1.67
N LEU G 55 -27.77 -39.02 -0.73
CA LEU G 55 -28.36 -38.67 0.56
C LEU G 55 -29.49 -37.66 0.39
N CYS G 56 -29.29 -36.64 -0.44
CA CYS G 56 -30.33 -35.63 -0.60
C CYS G 56 -31.50 -36.17 -1.42
N GLU G 57 -31.27 -37.15 -2.29
CA GLU G 57 -32.36 -37.76 -3.03
C GLU G 57 -33.16 -38.72 -2.16
N GLU G 58 -32.52 -39.35 -1.17
CA GLU G 58 -33.26 -40.17 -0.23
C GLU G 58 -34.28 -39.35 0.53
N LYS G 59 -33.89 -38.15 0.97
CA LYS G 59 -34.84 -37.19 1.53
C LYS G 59 -35.49 -36.45 0.37
N ARG G 60 -36.28 -35.42 0.69
CA ARG G 60 -36.96 -34.62 -0.33
C ARG G 60 -36.16 -33.34 -0.56
N ALA G 61 -35.49 -33.28 -1.71
CA ALA G 61 -34.73 -32.10 -2.10
C ALA G 61 -35.67 -31.02 -2.62
N SER G 62 -35.44 -29.80 -2.16
CA SER G 62 -36.30 -28.67 -2.51
C SER G 62 -35.41 -27.49 -2.87
N ILE G 63 -36.02 -26.31 -2.97
CA ILE G 63 -35.27 -25.10 -3.28
C ILE G 63 -34.84 -24.36 -2.02
N SER G 64 -35.65 -24.42 -0.96
CA SER G 64 -35.32 -23.67 0.25
C SER G 64 -34.05 -24.19 0.91
N ASP G 65 -33.91 -25.51 1.03
CA ASP G 65 -32.72 -26.08 1.66
C ASP G 65 -31.47 -25.81 0.83
N ALA G 66 -31.58 -25.94 -0.50
CA ALA G 66 -30.45 -25.65 -1.37
C ALA G 66 -30.06 -24.18 -1.27
N ALA G 67 -31.04 -23.29 -1.21
CA ALA G 67 -30.76 -21.87 -1.06
C ALA G 67 -30.10 -21.59 0.27
N LEU G 68 -30.52 -22.27 1.33
CA LEU G 68 -29.88 -22.12 2.63
C LEU G 68 -28.43 -22.59 2.58
N LEU G 69 -28.17 -23.70 1.91
CA LEU G 69 -26.79 -24.17 1.74
C LEU G 69 -25.96 -23.14 0.99
N ASP G 70 -26.52 -22.58 -0.08
CA ASP G 70 -25.80 -21.54 -0.83
C ASP G 70 -25.53 -20.34 0.05
N ILE G 71 -26.51 -19.95 0.88
CA ILE G 71 -26.35 -18.81 1.76
C ILE G 71 -25.21 -19.05 2.74
N ILE G 72 -25.18 -20.25 3.34
CA ILE G 72 -24.14 -20.52 4.32
C ILE G 72 -22.76 -20.64 3.66
N TYR G 73 -22.71 -21.14 2.42
CA TYR G 73 -21.46 -21.09 1.66
C TYR G 73 -21.01 -19.64 1.47
N MET G 74 -21.95 -18.77 1.14
CA MET G 74 -21.63 -17.36 1.01
C MET G 74 -21.11 -16.79 2.31
N GLN G 75 -21.74 -17.15 3.43
CA GLN G 75 -21.27 -16.72 4.75
C GLN G 75 -19.83 -17.14 4.99
N PHE G 76 -19.52 -18.42 4.79
CA PHE G 76 -18.16 -18.90 5.02
C PHE G 76 -17.15 -18.23 4.11
N HIS G 77 -17.50 -17.97 2.85
CA HIS G 77 -16.56 -17.27 1.98
C HIS G 77 -16.63 -15.75 2.18
N GLN G 78 -17.80 -15.16 1.87
CA GLN G 78 -18.03 -13.71 1.97
C GLN G 78 -16.87 -12.89 1.41
N HIS G 79 -16.20 -13.41 0.37
CA HIS G 79 -15.08 -12.70 -0.23
C HIS G 79 -15.12 -12.70 -1.75
N GLN G 80 -16.13 -13.33 -2.35
CA GLN G 80 -16.17 -13.52 -3.79
C GLN G 80 -17.02 -12.50 -4.53
N LYS G 81 -17.67 -11.58 -3.81
CA LYS G 81 -18.57 -10.60 -4.42
C LYS G 81 -18.20 -9.20 -3.96
N VAL G 82 -18.66 -8.23 -4.73
CA VAL G 82 -18.49 -6.81 -4.42
C VAL G 82 -19.78 -6.31 -3.78
N TRP G 83 -19.64 -5.51 -2.73
CA TRP G 83 -20.79 -5.06 -1.94
C TRP G 83 -20.98 -3.56 -2.08
N GLU G 84 -22.24 -3.14 -2.17
CA GLU G 84 -22.64 -1.75 -2.09
C GLU G 84 -23.58 -1.57 -0.90
N VAL G 85 -23.72 -0.32 -0.46
CA VAL G 85 -24.43 0.00 0.76
C VAL G 85 -25.59 0.94 0.44
N PHE G 86 -26.78 0.60 0.94
CA PHE G 86 -27.98 1.40 0.79
C PHE G 86 -28.36 1.99 2.14
N GLN G 87 -28.83 3.23 2.13
CA GLN G 87 -29.22 3.92 3.36
C GLN G 87 -30.73 4.20 3.31
N MET G 88 -31.41 3.90 4.41
CA MET G 88 -32.81 4.23 4.59
C MET G 88 -32.94 5.32 5.65
N SER G 89 -33.99 6.13 5.50
CA SER G 89 -34.22 7.25 6.40
C SER G 89 -35.71 7.59 6.40
N LYS G 90 -36.20 7.97 7.58
CA LYS G 90 -37.59 8.37 7.78
C LYS G 90 -38.56 7.31 7.25
N ASP G 97 -40.97 2.54 14.90
CA ASP G 97 -39.73 2.00 15.45
C ASP G 97 -39.93 0.59 15.97
N LEU G 98 -41.04 -0.03 15.59
CA LEU G 98 -41.37 -1.39 16.02
C LEU G 98 -41.03 -2.37 14.91
N PHE G 99 -40.37 -3.47 15.28
CA PHE G 99 -39.90 -4.46 14.32
C PHE G 99 -40.37 -5.85 14.71
N ASP G 100 -40.57 -6.71 13.72
CA ASP G 100 -40.88 -8.11 13.93
C ASP G 100 -40.41 -8.93 12.73
N MET G 101 -39.71 -10.02 13.01
CA MET G 101 -39.13 -10.84 11.94
C MET G 101 -40.21 -11.40 11.02
N LYS G 102 -41.25 -11.98 11.60
CA LYS G 102 -42.23 -12.72 10.80
C LYS G 102 -42.98 -11.80 9.83
N GLN G 103 -43.48 -10.67 10.33
CA GLN G 103 -44.23 -9.77 9.46
C GLN G 103 -43.32 -9.12 8.44
N PHE G 104 -42.07 -8.83 8.82
CA PHE G 104 -41.12 -8.30 7.85
C PHE G 104 -40.89 -9.27 6.71
N LYS G 105 -40.67 -10.55 7.04
CA LYS G 105 -40.49 -11.56 6.02
C LYS G 105 -41.73 -11.69 5.15
N ASN G 106 -42.91 -11.66 5.78
CA ASN G 106 -44.15 -11.77 5.03
C ASN G 106 -44.31 -10.62 4.05
N SER G 107 -44.06 -9.39 4.51
CA SER G 107 -44.21 -8.23 3.64
C SER G 107 -43.21 -8.26 2.49
N PHE G 108 -41.96 -8.62 2.79
CA PHE G 108 -40.95 -8.68 1.74
C PHE G 108 -41.30 -9.74 0.70
N LYS G 109 -41.72 -10.92 1.17
CA LYS G 109 -42.12 -11.98 0.25
C LYS G 109 -43.30 -11.54 -0.60
N LYS G 110 -44.29 -10.89 0.01
CA LYS G 110 -45.46 -10.44 -0.75
C LYS G 110 -45.07 -9.42 -1.80
N ILE G 111 -44.20 -8.48 -1.45
CA ILE G 111 -43.81 -7.44 -2.42
C ILE G 111 -43.05 -8.08 -3.58
N LEU G 112 -42.11 -8.98 -3.28
CA LEU G 112 -41.34 -9.58 -4.36
C LEU G 112 -42.18 -10.52 -5.22
N GLN G 113 -43.19 -11.16 -4.63
CA GLN G 113 -44.13 -11.92 -5.45
C GLN G 113 -44.95 -11.00 -6.34
N ARG G 114 -45.33 -9.83 -5.80
CA ARG G 114 -46.07 -8.85 -6.58
C ARG G 114 -45.17 -8.16 -7.60
N ALA G 115 -43.85 -8.37 -7.53
CA ALA G 115 -42.92 -7.68 -8.42
C ALA G 115 -43.29 -7.92 -9.88
N LEU G 116 -43.13 -9.14 -10.37
CA LEU G 116 -43.76 -9.46 -11.64
C LEU G 116 -44.76 -10.61 -11.51
N LYS G 117 -44.30 -11.81 -11.16
CA LYS G 117 -45.20 -12.85 -10.70
C LYS G 117 -44.58 -13.73 -9.61
N ASN G 118 -43.24 -13.86 -9.64
CA ASN G 118 -42.55 -14.82 -8.79
C ASN G 118 -41.07 -14.44 -8.71
N VAL G 119 -40.40 -14.98 -7.70
CA VAL G 119 -38.96 -14.81 -7.50
C VAL G 119 -38.55 -15.84 -6.45
N THR G 120 -37.33 -16.37 -6.56
CA THR G 120 -36.86 -17.36 -5.59
C THR G 120 -36.22 -16.61 -4.42
N VAL G 121 -36.94 -16.51 -3.32
CA VAL G 121 -36.49 -15.74 -2.17
C VAL G 121 -36.25 -16.68 -1.00
N SER G 122 -35.10 -16.54 -0.35
CA SER G 122 -34.78 -17.36 0.82
C SER G 122 -34.17 -16.48 1.90
N PHE G 123 -34.53 -16.77 3.14
CA PHE G 123 -34.06 -16.03 4.31
C PHE G 123 -33.21 -16.92 5.20
N ARG G 124 -32.25 -16.30 5.91
CA ARG G 124 -31.40 -17.05 6.87
C ARG G 124 -30.91 -16.07 7.94
N GLU G 125 -31.47 -16.15 9.15
CA GLU G 125 -31.05 -15.25 10.26
C GLU G 125 -29.62 -15.60 10.67
N THR G 126 -28.79 -14.59 10.99
CA THR G 126 -27.38 -14.83 11.39
C THR G 126 -27.08 -13.97 12.63
N GLU G 127 -25.95 -14.22 13.30
CA GLU G 127 -25.62 -13.50 14.56
C GLU G 127 -25.45 -12.00 14.30
N GLU G 128 -25.62 -11.17 15.34
CA GLU G 128 -25.56 -9.69 15.19
C GLU G 128 -26.72 -9.23 14.29
N ASN G 129 -27.88 -9.87 14.38
CA ASN G 129 -29.10 -9.46 13.61
C ASN G 129 -28.79 -9.35 12.11
N ALA G 130 -28.00 -10.29 11.58
CA ALA G 130 -27.62 -10.25 10.15
C ALA G 130 -28.57 -11.13 9.33
N VAL G 131 -29.73 -10.61 8.94
CA VAL G 131 -30.58 -11.45 8.10
C VAL G 131 -29.99 -11.46 6.70
N TRP G 132 -29.65 -12.64 6.20
CA TRP G 132 -29.13 -12.79 4.85
C TRP G 132 -30.23 -13.31 3.95
N ILE G 133 -30.42 -12.66 2.80
CA ILE G 133 -31.50 -12.98 1.89
C ILE G 133 -30.89 -13.28 0.54
N ARG G 134 -31.20 -14.49 0.04
CA ARG G 134 -30.76 -14.90 -1.31
C ARG G 134 -31.95 -14.71 -2.26
N ILE G 135 -31.74 -14.00 -3.36
CA ILE G 135 -32.80 -13.71 -4.32
C ILE G 135 -32.34 -14.18 -5.69
N ALA G 136 -33.14 -15.03 -6.32
CA ALA G 136 -32.92 -15.48 -7.69
C ALA G 136 -34.06 -14.94 -8.55
N TRP G 137 -33.71 -14.16 -9.56
CA TRP G 137 -34.68 -13.42 -10.34
C TRP G 137 -35.21 -14.26 -11.49
N GLY G 138 -36.47 -14.02 -11.83
CA GLY G 138 -37.09 -14.71 -12.94
C GLY G 138 -38.14 -13.83 -13.60
N THR G 139 -38.26 -13.96 -14.92
CA THR G 139 -39.17 -13.13 -15.68
C THR G 139 -40.58 -13.71 -15.64
N GLN G 140 -41.50 -13.03 -16.33
CA GLN G 140 -42.90 -13.41 -16.35
C GLN G 140 -43.14 -14.76 -17.01
N TYR G 141 -42.20 -15.26 -17.81
CA TYR G 141 -42.44 -16.48 -18.57
C TYR G 141 -41.34 -17.52 -18.36
N THR G 142 -40.51 -17.38 -17.33
CA THR G 142 -39.45 -18.33 -17.08
C THR G 142 -39.26 -18.51 -15.57
N LYS G 143 -38.89 -19.72 -15.20
CA LYS G 143 -38.55 -20.00 -13.81
C LYS G 143 -37.31 -19.19 -13.41
N PRO G 144 -37.26 -18.66 -12.19
CA PRO G 144 -36.10 -17.87 -11.78
C PRO G 144 -34.80 -18.65 -11.90
N ASN G 145 -33.77 -17.97 -12.39
CA ASN G 145 -32.50 -18.62 -12.65
C ASN G 145 -31.66 -18.70 -11.37
N GLN G 146 -31.09 -19.87 -11.12
CA GLN G 146 -30.25 -20.10 -9.94
C GLN G 146 -28.77 -19.88 -10.25
N TYR G 147 -28.43 -19.55 -11.48
CA TYR G 147 -27.04 -19.31 -11.85
C TYR G 147 -26.62 -17.87 -11.73
N LYS G 148 -27.56 -16.93 -11.56
CA LYS G 148 -27.27 -15.51 -11.43
C LYS G 148 -27.99 -14.97 -10.21
N PRO G 149 -27.54 -15.34 -9.01
CA PRO G 149 -28.23 -14.91 -7.79
C PRO G 149 -27.69 -13.60 -7.27
N THR G 150 -28.43 -13.02 -6.32
CA THR G 150 -28.01 -11.83 -5.61
C THR G 150 -28.24 -12.01 -4.12
N TYR G 151 -27.47 -11.28 -3.32
CA TYR G 151 -27.51 -11.39 -1.87
C TYR G 151 -27.72 -10.02 -1.25
N VAL G 152 -28.63 -9.95 -0.28
CA VAL G 152 -28.87 -8.72 0.45
C VAL G 152 -28.85 -9.01 1.95
N VAL G 153 -28.12 -8.17 2.68
CA VAL G 153 -27.91 -8.33 4.11
C VAL G 153 -28.61 -7.18 4.81
N TYR G 154 -29.51 -7.51 5.73
CA TYR G 154 -30.30 -6.52 6.45
C TYR G 154 -30.05 -6.63 7.94
N TYR G 155 -29.96 -5.48 8.59
CA TYR G 155 -29.77 -5.40 10.04
C TYR G 155 -31.01 -4.75 10.63
N SER G 156 -31.60 -5.42 11.61
CA SER G 156 -32.88 -4.96 12.16
C SER G 156 -32.74 -3.60 12.85
N GLN G 157 -33.73 -2.75 12.62
CA GLN G 157 -33.79 -1.43 13.25
C GLN G 157 -32.53 -0.60 12.98
N THR G 158 -32.01 -0.70 11.76
CA THR G 158 -30.80 0.01 11.37
C THR G 158 -31.05 0.77 10.09
N PRO G 159 -30.36 1.89 9.88
CA PRO G 159 -30.53 2.67 8.64
C PRO G 159 -29.67 2.23 7.47
N TYR G 160 -29.06 1.05 7.51
CA TYR G 160 -28.16 0.61 6.46
C TYR G 160 -28.47 -0.82 6.04
N ALA G 161 -28.18 -1.12 4.78
CA ALA G 161 -28.31 -2.47 4.24
C ALA G 161 -27.21 -2.70 3.22
N PHE G 162 -26.84 -3.97 3.03
CA PHE G 162 -25.75 -4.33 2.13
C PHE G 162 -26.30 -5.16 0.97
N THR G 163 -25.76 -4.95 -0.23
CA THR G 163 -26.20 -5.71 -1.39
C THR G 163 -25.02 -6.07 -2.27
N SER G 164 -25.02 -7.31 -2.76
CA SER G 164 -24.07 -7.73 -3.79
C SER G 164 -24.69 -7.49 -5.15
N SER G 165 -24.03 -6.67 -5.95
CA SER G 165 -24.56 -6.25 -7.23
C SER G 165 -23.79 -6.98 -8.34
N SER G 166 -24.27 -8.18 -8.68
CA SER G 166 -23.72 -8.91 -9.81
C SER G 166 -24.59 -8.75 -11.05
N MET G 167 -25.91 -8.76 -10.87
CA MET G 167 -26.85 -8.57 -11.96
C MET G 167 -28.02 -7.70 -11.53
N LEU G 168 -27.89 -7.01 -10.40
CA LEU G 168 -28.94 -6.14 -9.89
C LEU G 168 -29.15 -4.90 -10.75
N ARG G 169 -28.23 -4.61 -11.67
CA ARG G 169 -28.38 -3.44 -12.53
C ARG G 169 -29.54 -3.62 -13.50
N ARG G 170 -30.02 -4.86 -13.65
CA ARG G 170 -31.21 -5.09 -14.46
C ARG G 170 -32.43 -4.42 -13.85
N ASN G 171 -32.71 -4.68 -12.58
CA ASN G 171 -33.82 -4.04 -11.88
C ASN G 171 -33.36 -3.64 -10.49
N THR G 172 -32.77 -2.45 -10.38
CA THR G 172 -32.32 -1.92 -9.10
C THR G 172 -33.46 -1.28 -8.30
N PRO G 173 -34.30 -0.41 -8.90
CA PRO G 173 -35.33 0.25 -8.08
C PRO G 173 -36.31 -0.71 -7.42
N LEU G 174 -36.56 -1.86 -8.05
CA LEU G 174 -37.49 -2.83 -7.47
C LEU G 174 -37.01 -3.31 -6.11
N LEU G 175 -35.75 -3.74 -6.02
CA LEU G 175 -35.20 -4.21 -4.75
C LEU G 175 -35.20 -3.09 -3.71
N GLY G 176 -34.84 -1.88 -4.13
CA GLY G 176 -34.82 -0.76 -3.19
C GLY G 176 -36.18 -0.44 -2.63
N GLN G 177 -37.20 -0.37 -3.49
CA GLN G 177 -38.54 -0.05 -3.01
C GLN G 177 -39.08 -1.17 -2.14
N ALA G 178 -38.81 -2.43 -2.52
CA ALA G 178 -39.24 -3.54 -1.69
C ALA G 178 -38.59 -3.48 -0.30
N LEU G 179 -37.29 -3.20 -0.26
CA LEU G 179 -36.59 -3.14 1.00
C LEU G 179 -37.10 -2.00 1.87
N THR G 180 -37.32 -0.82 1.27
CA THR G 180 -37.77 0.31 2.08
C THR G 180 -39.21 0.14 2.55
N ILE G 181 -40.07 -0.48 1.74
CA ILE G 181 -41.43 -0.72 2.22
C ILE G 181 -41.45 -1.80 3.29
N ALA G 182 -40.56 -2.80 3.19
CA ALA G 182 -40.52 -3.84 4.22
C ALA G 182 -39.90 -3.31 5.51
N SER G 183 -38.97 -2.36 5.40
CA SER G 183 -38.30 -1.79 6.57
C SER G 183 -39.12 -0.67 7.19
N LYS G 184 -40.28 -0.36 6.64
CA LYS G 184 -41.15 0.71 7.13
C LYS G 184 -40.39 2.05 7.15
N HIS G 185 -39.58 2.23 6.12
CA HIS G 185 -38.81 3.46 5.94
C HIS G 185 -39.16 4.09 4.60
N HIS G 186 -39.16 5.42 4.58
CA HIS G 186 -39.70 6.15 3.43
C HIS G 186 -38.63 6.42 2.36
N GLN G 187 -37.56 7.11 2.73
CA GLN G 187 -36.53 7.49 1.77
C GLN G 187 -35.43 6.44 1.75
N ILE G 188 -35.07 6.00 0.55
CA ILE G 188 -33.98 5.05 0.37
C ILE G 188 -33.04 5.59 -0.70
N VAL G 189 -31.75 5.62 -0.39
CA VAL G 189 -30.74 6.19 -1.28
C VAL G 189 -29.55 5.24 -1.35
N LYS G 190 -28.79 5.36 -2.43
CA LYS G 190 -27.55 4.59 -2.60
C LYS G 190 -26.37 5.55 -2.51
N MET G 191 -25.56 5.40 -1.47
CA MET G 191 -24.32 6.14 -1.40
C MET G 191 -23.28 5.49 -2.31
N ASP G 192 -22.39 6.31 -2.85
CA ASP G 192 -21.35 5.84 -3.76
C ASP G 192 -20.18 5.28 -2.94
N LEU G 193 -20.38 4.07 -2.40
CA LEU G 193 -19.32 3.37 -1.63
C LEU G 193 -19.32 1.89 -2.02
N ARG G 194 -18.27 1.41 -2.70
CA ARG G 194 -18.25 0.00 -3.20
C ARG G 194 -16.94 -0.71 -2.80
N SER G 195 -17.03 -1.92 -2.21
CA SER G 195 -15.81 -2.66 -1.78
C SER G 195 -16.06 -4.17 -1.73
N ARG G 196 -15.00 -4.98 -1.60
CA ARG G 196 -15.14 -6.43 -1.55
C ARG G 196 -15.03 -7.01 -0.15
N TYR G 197 -14.20 -6.43 0.71
CA TYR G 197 -14.08 -6.90 2.09
C TYR G 197 -15.33 -6.47 2.85
N LEU G 198 -16.26 -7.41 3.02
CA LEU G 198 -17.56 -7.06 3.61
C LEU G 198 -17.42 -6.71 5.08
N ASP G 199 -16.52 -7.40 5.80
CA ASP G 199 -16.34 -7.11 7.22
C ASP G 199 -15.79 -5.71 7.45
N SER G 200 -14.86 -5.27 6.60
CA SER G 200 -14.36 -3.91 6.71
C SER G 200 -15.46 -2.89 6.43
N LEU G 201 -16.37 -3.22 5.50
CA LEU G 201 -17.53 -2.37 5.29
C LEU G 201 -18.38 -2.31 6.55
N LYS G 202 -18.59 -3.47 7.18
CA LYS G 202 -19.29 -3.51 8.46
C LYS G 202 -18.66 -2.54 9.46
N ALA G 203 -17.35 -2.61 9.60
CA ALA G 203 -16.65 -1.76 10.56
C ALA G 203 -16.78 -0.28 10.20
N ILE G 204 -16.64 0.06 8.91
CA ILE G 204 -16.58 1.45 8.51
C ILE G 204 -17.96 2.11 8.59
N VAL G 205 -19.02 1.37 8.24
CA VAL G 205 -20.34 2.00 8.22
C VAL G 205 -20.81 2.29 9.64
N PHE G 206 -20.54 1.39 10.58
CA PHE G 206 -20.96 1.55 11.96
C PHE G 206 -19.90 2.21 12.83
N LYS G 207 -18.74 2.53 12.28
CA LYS G 207 -17.62 3.07 13.04
C LYS G 207 -17.27 2.14 14.21
N GLN G 208 -17.29 0.84 13.91
CA GLN G 208 -17.01 -0.20 14.89
C GLN G 208 -15.52 -0.53 14.99
N TYR G 209 -14.70 0.09 14.15
CA TYR G 209 -13.27 -0.18 14.16
C TYR G 209 -12.61 0.31 15.44
N MET G 233 20.79 3.92 20.92
CA MET G 233 21.04 2.98 19.82
C MET G 233 22.01 3.57 18.82
N ASP G 234 23.30 3.23 18.97
CA ASP G 234 24.37 3.71 18.08
C ASP G 234 24.41 5.24 18.06
N SER G 235 24.77 5.80 19.22
CA SER G 235 24.76 7.24 19.42
C SER G 235 25.75 7.96 18.50
N ARG G 236 26.70 7.23 17.89
CA ARG G 236 27.64 7.88 16.99
C ARG G 236 26.91 8.52 15.80
N ILE G 237 25.85 7.86 15.31
CA ILE G 237 25.04 8.47 14.27
C ILE G 237 24.28 9.65 14.84
N ILE G 238 24.34 10.78 14.16
CA ILE G 238 23.66 12.01 14.57
C ILE G 238 22.68 12.36 13.46
N HIS G 239 21.45 11.88 13.56
CA HIS G 239 20.43 12.21 12.58
C HIS G 239 20.14 13.71 12.60
N GLU G 240 20.07 14.29 11.40
CA GLU G 240 19.67 15.68 11.24
C GLU G 240 18.28 15.71 10.63
N ASN G 241 17.62 16.86 10.77
CA ASN G 241 16.21 17.02 10.42
C ASN G 241 15.31 16.06 11.20
N ILE G 242 15.74 15.66 12.40
CA ILE G 242 14.97 14.71 13.19
C ILE G 242 13.63 15.33 13.59
N VAL G 243 13.56 16.65 13.68
CA VAL G 243 12.29 17.30 13.95
C VAL G 243 11.29 17.01 12.84
N GLU G 244 11.74 16.99 11.58
CA GLU G 244 10.84 16.65 10.49
C GLU G 244 10.34 15.22 10.61
N LYS G 245 11.22 14.28 10.94
CA LYS G 245 10.82 12.89 11.06
C LYS G 245 9.82 12.71 12.20
N GLU G 246 10.08 13.34 13.34
CA GLU G 246 9.19 13.18 14.53
C GLU G 246 7.85 13.89 14.28
N ARG G 247 7.84 14.99 13.52
CA ARG G 247 6.58 15.63 13.18
C ARG G 247 5.78 14.81 12.19
N VAL G 248 6.43 14.25 11.17
CA VAL G 248 5.70 13.49 10.17
C VAL G 248 5.15 12.19 10.77
N GLN G 249 5.94 11.51 11.61
CA GLN G 249 5.43 10.29 12.22
C GLN G 249 4.28 10.59 13.18
N ARG G 250 4.39 11.69 13.94
CA ARG G 250 3.30 12.06 14.85
C ARG G 250 2.03 12.40 14.09
N ILE G 251 2.16 13.15 13.00
CA ILE G 251 0.99 13.51 12.20
C ILE G 251 0.36 12.27 11.58
N THR G 252 1.18 11.36 11.05
CA THR G 252 0.66 10.13 10.47
C THR G 252 -0.06 9.29 11.51
N GLN G 253 0.52 9.17 12.71
CA GLN G 253 -0.11 8.40 13.77
C GLN G 253 -1.43 9.03 14.21
N GLU G 254 -1.47 10.35 14.33
CA GLU G 254 -2.69 11.04 14.74
C GLU G 254 -3.77 10.91 13.66
N THR G 255 -3.39 10.93 12.39
CA THR G 255 -4.37 10.83 11.32
C THR G 255 -4.89 9.41 11.17
N PHE G 256 -4.02 8.41 11.28
CA PHE G 256 -4.41 7.02 11.08
C PHE G 256 -4.76 6.32 12.39
N GLY G 257 -3.83 6.24 13.33
CA GLY G 257 -4.06 5.60 14.61
C GLY G 257 -3.40 4.24 14.69
N ASP G 258 -3.16 3.82 15.93
CA ASP G 258 -2.54 2.53 16.21
C ASP G 258 -3.40 1.34 15.82
N TYR G 259 -4.72 1.50 15.82
CA TYR G 259 -5.61 0.40 15.50
C TYR G 259 -5.41 -0.04 14.04
N PRO G 260 -5.56 -1.33 13.77
CA PRO G 260 -5.49 -1.79 12.38
C PRO G 260 -6.60 -1.18 11.54
N GLN G 261 -6.21 -0.49 10.48
CA GLN G 261 -7.18 0.19 9.63
C GLN G 261 -8.05 -0.83 8.89
N PRO G 262 -9.28 -0.44 8.57
CA PRO G 262 -10.17 -1.37 7.85
C PRO G 262 -9.59 -1.77 6.50
N GLN G 263 -9.80 -3.04 6.16
CA GLN G 263 -9.24 -3.60 4.94
C GLN G 263 -10.06 -3.14 3.74
N LEU G 264 -9.64 -2.04 3.12
CA LEU G 264 -10.31 -1.52 1.94
C LEU G 264 -9.39 -1.74 0.74
N GLU G 265 -9.99 -2.00 -0.42
CA GLU G 265 -9.20 -2.54 -1.53
C GLU G 265 -9.27 -1.70 -2.80
N PHE G 266 -10.25 -0.81 -2.92
CA PHE G 266 -10.42 -0.06 -4.16
C PHE G 266 -10.86 1.35 -3.84
N ALA G 267 -10.30 2.31 -4.57
CA ALA G 267 -10.75 3.69 -4.45
C ALA G 267 -10.70 4.33 -5.83
N GLN G 268 -11.51 5.37 -6.02
CA GLN G 268 -11.54 6.07 -7.30
C GLN G 268 -12.11 7.46 -7.10
N TYR G 269 -11.37 8.46 -7.57
CA TYR G 269 -11.81 9.85 -7.51
C TYR G 269 -12.01 10.37 -8.92
N LYS G 270 -13.13 11.06 -9.14
CA LYS G 270 -13.41 11.70 -10.43
C LYS G 270 -13.37 13.21 -10.20
N LEU G 271 -12.35 13.87 -10.75
CA LEU G 271 -12.10 15.26 -10.46
C LEU G 271 -12.23 16.11 -11.72
N GLU G 272 -12.69 17.35 -11.53
CA GLU G 272 -12.81 18.32 -12.62
C GLU G 272 -12.57 19.70 -12.01
N THR G 273 -11.32 20.18 -12.11
CA THR G 273 -10.93 21.42 -11.46
C THR G 273 -10.09 22.25 -12.41
N LYS G 274 -10.04 23.56 -12.15
CA LYS G 274 -9.29 24.48 -12.99
C LYS G 274 -7.80 24.18 -12.91
N PHE G 275 -7.11 24.42 -14.04
CA PHE G 275 -5.68 24.16 -14.12
C PHE G 275 -4.91 25.08 -13.17
N LYS G 276 -5.01 26.39 -13.38
CA LYS G 276 -4.36 27.40 -12.54
C LYS G 276 -2.87 27.14 -12.41
N SER G 277 -2.24 26.80 -13.53
CA SER G 277 -0.81 26.54 -13.56
C SER G 277 -0.21 26.85 -14.92
N GLU G 289 -12.07 26.55 -18.90
CA GLU G 289 -11.79 25.18 -19.29
C GLU G 289 -11.00 24.45 -18.21
N PRO G 290 -11.70 23.73 -17.35
CA PRO G 290 -11.05 22.99 -16.27
C PRO G 290 -10.62 21.59 -16.70
N LEU G 291 -9.47 21.17 -16.17
CA LEU G 291 -8.97 19.84 -16.43
C LEU G 291 -9.80 18.81 -15.68
N ARG G 292 -10.18 17.74 -16.38
CA ARG G 292 -10.98 16.66 -15.82
C ARG G 292 -10.06 15.46 -15.58
N CYS G 293 -9.87 15.11 -14.32
CA CYS G 293 -8.98 14.04 -13.93
C CYS G 293 -9.79 12.86 -13.39
N LEU G 294 -9.20 11.68 -13.46
CA LEU G 294 -9.86 10.45 -13.02
C LEU G 294 -8.82 9.46 -12.51
N ILE G 295 -8.76 9.25 -11.20
CA ILE G 295 -7.72 8.42 -10.61
C ILE G 295 -8.37 7.20 -9.96
N LYS G 296 -7.67 6.07 -10.01
CA LYS G 296 -8.09 4.86 -9.31
C LYS G 296 -6.92 4.33 -8.50
N PHE G 297 -7.17 4.12 -7.21
CA PHE G 297 -6.19 3.51 -6.31
C PHE G 297 -6.53 2.04 -6.11
N SER G 298 -5.59 1.18 -6.48
CA SER G 298 -5.76 -0.26 -6.33
C SER G 298 -4.69 -0.78 -5.38
N SER G 299 -5.11 -1.55 -4.38
CA SER G 299 -4.19 -2.06 -3.38
C SER G 299 -4.80 -3.23 -2.63
N PRO G 300 -4.07 -4.34 -2.46
CA PRO G 300 -4.59 -5.42 -1.62
C PRO G 300 -4.84 -5.00 -0.19
N HIS G 301 -4.13 -3.98 0.29
CA HIS G 301 -4.37 -3.41 1.63
C HIS G 301 -4.17 -1.90 1.54
N LEU G 302 -5.26 -1.19 1.32
CA LEU G 302 -5.19 0.27 1.38
C LEU G 302 -5.13 0.73 2.84
N LEU G 303 -4.99 2.04 3.02
CA LEU G 303 -4.97 2.69 4.33
C LEU G 303 -3.71 2.30 5.11
N GLU G 304 -2.90 1.40 4.54
CA GLU G 304 -1.62 1.02 5.12
C GLU G 304 -0.45 1.51 4.28
N ALA G 305 -0.50 1.30 2.97
CA ALA G 305 0.46 1.96 2.09
C ALA G 305 0.30 3.47 2.17
N LEU G 306 -0.94 3.95 2.19
CA LEU G 306 -1.19 5.36 2.46
C LEU G 306 -0.66 5.77 3.82
N LYS G 307 -0.71 4.85 4.80
CA LYS G 307 -0.15 5.13 6.10
C LYS G 307 1.38 5.22 6.04
N SER G 308 2.00 4.47 5.14
CA SER G 308 3.46 4.44 5.04
C SER G 308 4.02 5.45 4.05
N LEU G 309 3.17 6.14 3.29
CA LEU G 309 3.68 7.13 2.33
C LEU G 309 4.46 8.24 3.04
N ALA G 310 3.86 8.83 4.07
CA ALA G 310 4.53 9.90 4.80
C ALA G 310 5.82 9.45 5.46
N PRO G 311 5.87 8.31 6.19
CA PRO G 311 7.17 7.85 6.70
C PRO G 311 8.18 7.57 5.60
N ALA G 312 7.74 7.08 4.44
CA ALA G 312 8.66 6.85 3.34
C ALA G 312 9.06 8.15 2.65
N GLY G 313 8.42 9.26 2.97
CA GLY G 313 8.74 10.54 2.40
C GLY G 313 8.12 10.83 1.06
N ILE G 314 7.31 9.92 0.52
CA ILE G 314 6.67 10.10 -0.78
C ILE G 314 5.71 11.28 -0.80
N ALA G 315 4.89 11.45 0.23
CA ALA G 315 3.95 12.56 0.29
C ALA G 315 4.31 13.47 1.46
N ASP G 316 3.63 14.61 1.52
CA ASP G 316 3.89 15.57 2.58
C ASP G 316 3.43 15.00 3.92
N ALA G 317 3.88 15.63 5.01
CA ALA G 317 3.50 15.16 6.35
C ALA G 317 1.99 15.21 6.56
N PRO G 318 1.29 16.33 6.30
CA PRO G 318 -0.17 16.27 6.33
C PRO G 318 -0.74 15.85 4.99
N LEU G 319 -1.39 14.68 4.96
CA LEU G 319 -2.01 14.24 3.73
C LEU G 319 -3.26 15.07 3.43
N SER G 320 -3.63 15.09 2.16
CA SER G 320 -4.78 15.87 1.75
C SER G 320 -6.07 15.28 2.34
N PRO G 321 -7.08 16.11 2.57
CA PRO G 321 -8.33 15.59 3.13
C PRO G 321 -9.01 14.56 2.25
N LEU G 322 -8.72 14.55 0.95
CA LEU G 322 -9.30 13.56 0.05
C LEU G 322 -8.83 12.14 0.37
N LEU G 323 -7.78 11.98 1.16
CA LEU G 323 -7.29 10.67 1.56
C LEU G 323 -7.37 10.40 3.05
N THR G 324 -7.55 11.43 3.88
CA THR G 324 -7.57 11.27 5.32
C THR G 324 -8.98 11.11 5.90
N CYS G 325 -10.00 11.13 5.04
CA CYS G 325 -11.38 11.05 5.50
C CYS G 325 -12.11 9.83 4.94
N ILE G 326 -11.38 8.86 4.40
CA ILE G 326 -11.98 7.66 3.84
C ILE G 326 -12.78 6.91 4.91
N PRO G 327 -12.24 6.65 6.11
CA PRO G 327 -13.09 6.09 7.16
C PRO G 327 -13.94 7.15 7.84
N ASN G 328 -13.51 8.42 7.80
CA ASN G 328 -14.24 9.48 8.48
C ASN G 328 -15.52 9.82 7.72
N LYS G 329 -15.38 10.28 6.47
CA LYS G 329 -16.54 10.66 5.68
C LYS G 329 -17.37 9.46 5.25
N ARG G 330 -16.87 8.24 5.44
CA ARG G 330 -17.58 7.01 4.97
C ARG G 330 -17.90 7.18 3.50
N MET G 331 -16.91 7.59 2.70
CA MET G 331 -17.07 7.85 1.28
C MET G 331 -16.00 7.09 0.51
N ASN G 332 -16.37 6.58 -0.67
CA ASN G 332 -15.43 5.80 -1.46
C ASN G 332 -15.23 6.41 -2.84
N TYR G 333 -16.30 6.93 -3.43
CA TYR G 333 -16.24 7.62 -4.71
C TYR G 333 -16.43 9.11 -4.46
N PHE G 334 -15.55 9.92 -5.06
CA PHE G 334 -15.46 11.33 -4.72
C PHE G 334 -15.55 12.18 -5.97
N LYS G 335 -16.22 13.31 -5.84
CA LYS G 335 -16.25 14.36 -6.85
C LYS G 335 -16.11 15.71 -6.15
N ILE G 336 -15.06 16.44 -6.50
CA ILE G 336 -14.74 17.71 -5.85
C ILE G 336 -14.47 18.75 -6.93
N ARG G 337 -14.97 19.97 -6.72
CA ARG G 337 -14.75 21.07 -7.63
C ARG G 337 -14.38 22.31 -6.84
N ASP G 338 -13.62 23.20 -7.48
CA ASP G 338 -13.18 24.43 -6.85
C ASP G 338 -14.30 25.46 -6.79
N GLY H 16 45.40 -20.25 -8.74
CA GLY H 16 46.37 -20.60 -7.70
C GLY H 16 46.67 -19.44 -6.76
N VAL H 17 47.67 -18.64 -7.12
CA VAL H 17 48.02 -17.48 -6.31
C VAL H 17 46.88 -16.47 -6.28
N LEU H 18 46.08 -16.41 -7.35
CA LEU H 18 44.92 -15.54 -7.34
C LEU H 18 43.83 -16.09 -6.42
N ALA H 19 43.63 -17.41 -6.44
CA ALA H 19 42.75 -18.01 -5.44
C ALA H 19 43.30 -17.78 -4.04
N HIS H 20 44.62 -17.78 -3.89
CA HIS H 20 45.23 -17.51 -2.59
C HIS H 20 44.94 -16.09 -2.13
N LEU H 21 45.09 -15.11 -3.03
CA LEU H 21 44.76 -13.75 -2.65
C LEU H 21 43.28 -13.61 -2.29
N GLU H 22 42.40 -14.27 -3.05
CA GLU H 22 40.97 -14.19 -2.73
C GLU H 22 40.69 -14.78 -1.36
N ARG H 23 41.31 -15.92 -1.03
CA ARG H 23 41.12 -16.47 0.32
C ARG H 23 41.79 -15.58 1.36
N LEU H 24 42.72 -14.72 0.93
CA LEU H 24 43.22 -13.70 1.85
C LEU H 24 42.18 -12.62 2.12
N GLU H 25 41.48 -12.11 1.09
CA GLU H 25 40.41 -11.15 1.41
C GLU H 25 39.26 -11.81 2.16
N THR H 26 39.09 -13.13 2.04
CA THR H 26 38.06 -13.79 2.85
C THR H 26 38.29 -13.52 4.33
N GLN H 27 39.56 -13.48 4.75
CA GLN H 27 39.92 -13.06 6.09
C GLN H 27 39.63 -11.57 6.26
N ASN H 89 7.70 14.79 52.94
CA ASN H 89 7.22 16.16 53.07
C ASN H 89 6.41 16.57 51.83
N GLU H 90 7.04 17.33 50.95
CA GLU H 90 6.37 17.77 49.74
C GLU H 90 6.00 16.58 48.86
N GLN H 91 6.91 15.62 48.72
CA GLN H 91 6.61 14.42 47.94
C GLN H 91 5.48 13.62 48.59
N GLU H 92 5.48 13.50 49.91
CA GLU H 92 4.41 12.78 50.59
C GLU H 92 3.07 13.48 50.40
N ALA H 93 3.05 14.81 50.49
CA ALA H 93 1.82 15.55 50.27
C ALA H 93 1.33 15.39 48.84
N LEU H 94 2.25 15.44 47.87
CA LEU H 94 1.85 15.25 46.47
C LEU H 94 1.29 13.86 46.24
N GLU H 95 1.91 12.84 46.83
CA GLU H 95 1.40 11.48 46.70
C GLU H 95 0.03 11.34 47.34
N GLU H 96 -0.16 11.96 48.51
CA GLU H 96 -1.48 11.91 49.16
C GLU H 96 -2.54 12.59 48.31
N LYS H 97 -2.22 13.74 47.73
CA LYS H 97 -3.17 14.41 46.84
C LYS H 97 -3.47 13.56 45.62
N LEU H 98 -2.44 12.92 45.05
CA LEU H 98 -2.64 12.09 43.88
C LEU H 98 -3.54 10.89 44.18
N GLU H 99 -3.33 10.24 45.32
CA GLU H 99 -4.17 9.09 45.65
C GLU H 99 -5.59 9.54 46.01
N ASN H 100 -5.74 10.70 46.63
CA ASN H 100 -7.08 11.22 46.89
C ASN H 100 -7.83 11.51 45.59
N VAL H 101 -7.17 12.16 44.63
CA VAL H 101 -7.86 12.48 43.37
C VAL H 101 -8.10 11.22 42.56
N LYS H 102 -7.22 10.22 42.69
CA LYS H 102 -7.46 8.93 42.04
C LYS H 102 -8.68 8.24 42.64
N ALA H 103 -8.81 8.27 43.97
CA ALA H 103 -10.00 7.71 44.60
C ALA H 103 -11.27 8.44 44.18
N ILE H 104 -11.18 9.77 44.07
CA ILE H 104 -12.33 10.55 43.60
C ILE H 104 -12.67 10.18 42.16
N LEU H 105 -11.65 9.96 41.32
CA LEU H 105 -11.90 9.55 39.93
C LEU H 105 -12.55 8.18 39.88
N GLN H 106 -12.11 7.25 40.74
CA GLN H 106 -12.75 5.94 40.80
C GLN H 106 -14.20 6.06 41.24
N ALA H 107 -14.47 6.92 42.22
CA ALA H 107 -15.85 7.16 42.65
C ALA H 107 -16.69 7.74 41.52
N TYR H 108 -16.12 8.68 40.76
CA TYR H 108 -16.82 9.22 39.60
C TYR H 108 -17.11 8.15 38.58
N HIS H 109 -16.17 7.22 38.38
CA HIS H 109 -16.42 6.09 37.47
C HIS H 109 -17.55 5.21 37.99
N PHE H 110 -17.61 5.01 39.31
CA PHE H 110 -18.60 4.12 39.90
C PHE H 110 -20.01 4.67 39.85
N THR H 111 -20.20 5.93 39.48
CA THR H 111 -21.52 6.56 39.43
C THR H 111 -21.69 7.25 38.09
N GLY H 112 -22.95 7.34 37.63
CA GLY H 112 -23.26 8.04 36.41
C GLY H 112 -22.49 7.56 35.20
N LEU H 113 -21.56 8.39 34.74
CA LEU H 113 -20.73 8.09 33.58
C LEU H 113 -19.27 8.39 33.89
N SER H 114 -18.42 8.17 32.89
CA SER H 114 -16.99 8.40 33.02
C SER H 114 -16.48 9.19 31.82
N GLY H 115 -15.39 9.92 32.02
CA GLY H 115 -14.78 10.68 30.95
C GLY H 115 -13.29 10.82 31.17
N LYS H 116 -12.54 10.48 30.12
CA LYS H 116 -11.09 10.56 30.14
C LYS H 116 -10.64 11.52 29.06
N LEU H 117 -10.21 12.71 29.47
CA LEU H 117 -9.85 13.75 28.52
C LEU H 117 -8.57 13.36 27.78
N THR H 118 -8.59 13.48 26.46
CA THR H 118 -7.45 13.19 25.61
C THR H 118 -7.08 14.42 24.79
N SER H 119 -6.11 14.23 23.89
CA SER H 119 -5.66 15.34 23.05
C SER H 119 -6.74 15.78 22.07
N ARG H 120 -7.38 14.84 21.37
CA ARG H 120 -8.39 15.17 20.38
C ARG H 120 -9.80 15.23 20.94
N GLY H 121 -9.99 14.93 22.23
CA GLY H 121 -11.30 14.98 22.82
C GLY H 121 -11.41 14.17 24.10
N VAL H 122 -12.61 13.71 24.43
CA VAL H 122 -12.84 12.90 25.61
C VAL H 122 -13.47 11.59 25.17
N CYS H 123 -12.84 10.48 25.52
CA CYS H 123 -13.40 9.15 25.30
C CYS H 123 -14.37 8.84 26.45
N VAL H 124 -15.48 9.57 26.44
CA VAL H 124 -16.49 9.51 27.50
C VAL H 124 -17.01 8.09 27.65
N CYS H 125 -16.91 7.55 28.86
CA CYS H 125 -17.37 6.19 29.16
C CYS H 125 -18.72 6.30 29.87
N ILE H 126 -19.73 5.65 29.30
CA ILE H 126 -21.06 5.60 29.88
C ILE H 126 -21.25 4.25 30.55
N SER H 127 -21.76 4.26 31.78
CA SER H 127 -21.92 3.06 32.59
C SER H 127 -23.40 2.70 32.68
N THR H 128 -23.69 1.40 32.66
CA THR H 128 -25.05 0.88 32.66
C THR H 128 -25.24 -0.09 33.82
N ALA H 129 -26.40 0.00 34.46
CA ALA H 129 -26.78 -0.92 35.53
C ALA H 129 -28.29 -0.91 35.69
N PHE H 130 -28.80 -1.96 36.33
CA PHE H 130 -30.24 -2.07 36.57
C PHE H 130 -30.46 -3.04 37.73
N GLU H 131 -31.30 -2.63 38.69
CA GLU H 131 -31.66 -3.43 39.84
C GLU H 131 -30.41 -3.93 40.58
N GLY H 132 -29.45 -3.02 40.73
CA GLY H 132 -28.22 -3.34 41.42
C GLY H 132 -27.35 -4.34 40.70
N ASN H 133 -27.56 -4.53 39.41
CA ASN H 133 -26.77 -5.47 38.61
C ASN H 133 -25.91 -4.65 37.65
N LEU H 134 -24.59 -4.72 37.82
CA LEU H 134 -23.69 -4.02 36.93
C LEU H 134 -23.80 -4.58 35.53
N LEU H 135 -23.90 -3.68 34.55
CA LEU H 135 -24.08 -4.07 33.16
C LEU H 135 -22.93 -3.52 32.33
N ASP H 136 -22.90 -3.91 31.06
CA ASP H 136 -21.80 -3.53 30.18
C ASP H 136 -21.79 -2.03 29.96
N SER H 137 -20.59 -1.45 29.94
CA SER H 137 -20.42 -0.02 29.75
C SER H 137 -19.81 0.26 28.38
N TYR H 138 -20.22 1.38 27.78
CA TYR H 138 -19.79 1.75 26.45
C TYR H 138 -18.93 3.00 26.54
N PHE H 139 -18.38 3.42 25.41
CA PHE H 139 -17.66 4.70 25.37
C PHE H 139 -17.76 5.29 23.98
N VAL H 140 -17.61 6.61 23.93
CA VAL H 140 -17.70 7.38 22.70
C VAL H 140 -16.58 8.42 22.69
N ASP H 141 -15.94 8.57 21.54
CA ASP H 141 -14.89 9.58 21.40
C ASP H 141 -15.49 10.91 20.99
N LEU H 142 -14.82 12.00 21.39
CA LEU H 142 -15.28 13.35 21.10
C LEU H 142 -14.19 14.14 20.42
N VAL H 143 -14.60 15.22 19.75
CA VAL H 143 -13.68 16.21 19.20
C VAL H 143 -14.05 17.55 19.81
N ILE H 144 -13.09 18.19 20.48
CA ILE H 144 -13.36 19.44 21.18
C ILE H 144 -13.47 20.64 20.24
N GLN H 145 -13.14 20.48 18.97
CA GLN H 145 -13.16 21.59 18.03
C GLN H 145 -14.62 21.93 17.70
N LYS H 146 -14.86 23.15 17.23
CA LYS H 146 -16.21 23.68 17.00
C LYS H 146 -17.06 22.80 16.09
N PRO H 147 -16.55 22.30 14.94
CA PRO H 147 -17.38 21.35 14.18
C PRO H 147 -17.45 20.00 14.89
N LEU H 148 -18.35 19.95 15.89
CA LEU H 148 -18.50 18.78 16.75
C LEU H 148 -18.77 17.52 15.94
N ARG H 149 -17.87 16.54 16.06
CA ARG H 149 -17.95 15.32 15.28
C ARG H 149 -17.62 14.13 16.17
N ILE H 150 -18.21 12.98 15.84
CA ILE H 150 -17.96 11.73 16.54
C ILE H 150 -17.09 10.87 15.64
N HIS H 151 -15.77 10.92 15.83
CA HIS H 151 -14.85 10.16 15.00
C HIS H 151 -14.74 8.70 15.42
N HIS H 152 -15.21 8.35 16.63
CA HIS H 152 -15.15 6.98 17.09
C HIS H 152 -16.17 6.82 18.22
N HIS H 153 -16.83 5.67 18.25
CA HIS H 153 -17.80 5.38 19.30
C HIS H 153 -18.00 3.88 19.38
N SER H 154 -18.49 3.42 20.53
CA SER H 154 -18.76 2.01 20.76
C SER H 154 -20.23 1.71 20.97
N VAL H 155 -21.09 2.73 21.05
CA VAL H 155 -22.52 2.49 21.24
C VAL H 155 -23.09 1.79 20.01
N PRO H 156 -23.93 0.76 20.16
CA PRO H 156 -24.49 0.08 18.99
C PRO H 156 -25.37 1.02 18.17
N VAL H 157 -25.42 0.75 16.87
CA VAL H 157 -25.99 1.70 15.93
C VAL H 157 -27.52 1.77 16.07
N PHE H 158 -28.15 0.65 16.45
CA PHE H 158 -29.61 0.64 16.47
C PHE H 158 -30.17 1.57 17.55
N ILE H 159 -29.35 2.01 18.50
CA ILE H 159 -29.76 3.06 19.42
C ILE H 159 -29.76 4.38 18.64
N PRO H 160 -30.87 5.10 18.58
CA PRO H 160 -30.92 6.35 17.82
C PRO H 160 -30.20 7.46 18.56
N LEU H 161 -29.16 8.03 17.92
CA LEU H 161 -28.43 9.13 18.48
C LEU H 161 -28.21 10.28 17.52
N GLU H 162 -28.17 10.00 16.21
CA GLU H 162 -27.94 11.06 15.23
C GLU H 162 -29.08 12.07 15.23
N GLU H 163 -30.31 11.61 15.38
CA GLU H 163 -31.43 12.53 15.58
C GLU H 163 -31.26 13.29 16.89
N ILE H 164 -30.88 12.58 17.95
CA ILE H 164 -30.61 13.24 19.22
C ILE H 164 -29.39 14.15 19.09
N ALA H 165 -28.46 13.78 18.21
CA ALA H 165 -27.31 14.64 17.94
C ALA H 165 -27.76 15.96 17.33
N ALA H 166 -28.59 15.90 16.29
CA ALA H 166 -29.12 17.12 15.70
C ALA H 166 -30.00 17.88 16.69
N LYS H 167 -30.55 17.18 17.68
CA LYS H 167 -31.39 17.83 18.66
C LYS H 167 -30.57 18.63 19.68
N TYR H 168 -29.68 17.94 20.40
CA TYR H 168 -29.03 18.55 21.57
C TYR H 168 -27.52 18.35 21.63
N LEU H 169 -26.88 17.84 20.56
CA LEU H 169 -25.42 17.72 20.61
C LEU H 169 -24.76 19.08 20.47
N GLN H 170 -25.28 19.93 19.57
CA GLN H 170 -24.70 21.25 19.39
C GLN H 170 -25.07 22.19 20.54
N THR H 171 -26.31 22.10 21.03
CA THR H 171 -26.81 22.98 22.08
C THR H 171 -27.30 22.14 23.25
N ASN H 172 -26.99 22.59 24.47
CA ASN H 172 -27.34 21.89 25.69
C ASN H 172 -26.77 20.46 25.69
N ILE H 173 -25.45 20.40 25.68
CA ILE H 173 -24.74 19.12 25.61
C ILE H 173 -25.04 18.28 26.86
N GLN H 174 -25.25 18.92 28.00
CA GLN H 174 -25.53 18.18 29.23
C GLN H 174 -26.81 17.37 29.10
N HIS H 175 -27.86 17.96 28.54
CA HIS H 175 -29.10 17.21 28.33
C HIS H 175 -28.90 16.09 27.32
N PHE H 176 -28.06 16.33 26.30
CA PHE H 176 -27.71 15.29 25.35
C PHE H 176 -27.11 14.08 26.03
N LEU H 177 -26.10 14.30 26.87
CA LEU H 177 -25.48 13.20 27.58
C LEU H 177 -26.44 12.53 28.56
N PHE H 178 -27.25 13.30 29.28
CA PHE H 178 -28.20 12.69 30.20
C PHE H 178 -29.20 11.81 29.47
N SER H 179 -29.72 12.30 28.34
CA SER H 179 -30.69 11.53 27.57
C SER H 179 -30.06 10.25 27.02
N LEU H 180 -28.85 10.34 26.48
CA LEU H 180 -28.23 9.13 25.94
C LEU H 180 -27.90 8.15 27.06
N CYS H 181 -27.53 8.66 28.24
CA CYS H 181 -27.31 7.78 29.37
C CYS H 181 -28.59 7.06 29.75
N GLU H 182 -29.72 7.77 29.79
CA GLU H 182 -30.99 7.12 30.09
C GLU H 182 -31.32 6.06 29.05
N TYR H 183 -31.10 6.38 27.77
CA TYR H 183 -31.46 5.44 26.72
C TYR H 183 -30.60 4.18 26.79
N LEU H 184 -29.29 4.34 26.97
CA LEU H 184 -28.42 3.19 27.10
C LEU H 184 -28.74 2.36 28.34
N ASN H 185 -29.07 3.03 29.45
CA ASN H 185 -29.45 2.30 30.65
C ASN H 185 -30.70 1.47 30.40
N ALA H 186 -31.69 2.07 29.72
CA ALA H 186 -32.92 1.33 29.43
C ALA H 186 -32.65 0.13 28.53
N TYR H 187 -31.83 0.33 27.50
CA TYR H 187 -31.51 -0.77 26.59
C TYR H 187 -30.77 -1.88 27.33
N SER H 188 -29.82 -1.51 28.18
CA SER H 188 -29.07 -2.49 28.94
C SER H 188 -29.98 -3.27 29.89
N GLY H 189 -30.92 -2.56 30.55
CA GLY H 189 -31.85 -3.25 31.42
C GLY H 189 -32.74 -4.22 30.67
N ARG H 190 -33.22 -3.81 29.49
CA ARG H 190 -34.06 -4.69 28.69
C ARG H 190 -33.28 -5.92 28.26
N LYS H 191 -32.04 -5.74 27.80
CA LYS H 191 -31.23 -6.88 27.37
C LYS H 191 -30.91 -7.80 28.54
N TYR H 192 -30.65 -7.21 29.72
CA TYR H 192 -30.37 -8.02 30.89
C TYR H 192 -31.60 -8.84 31.28
N GLN H 193 -32.78 -8.23 31.25
CA GLN H 193 -34.00 -9.00 31.53
C GLN H 193 -34.17 -10.12 30.52
N ALA H 194 -33.94 -9.83 29.25
CA ALA H 194 -34.15 -10.82 28.20
C ALA H 194 -33.22 -12.02 28.36
N ASP H 195 -31.92 -11.75 28.50
CA ASP H 195 -30.98 -12.87 28.56
C ASP H 195 -31.03 -13.56 29.91
N ARG H 196 -31.42 -12.84 30.97
CA ARG H 196 -31.66 -13.50 32.26
C ARG H 196 -32.81 -14.48 32.15
N LEU H 197 -33.90 -14.08 31.48
CA LEU H 197 -34.98 -15.01 31.20
C LEU H 197 -34.53 -16.19 30.38
N GLN H 198 -33.74 -15.93 29.33
CA GLN H 198 -33.30 -17.01 28.45
C GLN H 198 -32.44 -18.01 29.21
N SER H 199 -31.53 -17.53 30.06
CA SER H 199 -30.61 -18.42 30.76
C SER H 199 -31.28 -19.16 31.91
N ASP H 200 -32.08 -18.45 32.72
CA ASP H 200 -32.53 -19.02 33.99
C ASP H 200 -33.89 -19.71 33.87
N PHE H 201 -34.91 -18.97 33.45
CA PHE H 201 -36.28 -19.47 33.47
C PHE H 201 -36.69 -20.15 32.18
N ALA H 202 -35.73 -20.73 31.45
CA ALA H 202 -36.04 -21.48 30.24
C ALA H 202 -36.70 -22.81 30.57
N ALA H 203 -36.73 -23.16 31.85
CA ALA H 203 -37.28 -24.44 32.27
C ALA H 203 -38.76 -24.55 31.92
N LEU H 204 -39.54 -23.50 32.19
CA LEU H 204 -40.97 -23.51 31.90
C LEU H 204 -41.30 -22.89 30.56
N LEU H 205 -40.31 -22.45 29.79
CA LEU H 205 -40.57 -21.91 28.46
C LEU H 205 -40.67 -23.04 27.45
N THR H 206 -41.62 -22.90 26.52
CA THR H 206 -41.87 -23.93 25.52
C THR H 206 -41.34 -23.57 24.13
N GLY H 207 -40.78 -22.38 23.96
CA GLY H 207 -40.27 -21.97 22.68
C GLY H 207 -39.34 -20.77 22.77
N PRO H 208 -38.48 -20.60 21.77
CA PRO H 208 -37.57 -19.44 21.77
C PRO H 208 -38.34 -18.14 21.67
N LEU H 209 -37.78 -17.11 22.31
CA LEU H 209 -38.38 -15.78 22.33
C LEU H 209 -37.82 -14.98 21.16
N GLN H 210 -38.71 -14.25 20.48
CA GLN H 210 -38.28 -13.39 19.39
C GLN H 210 -37.99 -11.99 19.92
N ARG H 211 -36.74 -11.55 19.80
CA ARG H 211 -36.32 -10.27 20.36
C ARG H 211 -35.68 -9.42 19.28
N ASN H 212 -35.98 -8.14 19.31
CA ASN H 212 -35.35 -7.14 18.47
C ASN H 212 -34.04 -6.68 19.09
N PRO H 213 -33.11 -6.18 18.28
CA PRO H 213 -31.85 -5.68 18.86
C PRO H 213 -32.05 -4.62 19.91
N LEU H 214 -33.01 -3.72 19.71
CA LEU H 214 -33.35 -2.71 20.69
C LEU H 214 -34.30 -3.24 21.77
N CYS H 215 -34.92 -4.40 21.53
CA CYS H 215 -35.79 -5.07 22.51
C CYS H 215 -37.02 -4.22 22.84
N ASN H 216 -37.45 -3.38 21.89
CA ASN H 216 -38.71 -2.68 22.07
C ASN H 216 -39.90 -3.62 22.03
N LEU H 217 -39.85 -4.65 21.19
CA LEU H 217 -40.90 -5.65 21.08
C LEU H 217 -40.39 -6.98 21.57
N LEU H 218 -41.15 -7.62 22.45
CA LEU H 218 -40.84 -8.97 22.92
C LEU H 218 -42.03 -9.88 22.65
N SER H 219 -41.74 -11.08 22.16
CA SER H 219 -42.80 -12.06 21.90
C SER H 219 -42.29 -13.43 22.30
N PHE H 220 -43.03 -14.11 23.17
CA PHE H 220 -42.61 -15.41 23.65
C PHE H 220 -43.85 -16.21 24.07
N THR H 221 -43.62 -17.46 24.43
CA THR H 221 -44.68 -18.34 24.93
C THR H 221 -44.16 -19.07 26.16
N TYR H 222 -45.05 -19.37 27.10
CA TYR H 222 -44.67 -20.01 28.35
C TYR H 222 -45.80 -20.87 28.90
N LYS H 223 -45.39 -21.95 29.57
CA LYS H 223 -46.30 -22.86 30.24
C LYS H 223 -46.05 -22.82 31.73
N LEU H 224 -47.09 -22.63 32.52
CA LEU H 224 -46.99 -22.63 33.97
C LEU H 224 -47.82 -23.77 34.54
N ASP H 225 -47.25 -24.45 35.54
CA ASP H 225 -47.91 -25.60 36.14
C ASP H 225 -48.43 -25.26 37.53
N GLN H 229 -52.55 -26.72 38.07
CA GLN H 229 -52.77 -27.16 36.70
C GLN H 229 -51.83 -26.43 35.74
N SER H 230 -51.76 -26.93 34.51
CA SER H 230 -50.88 -26.35 33.50
C SER H 230 -51.69 -25.49 32.54
N PHE H 231 -51.21 -24.27 32.30
CA PHE H 231 -51.88 -23.32 31.40
C PHE H 231 -50.88 -22.81 30.39
N PRO H 232 -51.20 -22.79 29.10
CA PRO H 232 -50.31 -22.19 28.11
C PRO H 232 -50.64 -20.71 27.91
N PHE H 233 -49.61 -19.91 27.65
CA PHE H 233 -49.79 -18.50 27.35
C PHE H 233 -48.77 -18.06 26.32
N CYS H 234 -49.07 -16.99 25.60
CA CYS H 234 -48.16 -16.35 24.67
C CYS H 234 -48.25 -14.85 24.90
N ALA H 235 -47.12 -14.23 25.23
CA ALA H 235 -47.08 -12.84 25.65
C ALA H 235 -46.31 -12.01 24.63
N ARG H 236 -46.77 -10.77 24.45
CA ARG H 236 -46.15 -9.78 23.59
C ARG H 236 -46.12 -8.45 24.33
N LEU H 237 -44.92 -7.90 24.48
CA LEU H 237 -44.68 -6.69 25.24
C LEU H 237 -44.16 -5.61 24.29
N LEU H 238 -44.69 -4.40 24.43
CA LEU H 238 -44.32 -3.26 23.61
C LEU H 238 -43.58 -2.26 24.48
N TYR H 239 -42.26 -2.18 24.31
CA TYR H 239 -41.46 -1.19 25.01
C TYR H 239 -41.25 0.03 24.10
N LYS H 240 -42.38 0.59 23.67
CA LYS H 240 -42.34 1.73 22.76
C LYS H 240 -41.84 2.99 23.45
N ASP H 241 -41.95 3.07 24.77
CA ASP H 241 -41.37 4.17 25.53
C ASP H 241 -39.91 3.86 25.76
N LEU H 242 -39.04 4.46 24.95
CA LEU H 242 -37.64 4.04 24.91
C LEU H 242 -36.88 4.45 26.16
N THR H 243 -37.29 5.51 26.83
CA THR H 243 -36.55 6.01 27.98
C THR H 243 -36.77 5.18 29.24
N ALA H 244 -37.76 4.29 29.25
CA ALA H 244 -38.06 3.49 30.43
C ALA H 244 -37.80 2.01 30.17
N THR H 245 -37.66 1.26 31.27
CA THR H 245 -37.41 -0.18 31.20
C THR H 245 -38.68 -0.99 31.40
N LEU H 246 -39.84 -0.35 31.50
CA LEU H 246 -41.09 -1.05 31.72
C LEU H 246 -42.02 -0.87 30.52
N PRO H 247 -42.66 -1.94 30.06
CA PRO H 247 -43.54 -1.82 28.89
C PRO H 247 -44.79 -1.02 29.23
N THR H 248 -45.40 -0.44 28.19
CA THR H 248 -46.65 0.27 28.36
C THR H 248 -47.85 -0.58 27.95
N ASP H 249 -47.71 -1.39 26.91
CA ASP H 249 -48.79 -2.23 26.43
C ASP H 249 -48.30 -3.67 26.30
N VAL H 250 -48.96 -4.58 27.00
CA VAL H 250 -48.68 -6.01 26.93
C VAL H 250 -49.98 -6.73 26.59
N THR H 251 -49.88 -7.75 25.74
CA THR H 251 -51.02 -8.60 25.40
C THR H 251 -50.61 -10.06 25.49
N VAL H 252 -51.40 -10.85 26.21
CA VAL H 252 -51.13 -12.27 26.37
C VAL H 252 -52.40 -13.03 25.99
N THR H 253 -52.23 -14.11 25.23
CA THR H 253 -53.35 -14.90 24.75
C THR H 253 -52.87 -16.30 24.41
N CYS H 254 -53.82 -17.15 24.03
CA CYS H 254 -53.50 -18.51 23.61
C CYS H 254 -54.38 -18.91 22.44
N GLN H 255 -53.81 -19.68 21.52
CA GLN H 255 -54.52 -20.16 20.34
C GLN H 255 -54.68 -21.68 20.42
N GLY H 256 -55.88 -22.15 20.07
CA GLY H 256 -56.18 -23.55 20.06
C GLY H 256 -57.00 -24.03 21.23
N VAL H 257 -57.12 -23.22 22.30
CA VAL H 257 -57.90 -23.58 23.48
C VAL H 257 -59.00 -22.55 23.64
N GLU H 258 -60.23 -23.02 23.85
CA GLU H 258 -61.35 -22.14 24.08
C GLU H 258 -61.51 -21.90 25.58
N VAL H 259 -61.91 -20.68 25.93
CA VAL H 259 -61.95 -20.23 27.32
C VAL H 259 -62.96 -21.09 28.08
N LEU H 260 -62.52 -21.68 29.19
CA LEU H 260 -63.34 -22.58 29.97
C LEU H 260 -63.30 -22.32 31.47
N SER H 261 -62.25 -21.65 31.98
CA SER H 261 -62.10 -21.39 33.40
C SER H 261 -61.90 -19.90 33.62
N THR H 262 -62.74 -19.31 34.49
CA THR H 262 -62.57 -17.91 34.83
C THR H 262 -61.27 -17.69 35.58
N SER H 263 -60.80 -18.71 36.30
CA SER H 263 -59.51 -18.62 36.98
C SER H 263 -58.38 -18.44 35.98
N TRP H 264 -58.46 -19.12 34.83
CA TRP H 264 -57.45 -18.97 33.79
C TRP H 264 -57.36 -17.53 33.31
N GLU H 265 -58.51 -16.90 33.06
CA GLU H 265 -58.51 -15.48 32.70
C GLU H 265 -58.01 -14.63 33.85
N GLU H 266 -58.22 -15.09 35.09
CA GLU H 266 -57.70 -14.37 36.24
C GLU H 266 -56.18 -14.36 36.26
N GLN H 267 -55.54 -15.51 36.02
CA GLN H 267 -54.08 -15.51 35.93
C GLN H 267 -53.61 -14.73 34.71
N ARG H 268 -54.39 -14.75 33.64
CA ARG H 268 -54.06 -13.94 32.47
C ARG H 268 -53.99 -12.46 32.85
N ALA H 269 -55.01 -11.95 33.52
CA ALA H 269 -55.03 -10.55 33.94
C ALA H 269 -53.92 -10.27 34.95
N SER H 270 -53.68 -11.19 35.86
CA SER H 270 -52.62 -11.00 36.85
C SER H 270 -51.26 -10.87 36.18
N HIS H 271 -50.97 -11.75 35.21
CA HIS H 271 -49.73 -11.65 34.47
C HIS H 271 -49.67 -10.35 33.67
N GLU H 272 -50.79 -9.95 33.08
CA GLU H 272 -50.85 -8.67 32.37
C GLU H 272 -50.40 -7.53 33.27
N THR H 273 -50.98 -7.45 34.47
CA THR H 273 -50.60 -6.40 35.41
C THR H 273 -49.14 -6.54 35.82
N LEU H 274 -48.67 -7.78 35.99
CA LEU H 274 -47.29 -7.99 36.42
C LEU H 274 -46.30 -7.46 35.38
N PHE H 275 -46.53 -7.76 34.10
CA PHE H 275 -45.65 -7.20 33.08
C PHE H 275 -45.80 -5.69 32.98
N CYS H 276 -47.03 -5.18 33.07
CA CYS H 276 -47.25 -3.75 32.93
C CYS H 276 -46.69 -2.93 34.08
N THR H 277 -46.43 -3.55 35.23
CA THR H 277 -45.99 -2.83 36.42
C THR H 277 -44.59 -3.21 36.87
N LYS H 278 -44.30 -4.50 37.03
CA LYS H 278 -43.06 -4.95 37.64
C LYS H 278 -42.16 -5.62 36.63
N PRO H 279 -40.85 -5.72 36.92
CA PRO H 279 -39.93 -6.37 35.97
C PRO H 279 -40.29 -7.82 35.70
N LEU H 280 -39.71 -8.34 34.63
CA LEU H 280 -40.06 -9.64 34.07
C LEU H 280 -39.61 -10.81 34.94
N HIS H 281 -38.28 -10.93 35.13
CA HIS H 281 -37.77 -12.05 35.91
C HIS H 281 -38.24 -11.99 37.35
N GLN H 282 -38.48 -10.78 37.87
CA GLN H 282 -38.97 -10.65 39.24
C GLN H 282 -40.34 -11.31 39.40
N VAL H 283 -41.29 -10.98 38.53
CA VAL H 283 -42.62 -11.59 38.64
C VAL H 283 -42.57 -13.07 38.29
N PHE H 284 -41.69 -13.46 37.37
CA PHE H 284 -41.57 -14.88 37.06
C PHE H 284 -41.12 -15.68 38.26
N ALA H 285 -40.06 -15.22 38.94
CA ALA H 285 -39.63 -15.86 40.18
C ALA H 285 -40.70 -15.75 41.25
N SER H 286 -41.51 -14.69 41.21
CA SER H 286 -42.55 -14.50 42.21
C SER H 286 -43.61 -15.58 42.12
N PHE H 287 -44.13 -15.85 40.91
CA PHE H 287 -45.22 -16.81 40.85
C PHE H 287 -44.71 -18.24 40.73
N THR H 288 -43.57 -18.45 40.06
CA THR H 288 -43.06 -19.81 39.91
C THR H 288 -42.69 -20.41 41.25
N ARG H 289 -42.08 -19.64 42.14
CA ARG H 289 -41.70 -20.13 43.45
C ARG H 289 -42.93 -20.27 44.34
N SER I 53 9.78 17.22 41.52
CA SER I 53 8.41 17.32 41.98
C SER I 53 7.62 18.32 41.13
N LYS I 54 8.34 19.17 40.40
CA LYS I 54 7.69 20.16 39.55
C LYS I 54 6.88 19.51 38.44
N ASP I 55 7.46 18.50 37.77
CA ASP I 55 6.71 17.77 36.75
C ASP I 55 5.53 17.02 37.35
N LEU I 56 5.74 16.40 38.51
CA LEU I 56 4.64 15.72 39.19
C LEU I 56 3.55 16.71 39.59
N LYS I 57 3.95 17.90 40.07
CA LYS I 57 2.95 18.91 40.42
C LYS I 57 2.17 19.37 39.20
N ASN I 58 2.86 19.56 38.06
CA ASN I 58 2.16 19.96 36.85
C ASN I 58 1.20 18.89 36.37
N GLN I 59 1.62 17.62 36.42
CA GLN I 59 0.73 16.53 36.03
C GLN I 59 -0.48 16.44 36.95
N LEU I 60 -0.25 16.61 38.27
CA LEU I 60 -1.36 16.61 39.21
C LEU I 60 -2.32 17.76 38.95
N GLY I 61 -1.79 18.94 38.62
CA GLY I 61 -2.66 20.07 38.30
C GLY I 61 -3.48 19.82 37.05
N HIS I 62 -2.86 19.22 36.03
CA HIS I 62 -3.59 18.90 34.80
C HIS I 62 -4.70 17.88 35.08
N LEU I 63 -4.38 16.86 35.88
CA LEU I 63 -5.40 15.87 36.23
C LEU I 63 -6.51 16.50 37.07
N GLU I 64 -6.16 17.44 37.96
CA GLU I 64 -7.16 18.13 38.75
C GLU I 64 -8.08 18.97 37.87
N SER I 65 -7.50 19.63 36.86
CA SER I 65 -8.33 20.39 35.92
C SER I 65 -9.28 19.46 35.16
N GLU I 66 -8.78 18.31 34.74
CA GLU I 66 -9.64 17.33 34.07
C GLU I 66 -10.76 16.86 34.99
N LEU I 67 -10.43 16.59 36.25
CA LEU I 67 -11.44 16.14 37.21
C LEU I 67 -12.48 17.22 37.45
N SER I 68 -12.05 18.49 37.53
CA SER I 68 -13.01 19.58 37.70
C SER I 68 -13.91 19.70 36.47
N PHE I 69 -13.34 19.51 35.28
CA PHE I 69 -14.15 19.54 34.05
C PHE I 69 -15.21 18.44 34.08
N LEU I 70 -14.81 17.24 34.47
CA LEU I 70 -15.78 16.14 34.55
C LEU I 70 -16.82 16.39 35.64
N SER I 71 -16.41 16.99 36.76
CA SER I 71 -17.35 17.32 37.82
C SER I 71 -18.39 18.32 37.34
N THR I 72 -17.95 19.32 36.57
CA THR I 72 -18.91 20.23 35.95
C THR I 72 -19.80 19.49 34.96
N LEU I 73 -19.23 18.55 34.21
CA LEU I 73 -20.00 17.75 33.27
C LEU I 73 -21.05 16.89 33.96
N THR I 74 -20.85 16.55 35.23
CA THR I 74 -21.85 15.81 35.98
C THR I 74 -22.58 16.65 37.01
N GLY I 75 -22.05 17.81 37.37
CA GLY I 75 -22.70 18.65 38.35
C GLY I 75 -22.61 18.16 39.77
N ILE I 76 -21.81 17.13 40.01
CA ILE I 76 -21.66 16.52 41.34
C ILE I 76 -20.20 16.53 41.72
N ASN I 77 -19.91 16.96 42.95
CA ASN I 77 -18.55 16.99 43.47
C ASN I 77 -18.45 15.99 44.61
N ILE I 78 -17.66 14.94 44.42
CA ILE I 78 -17.46 13.92 45.44
C ILE I 78 -16.31 14.36 46.32
N ARG I 79 -16.61 14.64 47.59
CA ARG I 79 -15.61 15.20 48.50
C ARG I 79 -14.57 14.16 48.90
N ASN I 80 -15.01 12.95 49.24
CA ASN I 80 -14.11 11.94 49.79
C ASN I 80 -14.40 10.60 49.14
N HIS I 81 -13.39 9.72 49.15
CA HIS I 81 -13.54 8.36 48.68
C HIS I 81 -12.58 7.46 49.45
N SER I 82 -13.12 6.40 50.04
CA SER I 82 -12.32 5.42 50.79
C SER I 82 -12.66 4.04 50.24
N LYS I 83 -11.64 3.30 49.84
CA LYS I 83 -11.80 2.01 49.21
C LYS I 83 -11.23 0.89 50.09
N GLN I 84 -12.01 -0.18 50.23
CA GLN I 84 -11.57 -1.38 50.92
C GLN I 84 -11.92 -2.57 50.06
N THR I 85 -11.07 -3.60 50.12
CA THR I 85 -11.26 -4.77 49.27
C THR I 85 -10.94 -6.04 50.07
N GLU I 86 -11.84 -7.01 50.01
CA GLU I 86 -11.65 -8.31 50.64
C GLU I 86 -11.94 -9.40 49.62
N ASP I 87 -11.33 -10.57 49.81
CA ASP I 87 -11.53 -11.71 48.93
C ASP I 87 -12.07 -12.89 49.73
N LEU I 88 -13.18 -13.45 49.26
CA LEU I 88 -13.79 -14.62 49.89
C LEU I 88 -14.04 -15.66 48.81
N THR I 89 -13.14 -16.63 48.70
CA THR I 89 -13.22 -17.67 47.68
C THR I 89 -13.65 -18.98 48.32
N SER I 90 -14.31 -19.82 47.52
CA SER I 90 -14.79 -21.11 47.99
C SER I 90 -13.64 -22.06 48.30
N ARG I 99 -13.85 -16.71 42.15
CA ARG I 99 -13.15 -15.88 43.12
C ARG I 99 -13.95 -14.62 43.45
N LYS I 100 -14.78 -14.73 44.50
CA LYS I 100 -15.61 -13.60 44.90
C LYS I 100 -14.77 -12.56 45.63
N VAL I 101 -14.94 -11.30 45.27
CA VAL I 101 -14.26 -10.19 45.92
C VAL I 101 -15.29 -9.12 46.25
N LEU I 102 -15.25 -8.61 47.47
CA LEU I 102 -16.16 -7.58 47.95
C LEU I 102 -15.39 -6.28 48.11
N GLN I 103 -15.88 -5.22 47.44
CA GLN I 103 -15.26 -3.91 47.50
C GLN I 103 -16.23 -2.91 48.09
N ARG I 104 -15.76 -2.17 49.10
CA ARG I 104 -16.54 -1.18 49.81
C ARG I 104 -15.98 0.20 49.50
N HIS I 105 -16.85 1.13 49.09
CA HIS I 105 -16.44 2.48 48.71
C HIS I 105 -17.29 3.48 49.48
N ARG I 106 -16.69 4.11 50.47
CA ARG I 106 -17.34 5.19 51.20
C ARG I 106 -17.09 6.51 50.50
N LEU I 107 -18.13 7.33 50.36
CA LEU I 107 -17.97 8.60 49.68
C LEU I 107 -18.99 9.61 50.16
N SER I 108 -18.50 10.82 50.45
CA SER I 108 -19.34 11.98 50.71
C SER I 108 -19.25 12.92 49.51
N GLY I 109 -20.38 13.45 49.11
CA GLY I 109 -20.41 14.31 47.95
C GLY I 109 -21.49 15.36 48.07
N ASN I 110 -21.61 16.18 47.03
CA ASN I 110 -22.61 17.23 47.04
C ASN I 110 -22.96 17.62 45.62
N CYS I 111 -24.26 17.86 45.42
CA CYS I 111 -24.77 18.57 44.26
C CYS I 111 -24.89 20.04 44.62
N HIS I 112 -25.20 20.84 43.59
CA HIS I 112 -25.12 22.31 43.69
C HIS I 112 -25.57 22.85 45.04
N MET I 113 -26.77 22.48 45.47
CA MET I 113 -27.32 22.97 46.72
C MET I 113 -27.44 21.91 47.81
N VAL I 114 -27.10 20.65 47.52
CA VAL I 114 -27.40 19.55 48.44
C VAL I 114 -26.11 18.81 48.77
N THR I 115 -26.07 18.23 49.98
CA THR I 115 -24.94 17.43 50.43
C THR I 115 -25.44 16.04 50.83
N PHE I 116 -24.64 15.02 50.54
CA PHE I 116 -25.05 13.64 50.77
C PHE I 116 -23.84 12.80 51.16
N GLN I 117 -24.13 11.69 51.83
CA GLN I 117 -23.12 10.69 52.18
C GLN I 117 -23.65 9.33 51.74
N LEU I 118 -22.77 8.44 51.30
CA LEU I 118 -23.21 7.10 50.97
C LEU I 118 -22.03 6.14 50.96
N GLU I 119 -22.30 4.90 51.37
CA GLU I 119 -21.35 3.82 51.31
C GLU I 119 -22.03 2.63 50.65
N PHE I 120 -21.28 1.85 49.88
CA PHE I 120 -21.84 0.69 49.21
C PHE I 120 -20.79 -0.41 49.14
N GLN I 121 -21.25 -1.64 49.32
CA GLN I 121 -20.41 -2.84 49.18
C GLN I 121 -20.90 -3.60 47.96
N ILE I 122 -19.96 -3.89 47.06
CA ILE I 122 -20.25 -4.52 45.77
C ILE I 122 -19.47 -5.82 45.68
N LEU I 123 -19.99 -6.76 44.88
CA LEU I 123 -19.40 -8.08 44.71
C LEU I 123 -19.00 -8.28 43.25
N GLU I 124 -17.81 -8.82 43.05
CA GLU I 124 -17.33 -9.22 41.73
C GLU I 124 -16.96 -10.70 41.76
N ILE I 125 -17.46 -11.45 40.78
CA ILE I 125 -17.26 -12.89 40.72
C ILE I 125 -16.58 -13.26 39.42
N GLN I 126 -15.57 -14.12 39.52
CA GLN I 126 -14.85 -14.61 38.36
C GLN I 126 -15.74 -15.48 37.49
N LEU I 131 -17.33 -13.42 35.63
CA LEU I 131 -17.15 -12.07 35.11
C LEU I 131 -18.41 -11.24 35.30
N SER I 132 -18.96 -11.27 36.51
CA SER I 132 -20.17 -10.52 36.82
C SER I 132 -19.97 -9.62 38.02
N SER I 133 -20.71 -8.52 38.09
CA SER I 133 -20.61 -7.58 39.19
C SER I 133 -22.00 -7.18 39.63
N ALA I 134 -22.18 -7.10 40.94
CA ALA I 134 -23.46 -6.69 41.52
C ALA I 134 -23.21 -6.15 42.91
N VAL I 135 -23.93 -5.08 43.25
CA VAL I 135 -23.76 -4.41 44.55
C VAL I 135 -24.41 -5.30 45.61
N THR I 136 -23.64 -5.61 46.65
CA THR I 136 -24.20 -6.40 47.75
C THR I 136 -25.18 -5.59 48.58
N ASP I 137 -24.78 -4.40 48.99
CA ASP I 137 -25.60 -3.58 49.88
C ASP I 137 -25.14 -2.13 49.80
N LEU I 138 -25.91 -1.24 50.43
CA LEU I 138 -25.55 0.16 50.48
C LEU I 138 -26.33 0.85 51.59
N ASN I 139 -25.72 1.87 52.19
CA ASN I 139 -26.40 2.80 53.07
C ASN I 139 -26.12 4.22 52.57
N ILE I 140 -27.02 5.15 52.86
CA ILE I 140 -26.95 6.49 52.32
C ILE I 140 -27.70 7.46 53.22
N ILE I 141 -27.12 8.63 53.45
CA ILE I 141 -27.66 9.64 54.35
C ILE I 141 -27.82 10.95 53.61
N MET I 142 -29.00 11.55 53.72
CA MET I 142 -29.31 12.87 53.20
C MET I 142 -29.20 13.89 54.31
N GLU I 143 -29.63 15.11 54.01
CA GLU I 143 -29.76 16.13 55.04
C GLU I 143 -31.24 16.45 55.25
N PRO I 144 -31.65 16.83 56.46
CA PRO I 144 -33.08 17.07 56.70
C PRO I 144 -33.57 18.32 55.98
N THR I 145 -34.58 18.15 55.13
CA THR I 145 -35.17 19.24 54.38
C THR I 145 -36.69 19.10 54.42
N GLU I 146 -37.38 20.10 53.87
CA GLU I 146 -38.84 20.05 53.80
C GLU I 146 -39.31 18.93 52.87
N CYS I 147 -38.60 18.72 51.77
CA CYS I 147 -39.01 17.74 50.78
C CYS I 147 -38.77 16.32 51.28
N SER I 148 -39.65 15.84 52.17
CA SER I 148 -39.53 14.50 52.72
C SER I 148 -39.70 13.40 51.68
N GLU I 149 -40.31 13.71 50.52
CA GLU I 149 -40.42 12.73 49.47
C GLU I 149 -39.05 12.33 48.92
N LEU I 150 -38.08 13.23 49.02
CA LEU I 150 -36.72 12.88 48.62
C LEU I 150 -36.16 11.77 49.48
N SER I 151 -36.43 11.83 50.79
CA SER I 151 -35.94 10.80 51.69
C SER I 151 -36.57 9.44 51.40
N GLU I 152 -37.88 9.41 51.15
CA GLU I 152 -38.52 8.13 50.85
C GLU I 152 -38.08 7.60 49.50
N PHE I 153 -37.84 8.48 48.54
CA PHE I 153 -37.28 8.03 47.27
C PHE I 153 -35.88 7.47 47.45
N VAL I 154 -35.08 8.10 48.32
CA VAL I 154 -33.76 7.58 48.64
C VAL I 154 -33.87 6.19 49.22
N SER I 155 -34.82 5.99 50.13
CA SER I 155 -35.03 4.66 50.71
C SER I 155 -35.40 3.65 49.64
N ARG I 156 -36.35 4.01 48.75
CA ARG I 156 -36.78 3.10 47.70
C ARG I 156 -35.61 2.71 46.81
N ALA I 157 -34.80 3.69 46.41
CA ALA I 157 -33.61 3.38 45.62
C ALA I 157 -32.64 2.50 46.41
N GLU I 158 -32.62 2.66 47.74
CA GLU I 158 -31.76 1.83 48.57
C GLU I 158 -32.18 0.37 48.52
N GLU I 159 -33.48 0.08 48.55
CA GLU I 159 -33.88 -1.30 48.27
C GLU I 159 -33.56 -1.68 46.83
N ARG I 160 -33.77 -0.75 45.90
CA ARG I 160 -33.42 -1.02 44.51
C ARG I 160 -31.91 -1.17 44.32
N LYS I 161 -31.11 -0.58 45.21
CA LYS I 161 -29.66 -0.65 45.15
C LYS I 161 -29.13 -0.17 43.80
N ASP I 162 -29.73 0.91 43.30
CA ASP I 162 -29.38 1.46 41.99
C ASP I 162 -28.72 2.81 42.16
N LEU I 163 -27.62 3.02 41.44
CA LEU I 163 -26.80 4.21 41.63
C LEU I 163 -26.97 5.22 40.50
N PHE I 164 -26.81 4.78 39.25
CA PHE I 164 -26.80 5.72 38.13
C PHE I 164 -28.14 6.43 38.00
N MET I 165 -29.24 5.67 38.03
CA MET I 165 -30.56 6.29 37.98
C MET I 165 -30.79 7.18 39.19
N PHE I 166 -30.32 6.77 40.36
CA PHE I 166 -30.46 7.59 41.56
C PHE I 166 -29.78 8.95 41.38
N PHE I 167 -28.55 8.95 40.88
CA PHE I 167 -27.80 10.20 40.75
C PHE I 167 -28.40 11.08 39.65
N ARG I 168 -28.82 10.48 38.54
CA ARG I 168 -29.48 11.26 37.50
C ARG I 168 -30.78 11.88 38.01
N SER I 169 -31.55 11.11 38.79
CA SER I 169 -32.77 11.62 39.37
C SER I 169 -32.48 12.76 40.34
N LEU I 170 -31.43 12.64 41.14
CA LEU I 170 -31.09 13.70 42.09
C LEU I 170 -30.66 14.97 41.37
N HIS I 171 -29.88 14.83 40.29
CA HIS I 171 -29.46 16.00 39.54
C HIS I 171 -30.66 16.68 38.87
N PHE I 172 -31.54 15.87 38.28
CA PHE I 172 -32.76 16.43 37.64
C PHE I 172 -33.59 17.15 38.70
N PHE I 173 -33.73 16.55 39.89
CA PHE I 173 -34.56 17.15 40.96
C PHE I 173 -33.95 18.50 41.37
N VAL I 174 -32.62 18.56 41.51
CA VAL I 174 -31.93 19.84 41.89
C VAL I 174 -32.05 20.82 40.72
N GLU I 175 -31.96 20.34 39.48
CA GLU I 175 -32.04 21.24 38.30
C GLU I 175 -33.43 21.88 38.27
N TRP I 176 -34.48 21.09 38.50
CA TRP I 176 -35.86 21.66 38.57
C TRP I 176 -35.97 22.58 39.80
N PHE I 177 -35.35 22.20 40.91
CA PHE I 177 -35.40 23.02 42.16
C PHE I 177 -34.72 24.37 41.90
N GLU I 178 -33.51 24.37 41.33
CA GLU I 178 -32.84 25.62 41.01
C GLU I 178 -33.68 26.47 40.08
N TYR I 179 -34.29 25.84 39.07
CA TYR I 179 -35.19 26.57 38.18
C TYR I 179 -36.33 27.21 38.95
N ARG I 180 -36.94 26.45 39.86
CA ARG I 180 -38.07 26.95 40.64
C ARG I 180 -37.65 28.12 41.52
N LYS I 181 -36.51 27.98 42.21
CA LYS I 181 -36.05 29.04 43.09
C LYS I 181 -35.69 30.30 42.30
N ARG I 182 -35.03 30.13 41.16
CA ARG I 182 -34.67 31.30 40.35
C ARG I 182 -35.90 31.99 39.80
N THR I 183 -36.90 31.23 39.35
CA THR I 183 -38.13 31.84 38.87
C THR I 183 -38.85 32.58 39.99
N PHE I 184 -38.89 31.98 41.19
CA PHE I 184 -39.52 32.65 42.33
C PHE I 184 -38.80 33.94 42.69
N LYS I 185 -37.46 33.92 42.70
CA LYS I 185 -36.71 35.14 42.98
C LYS I 185 -36.96 36.19 41.92
N HIS I 186 -37.02 35.78 40.65
CA HIS I 186 -37.25 36.73 39.57
C HIS I 186 -38.63 37.37 39.68
N LEU I 187 -39.66 36.57 39.97
CA LEU I 187 -41.00 37.13 40.09
C LEU I 187 -41.14 38.01 41.32
N LYS I 188 -40.47 37.66 42.42
CA LYS I 188 -40.47 38.54 43.59
C LYS I 188 -39.78 39.85 43.28
N GLU I 189 -38.65 39.79 42.55
CA GLU I 189 -37.93 41.01 42.18
C GLU I 189 -38.78 41.89 41.26
N LYS I 190 -39.51 41.28 40.33
CA LYS I 190 -40.34 42.04 39.40
C LYS I 190 -41.39 42.85 40.14
N TYR I 191 -42.31 42.16 40.82
CA TYR I 191 -43.34 42.82 41.62
C TYR I 191 -43.18 42.38 43.08
N PRO I 192 -42.56 43.20 43.93
CA PRO I 192 -42.38 42.82 45.33
C PRO I 192 -43.53 43.18 46.26
N ASP I 193 -44.59 43.82 45.75
CA ASP I 193 -45.74 44.18 46.56
C ASP I 193 -46.90 43.20 46.45
N ALA I 194 -47.06 42.55 45.31
CA ALA I 194 -48.14 41.60 45.10
C ALA I 194 -47.64 40.16 45.23
N VAL I 195 -46.36 39.99 45.57
CA VAL I 195 -45.76 38.68 45.74
C VAL I 195 -45.42 38.52 47.21
N TYR I 196 -45.93 37.46 47.83
CA TYR I 196 -45.76 37.22 49.26
C TYR I 196 -44.99 35.92 49.45
N LEU I 197 -43.92 35.98 50.23
CA LEU I 197 -43.09 34.80 50.53
C LEU I 197 -43.76 34.01 51.65
N SER I 198 -44.61 33.07 51.25
CA SER I 198 -45.30 32.23 52.23
C SER I 198 -44.35 31.37 53.03
N GLU I 199 -43.36 30.75 52.38
CA GLU I 199 -42.37 29.92 53.06
C GLU I 199 -40.95 30.14 52.54
N GLY I 200 -40.78 30.85 51.42
CA GLY I 200 -39.47 31.13 50.90
C GLY I 200 -39.33 30.80 49.44
N PRO I 201 -38.29 31.34 48.80
CA PRO I 201 -38.04 30.99 47.40
C PRO I 201 -37.75 29.52 47.19
N SER I 202 -37.14 28.85 48.18
CA SER I 202 -36.84 27.43 48.11
C SER I 202 -37.97 26.56 48.65
N SER I 203 -39.20 27.07 48.65
CA SER I 203 -40.35 26.34 49.14
C SER I 203 -41.05 25.65 47.97
N CYS I 204 -42.21 25.05 48.25
CA CYS I 204 -42.96 24.31 47.25
C CYS I 204 -44.05 25.14 46.60
N SER I 205 -44.57 26.16 47.29
CA SER I 205 -45.71 26.91 46.81
C SER I 205 -45.45 28.40 46.95
N MET I 206 -46.18 29.18 46.15
CA MET I 206 -46.14 30.63 46.18
C MET I 206 -47.56 31.18 46.23
N GLY I 207 -47.70 32.36 46.82
CA GLY I 207 -49.02 32.97 46.95
C GLY I 207 -49.04 34.45 46.59
N ILE I 208 -49.98 34.82 45.71
CA ILE I 208 -50.17 36.20 45.30
C ILE I 208 -51.45 36.71 45.94
N ARG I 209 -51.35 37.83 46.65
CA ARG I 209 -52.49 38.43 47.33
C ARG I 209 -52.43 39.94 47.15
N SER I 210 -53.60 40.56 47.03
CA SER I 210 -53.70 42.01 46.94
C SER I 210 -53.64 42.60 48.34
N ALA I 211 -52.73 43.56 48.53
CA ALA I 211 -52.56 44.16 49.85
C ALA I 211 -53.81 44.92 50.28
N SER I 212 -54.42 45.67 49.35
CA SER I 212 -55.62 46.44 49.69
C SER I 212 -56.78 45.53 50.05
N ARG I 213 -56.97 44.46 49.29
CA ARG I 213 -58.08 43.53 49.52
C ARG I 213 -57.51 42.14 49.82
N PRO I 214 -57.43 41.75 51.09
CA PRO I 214 -56.89 40.41 51.43
C PRO I 214 -57.87 39.27 51.21
N GLY I 215 -59.08 39.54 50.72
CA GLY I 215 -60.03 38.46 50.49
C GLY I 215 -59.57 37.48 49.44
N PHE I 216 -59.09 37.98 48.30
CA PHE I 216 -58.52 37.14 47.25
C PHE I 216 -57.11 36.72 47.61
N GLU I 217 -56.79 35.46 47.29
CA GLU I 217 -55.40 35.01 47.26
C GLU I 217 -55.33 33.85 46.27
N LEU I 218 -54.22 33.76 45.56
CA LEU I 218 -54.03 32.66 44.62
C LEU I 218 -52.69 31.99 44.89
N VAL I 219 -52.74 30.68 45.15
CA VAL I 219 -51.56 29.91 45.50
C VAL I 219 -51.27 28.93 44.37
N ILE I 220 -50.03 28.92 43.92
CA ILE I 220 -49.53 27.94 42.97
C ILE I 220 -48.61 27.00 43.73
N VAL I 221 -48.96 25.72 43.74
CA VAL I 221 -48.21 24.69 44.43
C VAL I 221 -47.40 23.92 43.40
N TRP I 222 -46.12 23.74 43.67
CA TRP I 222 -45.18 23.08 42.78
C TRP I 222 -44.49 21.96 43.55
N ARG I 223 -44.68 20.73 43.06
CA ARG I 223 -44.06 19.56 43.73
C ARG I 223 -43.38 18.67 42.69
N ILE I 224 -42.14 18.25 42.96
CA ILE I 224 -41.38 17.38 42.07
C ILE I 224 -41.48 15.95 42.59
N GLN I 225 -41.91 15.04 41.73
CA GLN I 225 -42.09 13.65 42.11
C GLN I 225 -41.24 12.75 41.22
N ILE I 226 -41.01 11.53 41.69
CA ILE I 226 -40.16 10.57 41.02
C ILE I 226 -41.01 9.36 40.62
N ASP I 227 -40.93 8.98 39.35
CA ASP I 227 -41.59 7.76 38.91
C ASP I 227 -40.86 6.54 39.46
N GLU I 228 -41.58 5.42 39.49
CA GLU I 228 -41.02 4.19 40.05
C GLU I 228 -39.78 3.74 39.27
N ASP I 229 -39.80 3.85 37.94
CA ASP I 229 -38.62 3.49 37.15
C ASP I 229 -37.45 4.40 37.44
N GLY I 230 -37.71 5.63 37.89
CA GLY I 230 -36.65 6.57 38.16
C GLY I 230 -36.86 7.89 37.44
N LYS I 231 -37.90 7.96 36.61
CA LYS I 231 -38.21 9.18 35.90
C LYS I 231 -38.69 10.25 36.88
N VAL I 232 -38.34 11.50 36.57
CA VAL I 232 -38.68 12.65 37.39
C VAL I 232 -39.69 13.50 36.64
N PHE I 233 -40.60 14.12 37.39
CA PHE I 233 -41.56 15.02 36.78
C PHE I 233 -42.06 16.06 37.78
N PRO I 234 -42.17 17.31 37.39
CA PRO I 234 -42.78 18.33 38.24
C PRO I 234 -44.29 18.33 38.08
N LYS I 235 -44.96 19.01 39.02
CA LYS I 235 -46.41 19.19 38.93
C LYS I 235 -46.80 20.50 39.58
N LEU I 236 -47.64 21.27 38.90
CA LEU I 236 -48.09 22.58 39.36
C LEU I 236 -49.60 22.63 39.38
N ASP I 237 -50.16 23.08 40.50
CA ASP I 237 -51.61 23.19 40.64
C ASP I 237 -51.95 24.54 41.27
N LEU I 238 -53.16 25.01 41.01
CA LEU I 238 -53.61 26.28 41.57
C LEU I 238 -54.64 26.03 42.66
N LEU I 239 -54.83 27.06 43.49
CA LEU I 239 -56.00 27.12 44.35
C LEU I 239 -56.23 28.58 44.72
N THR I 240 -57.51 28.95 44.83
CA THR I 240 -57.88 30.33 45.13
C THR I 240 -58.56 30.39 46.50
N LYS I 241 -58.01 31.23 47.38
CA LYS I 241 -58.69 31.67 48.59
C LYS I 241 -59.61 32.81 48.16
N VAL I 242 -60.86 32.45 47.87
CA VAL I 242 -61.84 33.36 47.29
C VAL I 242 -63.03 33.43 48.22
N PRO I 243 -63.50 34.61 48.60
CA PRO I 243 -64.77 34.71 49.32
C PRO I 243 -65.94 34.35 48.41
N GLN I 244 -67.01 33.85 49.01
CA GLN I 244 -68.22 33.59 48.23
C GLN I 244 -68.93 34.88 47.87
N ARG I 245 -68.49 36.01 48.47
CA ARG I 245 -68.99 37.31 48.08
C ARG I 245 -68.72 37.57 46.59
N ALA I 246 -67.47 37.38 46.17
CA ALA I 246 -67.14 37.58 44.76
C ALA I 246 -67.81 36.53 43.88
N LEU I 247 -67.99 35.33 44.43
CA LEU I 247 -68.68 34.25 43.67
C LEU I 247 -70.14 34.66 43.45
N GLU I 248 -70.79 35.24 44.47
CA GLU I 248 -72.18 35.73 44.31
C GLU I 248 -72.21 36.88 43.31
N LEU I 249 -71.20 37.76 43.35
CA LEU I 249 -71.16 38.95 42.45
C LEU I 249 -71.31 38.51 40.99
N ASP I 250 -70.38 37.70 40.49
CA ASP I 250 -70.42 37.33 39.09
C ASP I 250 -70.87 35.88 38.95
N LYS I 251 -71.87 35.65 38.10
CA LYS I 251 -72.45 34.32 37.94
C LYS I 251 -71.77 33.51 36.84
N ASN I 252 -70.69 34.02 36.24
CA ASN I 252 -70.00 33.28 35.19
C ASN I 252 -69.45 31.96 35.71
N ARG I 253 -68.84 31.99 36.89
CA ARG I 253 -68.41 30.78 37.60
C ARG I 253 -67.43 29.96 36.77
N ALA I 254 -66.35 30.61 36.32
CA ALA I 254 -65.30 29.91 35.59
C ALA I 254 -64.21 29.38 36.49
N ILE I 255 -64.29 29.64 37.80
CA ILE I 255 -63.26 29.15 38.72
C ILE I 255 -63.35 27.64 38.89
N GLU I 256 -64.49 27.04 38.49
CA GLU I 256 -64.65 25.60 38.63
C GLU I 256 -63.65 24.83 37.78
N THR I 257 -63.41 25.30 36.55
CA THR I 257 -62.46 24.66 35.65
C THR I 257 -61.11 25.35 35.63
N ALA I 258 -60.80 26.15 36.64
CA ALA I 258 -59.54 26.90 36.66
C ALA I 258 -58.29 26.03 36.64
N PRO I 259 -58.17 24.93 37.42
CA PRO I 259 -56.91 24.18 37.43
C PRO I 259 -56.52 23.62 36.07
N LEU I 260 -57.44 22.91 35.42
CA LEU I 260 -57.13 22.30 34.13
C LEU I 260 -56.83 23.36 33.09
N SER I 261 -57.59 24.45 33.09
CA SER I 261 -57.37 25.52 32.13
C SER I 261 -55.99 26.16 32.33
N PHE I 262 -55.61 26.40 33.57
CA PHE I 262 -54.31 27.01 33.84
C PHE I 262 -53.19 26.04 33.47
N ARG I 263 -53.39 24.75 33.72
CA ARG I 263 -52.39 23.77 33.32
C ARG I 263 -52.21 23.77 31.81
N THR I 264 -53.32 23.82 31.07
CA THR I 264 -53.23 23.90 29.62
C THR I 264 -52.53 25.18 29.17
N LEU I 265 -52.82 26.31 29.84
CA LEU I 265 -52.17 27.56 29.50
C LEU I 265 -50.66 27.48 29.71
N VAL I 266 -50.25 26.90 30.84
CA VAL I 266 -48.83 26.75 31.14
C VAL I 266 -48.17 25.84 30.10
N GLY I 267 -48.81 24.72 29.77
CA GLY I 267 -48.29 23.87 28.73
C GLY I 267 -48.18 24.55 27.39
N LEU I 268 -49.09 25.46 27.08
CA LEU I 268 -49.03 26.21 25.83
C LEU I 268 -47.88 27.21 25.84
N LEU I 269 -47.66 27.91 26.96
CA LEU I 269 -46.73 29.03 26.96
C LEU I 269 -45.82 29.09 28.18
N GLY I 270 -45.58 27.98 28.87
CA GLY I 270 -44.60 27.94 29.92
C GLY I 270 -45.12 28.45 31.26
N ILE I 271 -44.23 28.45 32.24
CA ILE I 271 -44.58 28.83 33.61
C ILE I 271 -44.38 30.32 33.83
N GLU I 272 -43.19 30.81 33.44
CA GLU I 272 -42.82 32.23 33.68
C GLU I 272 -43.76 33.18 32.91
N ALA I 273 -44.06 32.86 31.65
CA ALA I 273 -44.97 33.70 30.88
C ALA I 273 -46.38 33.64 31.45
N ALA I 274 -46.80 32.46 31.90
CA ALA I 274 -48.12 32.32 32.51
C ALA I 274 -48.25 33.17 33.76
N LEU I 275 -47.25 33.12 34.64
CA LEU I 275 -47.32 33.92 35.87
C LEU I 275 -47.21 35.41 35.56
N GLU I 276 -46.41 35.78 34.57
CA GLU I 276 -46.30 37.19 34.20
C GLU I 276 -47.63 37.71 33.69
N SER I 277 -48.30 36.95 32.81
CA SER I 277 -49.61 37.36 32.32
C SER I 277 -50.63 37.39 33.47
N LEU I 278 -50.54 36.43 34.38
CA LEU I 278 -51.46 36.38 35.51
C LEU I 278 -51.32 37.62 36.38
N ILE I 279 -50.09 38.02 36.68
CA ILE I 279 -49.88 39.20 37.52
C ILE I 279 -50.17 40.47 36.73
N LYS I 280 -50.05 40.42 35.40
CA LYS I 280 -50.48 41.55 34.58
C LYS I 280 -51.98 41.75 34.66
N SER I 281 -52.74 40.65 34.70
CA SER I 281 -54.19 40.73 34.85
C SER I 281 -54.56 41.27 36.22
N LEU I 282 -53.64 41.24 37.18
CA LEU I 282 -53.92 41.74 38.51
C LEU I 282 -53.60 43.23 38.67
N CYS I 283 -53.19 43.89 37.59
CA CYS I 283 -52.85 45.31 37.65
C CYS I 283 -54.07 46.15 38.00
N GLN J 74 -30.47 -21.72 -51.68
CA GLN J 74 -30.07 -22.78 -50.76
C GLN J 74 -30.89 -24.04 -50.96
N PRO J 75 -30.23 -25.20 -50.97
CA PRO J 75 -30.95 -26.46 -51.11
C PRO J 75 -31.83 -26.75 -49.89
N LEU J 76 -32.65 -27.80 -50.04
CA LEU J 76 -33.55 -28.19 -48.97
C LEU J 76 -32.78 -28.67 -47.74
N SER J 77 -33.28 -28.32 -46.56
CA SER J 77 -32.64 -28.74 -45.33
C SER J 77 -32.70 -30.25 -45.17
N LYS J 78 -31.59 -30.82 -44.67
CA LYS J 78 -31.47 -32.28 -44.61
C LYS J 78 -32.52 -32.92 -43.72
N SER J 79 -32.90 -32.25 -42.63
CA SER J 79 -33.97 -32.78 -41.77
C SER J 79 -35.28 -32.86 -42.54
N THR J 80 -35.58 -31.83 -43.34
CA THR J 80 -36.78 -31.86 -44.17
C THR J 80 -36.72 -32.98 -45.19
N ARG J 81 -35.56 -33.18 -45.80
CA ARG J 81 -35.38 -34.26 -46.81
C ARG J 81 -35.65 -35.62 -46.15
N ASP J 82 -35.01 -35.89 -45.01
CA ASP J 82 -35.17 -37.20 -44.33
C ASP J 82 -36.63 -37.39 -43.90
N HIS J 83 -37.25 -36.34 -43.36
CA HIS J 83 -38.68 -36.42 -42.94
C HIS J 83 -39.53 -36.78 -44.15
N LEU J 84 -39.40 -36.03 -45.25
CA LEU J 84 -40.16 -36.30 -46.47
C LEU J 84 -39.91 -37.71 -46.97
N GLN J 85 -38.66 -38.18 -46.93
CA GLN J 85 -38.36 -39.53 -47.36
C GLN J 85 -39.06 -40.55 -46.48
N THR J 86 -39.10 -40.31 -45.17
CA THR J 86 -39.81 -41.21 -44.27
C THR J 86 -41.31 -41.25 -44.62
N MET J 87 -41.90 -40.09 -44.89
CA MET J 87 -43.32 -40.07 -45.25
C MET J 87 -43.57 -40.79 -46.58
N MET J 88 -42.68 -40.61 -47.56
CA MET J 88 -42.84 -41.34 -48.82
C MET J 88 -42.70 -42.84 -48.61
N GLU J 89 -41.78 -43.27 -47.76
CA GLU J 89 -41.67 -44.69 -47.46
C GLU J 89 -42.95 -45.22 -46.82
N SER J 90 -43.50 -44.47 -45.86
CA SER J 90 -44.72 -44.92 -45.20
C SER J 90 -45.88 -45.00 -46.17
N VAL J 91 -46.04 -44.00 -47.03
CA VAL J 91 -47.18 -43.99 -47.95
C VAL J 91 -47.01 -45.08 -49.00
N ILE J 92 -45.77 -45.36 -49.43
CA ILE J 92 -45.56 -46.42 -50.40
C ILE J 92 -45.84 -47.79 -49.78
N MET J 93 -45.45 -47.98 -48.52
CA MET J 93 -45.84 -49.21 -47.82
C MET J 93 -47.36 -49.34 -47.73
N THR J 94 -48.05 -48.25 -47.40
CA THR J 94 -49.51 -48.31 -47.29
C THR J 94 -50.17 -48.63 -48.63
N ILE J 95 -49.67 -48.01 -49.71
CA ILE J 95 -50.27 -48.23 -51.02
C ILE J 95 -49.89 -49.60 -51.57
N LEU J 96 -48.81 -50.19 -51.06
CA LEU J 96 -48.47 -51.56 -51.42
C LEU J 96 -49.27 -52.57 -50.59
N SER J 97 -49.73 -52.17 -49.41
CA SER J 97 -50.49 -53.09 -48.56
C SER J 97 -51.81 -53.50 -49.20
N ASN J 98 -52.54 -52.57 -49.81
CA ASN J 98 -53.83 -52.86 -50.41
C ASN J 98 -53.72 -53.33 -51.84
N SER J 99 -52.51 -53.45 -52.39
CA SER J 99 -52.30 -53.97 -53.74
C SER J 99 -51.95 -55.44 -53.65
N ILE J 100 -52.72 -56.28 -54.35
CA ILE J 100 -52.54 -57.73 -54.28
C ILE J 100 -51.81 -58.22 -55.53
N LYS J 101 -52.28 -57.82 -56.70
CA LYS J 101 -51.70 -58.25 -57.96
C LYS J 101 -50.86 -57.12 -58.55
N GLU J 102 -50.04 -57.49 -59.54
CA GLU J 102 -49.14 -56.54 -60.20
C GLU J 102 -48.23 -55.86 -59.18
N LYS J 103 -47.73 -56.67 -58.23
CA LYS J 103 -46.96 -56.14 -57.11
C LYS J 103 -45.59 -55.62 -57.56
N GLU J 104 -44.86 -56.43 -58.33
CA GLU J 104 -43.47 -56.11 -58.64
C GLU J 104 -43.35 -54.89 -59.54
N GLU J 105 -44.14 -54.85 -60.62
CA GLU J 105 -44.06 -53.73 -61.54
C GLU J 105 -44.48 -52.42 -60.88
N ILE J 106 -45.56 -52.45 -60.11
CA ILE J 106 -46.01 -51.23 -59.45
C ILE J 106 -45.02 -50.78 -58.39
N GLN J 107 -44.39 -51.74 -57.67
CA GLN J 107 -43.42 -51.35 -56.66
C GLN J 107 -42.16 -50.78 -57.29
N TYR J 108 -41.74 -51.33 -58.43
CA TYR J 108 -40.58 -50.76 -59.15
C TYR J 108 -40.89 -49.36 -59.66
N HIS J 109 -42.09 -49.17 -60.22
CA HIS J 109 -42.47 -47.85 -60.70
C HIS J 109 -42.55 -46.85 -59.56
N LEU J 110 -43.09 -47.27 -58.41
CA LEU J 110 -43.18 -46.37 -57.26
C LEU J 110 -41.80 -46.07 -56.69
N ASN J 111 -40.88 -47.04 -56.72
CA ASN J 111 -39.51 -46.76 -56.28
C ASN J 111 -38.82 -45.76 -57.20
N PHE J 112 -39.03 -45.89 -58.52
CA PHE J 112 -38.48 -44.91 -59.45
C PHE J 112 -39.09 -43.54 -59.20
N LEU J 113 -40.40 -43.49 -58.94
CA LEU J 113 -41.06 -42.23 -58.60
C LEU J 113 -40.45 -41.62 -57.35
N LYS J 114 -40.23 -42.43 -56.32
CA LYS J 114 -39.67 -41.94 -55.06
C LYS J 114 -38.27 -41.40 -55.26
N LYS J 115 -37.44 -42.11 -56.04
CA LYS J 115 -36.07 -41.64 -56.23
C LYS J 115 -36.03 -40.36 -57.07
N ARG J 116 -36.91 -40.24 -58.07
CA ARG J 116 -36.94 -39.01 -58.86
C ARG J 116 -37.43 -37.84 -58.00
N LEU J 117 -38.42 -38.08 -57.14
CA LEU J 117 -38.86 -37.04 -56.22
C LEU J 117 -37.76 -36.65 -55.24
N LEU J 118 -37.00 -37.62 -54.75
CA LEU J 118 -35.88 -37.33 -53.87
C LEU J 118 -34.84 -36.46 -54.56
N GLN J 119 -34.49 -36.81 -55.81
CA GLN J 119 -33.55 -35.99 -56.56
C GLN J 119 -34.09 -34.58 -56.77
N GLN J 120 -35.38 -34.45 -57.11
CA GLN J 120 -35.96 -33.13 -57.35
C GLN J 120 -35.95 -32.29 -56.08
N CYS J 121 -36.30 -32.88 -54.93
CA CYS J 121 -36.33 -32.13 -53.70
C CYS J 121 -34.93 -31.79 -53.20
N GLU J 122 -33.96 -32.67 -53.43
CA GLU J 122 -32.57 -32.35 -53.09
C GLU J 122 -32.03 -31.22 -53.95
N THR J 123 -32.38 -31.21 -55.24
CA THR J 123 -31.94 -30.15 -56.15
C THR J 123 -32.72 -28.86 -55.94
N LEU J 124 -33.91 -28.92 -55.33
CA LEU J 124 -34.75 -27.74 -55.19
C LEU J 124 -34.07 -26.67 -54.35
N LYS J 125 -34.31 -25.41 -54.69
CA LYS J 125 -33.67 -24.28 -54.04
C LYS J 125 -34.69 -23.46 -53.27
N VAL J 126 -34.29 -22.98 -52.09
CA VAL J 126 -35.17 -22.17 -51.24
C VAL J 126 -34.38 -20.98 -50.70
N PRO J 127 -35.01 -19.82 -50.54
CA PRO J 127 -34.35 -18.70 -49.86
C PRO J 127 -34.03 -19.05 -48.42
N PRO J 128 -33.00 -18.42 -47.83
CA PRO J 128 -32.55 -18.84 -46.50
C PRO J 128 -33.52 -18.47 -45.39
N LYS J 129 -34.62 -19.22 -45.27
CA LYS J 129 -35.59 -19.03 -44.22
C LYS J 129 -35.62 -20.26 -43.32
N LYS J 130 -35.48 -20.04 -42.02
CA LYS J 130 -35.46 -21.15 -41.06
C LYS J 130 -36.83 -21.77 -40.93
N MET J 131 -36.90 -23.11 -40.99
CA MET J 131 -38.15 -23.84 -40.98
C MET J 131 -37.94 -25.07 -40.10
N GLU J 132 -38.57 -25.09 -38.93
CA GLU J 132 -38.26 -26.06 -37.90
C GLU J 132 -38.92 -27.39 -38.19
N ASP J 133 -38.57 -28.40 -37.39
CA ASP J 133 -39.01 -29.78 -37.64
C ASP J 133 -40.54 -29.85 -37.74
N LEU J 134 -41.01 -30.66 -38.70
CA LEU J 134 -42.42 -30.68 -39.04
C LEU J 134 -43.29 -31.19 -37.88
N THR J 135 -42.81 -32.21 -37.17
CA THR J 135 -43.65 -32.87 -36.18
C THR J 135 -43.83 -32.03 -34.91
N ASN J 136 -42.77 -31.36 -34.45
CA ASN J 136 -42.79 -30.73 -33.14
C ASN J 136 -43.48 -29.36 -33.12
N VAL J 137 -43.53 -28.66 -34.25
CA VAL J 137 -43.97 -27.26 -34.26
C VAL J 137 -45.33 -27.12 -33.60
N SER J 138 -46.27 -28.01 -33.94
CA SER J 138 -47.61 -27.95 -33.36
C SER J 138 -47.55 -27.90 -31.85
N SER J 139 -46.80 -28.83 -31.24
CA SER J 139 -46.68 -28.82 -29.78
C SER J 139 -46.19 -27.47 -29.29
N LEU J 140 -45.16 -26.93 -29.94
CA LEU J 140 -44.66 -25.61 -29.57
C LEU J 140 -45.78 -24.60 -29.52
N LEU J 141 -46.62 -24.56 -30.57
CA LEU J 141 -47.73 -23.63 -30.59
C LEU J 141 -48.54 -23.71 -29.32
N ASN J 142 -48.94 -24.93 -28.93
CA ASN J 142 -49.71 -25.09 -27.71
C ASN J 142 -49.01 -24.42 -26.54
N MET J 143 -47.74 -24.78 -26.33
CA MET J 143 -46.99 -24.16 -25.24
C MET J 143 -46.99 -22.64 -25.40
N GLU J 144 -46.67 -22.17 -26.61
CA GLU J 144 -46.69 -20.73 -26.85
C GLU J 144 -48.03 -20.13 -26.48
N ARG J 145 -49.12 -20.77 -26.92
CA ARG J 145 -50.45 -20.27 -26.57
C ARG J 145 -50.58 -20.16 -25.07
N ALA J 146 -50.26 -21.23 -24.34
CA ALA J 146 -50.34 -21.20 -22.89
C ALA J 146 -49.52 -20.03 -22.35
N ARG J 147 -48.28 -19.90 -22.84
CA ARG J 147 -47.42 -18.77 -22.42
C ARG J 147 -48.22 -17.47 -22.52
N ASP J 148 -48.75 -17.16 -23.71
CA ASP J 148 -49.49 -15.92 -23.88
C ASP J 148 -50.61 -15.80 -22.86
N LYS J 149 -51.38 -16.89 -22.69
CA LYS J 149 -52.45 -16.86 -21.71
C LYS J 149 -51.90 -16.46 -20.35
N ALA J 150 -50.85 -17.16 -19.90
CA ALA J 150 -50.23 -16.80 -18.63
C ALA J 150 -49.83 -15.34 -18.64
N ASN J 151 -49.11 -14.92 -19.69
CA ASN J 151 -48.73 -13.52 -19.81
C ASN J 151 -49.95 -12.63 -19.67
N GLU J 152 -50.99 -12.91 -20.47
CA GLU J 152 -52.19 -12.09 -20.40
C GLU J 152 -52.71 -12.03 -18.97
N GLU J 153 -52.80 -13.19 -18.32
CA GLU J 153 -53.26 -13.22 -16.94
C GLU J 153 -52.43 -12.28 -16.09
N GLY J 154 -51.09 -12.45 -16.15
CA GLY J 154 -50.23 -11.57 -15.40
C GLY J 154 -50.46 -10.12 -15.77
N LEU J 155 -50.54 -9.84 -17.07
CA LEU J 155 -50.84 -8.48 -17.51
C LEU J 155 -52.09 -7.96 -16.83
N ALA J 156 -53.17 -8.74 -16.88
CA ALA J 156 -54.40 -8.33 -16.22
C ALA J 156 -54.14 -8.01 -14.75
N LEU J 157 -53.50 -8.94 -14.05
CA LEU J 157 -53.18 -8.72 -12.65
C LEU J 157 -52.44 -7.41 -12.48
N LEU J 158 -51.39 -7.20 -13.29
CA LEU J 158 -50.65 -5.95 -13.21
C LEU J 158 -51.58 -4.76 -13.38
N GLN J 159 -52.39 -4.78 -14.45
CA GLN J 159 -53.33 -3.68 -14.66
C GLN J 159 -54.25 -3.54 -13.47
N GLU J 160 -54.76 -4.67 -12.95
CA GLU J 160 -55.61 -4.62 -11.77
C GLU J 160 -54.92 -3.88 -10.65
N GLU J 161 -53.67 -4.24 -10.35
CA GLU J 161 -52.93 -3.54 -9.31
C GLU J 161 -52.88 -2.05 -9.60
N ILE J 162 -52.55 -1.70 -10.85
CA ILE J 162 -52.55 -0.30 -11.26
C ILE J 162 -53.80 0.39 -10.77
N ASP J 163 -54.97 -0.18 -11.10
CA ASP J 163 -56.22 0.49 -10.75
C ASP J 163 -56.25 0.78 -9.26
N LYS J 164 -56.04 -0.25 -8.44
CA LYS J 164 -56.09 -0.04 -6.99
C LYS J 164 -55.13 1.05 -6.59
N MET J 165 -53.88 0.94 -7.05
CA MET J 165 -52.89 1.96 -6.74
C MET J 165 -53.35 3.31 -7.26
N VAL J 166 -53.70 3.39 -8.55
CA VAL J 166 -54.06 4.69 -9.11
C VAL J 166 -55.40 5.14 -8.56
N GLU J 167 -56.07 4.28 -7.81
CA GLU J 167 -57.20 4.73 -7.02
C GLU J 167 -56.73 5.26 -5.67
N THR J 168 -56.02 4.42 -4.91
CA THR J 168 -55.81 4.71 -3.50
C THR J 168 -55.03 6.00 -3.29
N THR J 169 -54.00 6.25 -4.09
CA THR J 169 -53.26 7.48 -3.97
C THR J 169 -54.07 8.69 -4.42
N GLU J 170 -54.88 8.56 -5.47
CA GLU J 170 -55.50 9.74 -6.07
C GLU J 170 -56.39 10.47 -5.10
N LEU J 171 -57.04 9.75 -4.19
CA LEU J 171 -57.82 10.42 -3.16
C LEU J 171 -56.93 11.08 -2.10
N MET J 172 -55.91 10.37 -1.62
CA MET J 172 -55.20 10.86 -0.43
C MET J 172 -54.52 12.20 -0.72
N THR J 173 -53.84 12.29 -1.87
CA THR J 173 -53.24 13.56 -2.25
C THR J 173 -54.30 14.67 -2.33
N GLY J 174 -55.47 14.36 -2.91
CA GLY J 174 -56.55 15.33 -2.88
C GLY J 174 -56.90 15.70 -1.46
N ASN J 175 -57.03 14.69 -0.59
CA ASN J 175 -57.22 14.96 0.83
C ASN J 175 -56.14 15.89 1.33
N ILE J 176 -54.88 15.59 1.00
CA ILE J 176 -53.78 16.48 1.35
C ILE J 176 -54.12 17.91 0.99
N GLN J 177 -54.48 18.14 -0.28
CA GLN J 177 -54.80 19.50 -0.71
C GLN J 177 -55.83 20.14 0.20
N SER J 178 -56.94 19.43 0.45
CA SER J 178 -57.94 19.94 1.37
C SER J 178 -57.29 20.29 2.70
N LEU J 179 -56.68 19.30 3.35
CA LEU J 179 -56.01 19.54 4.61
C LEU J 179 -55.05 20.72 4.48
N LYS J 180 -54.30 20.76 3.37
CA LYS J 180 -53.38 21.86 3.15
C LYS J 180 -54.09 23.19 3.33
N ASN J 181 -55.08 23.48 2.48
CA ASN J 181 -55.76 24.75 2.61
C ASN J 181 -56.40 24.86 3.98
N LYS J 182 -56.96 23.75 4.47
CA LYS J 182 -57.50 23.71 5.82
C LYS J 182 -56.51 24.30 6.80
N ILE J 183 -55.33 23.68 6.91
CA ILE J 183 -54.40 24.15 7.92
C ILE J 183 -54.01 25.59 7.63
N GLN J 184 -53.84 25.93 6.35
CA GLN J 184 -53.51 27.31 6.02
C GLN J 184 -54.53 28.26 6.61
N ILE J 185 -55.82 28.00 6.34
CA ILE J 185 -56.87 28.85 6.90
C ILE J 185 -56.75 28.87 8.41
N LEU J 186 -56.65 27.69 9.02
CA LEU J 186 -56.53 27.63 10.47
C LEU J 186 -55.34 28.44 10.93
N ALA J 187 -54.19 28.29 10.26
CA ALA J 187 -53.03 29.06 10.64
C ALA J 187 -53.35 30.54 10.67
N SER J 188 -53.92 31.05 9.57
CA SER J 188 -54.29 32.46 9.54
C SER J 188 -55.15 32.81 10.74
N GLU J 189 -56.20 32.02 10.96
CA GLU J 189 -57.07 32.23 12.11
C GLU J 189 -56.24 32.35 13.38
N VAL J 190 -55.48 31.30 13.70
CA VAL J 190 -54.80 31.30 15.00
C VAL J 190 -53.89 32.52 15.08
N GLU J 191 -53.27 32.91 13.96
CA GLU J 191 -52.40 34.08 13.97
C GLU J 191 -53.14 35.28 14.55
N GLU J 192 -54.23 35.69 13.90
CA GLU J 192 -54.92 36.87 14.40
C GLU J 192 -55.38 36.64 15.83
N GLU J 193 -55.80 35.42 16.14
CA GLU J 193 -56.33 35.16 17.47
C GLU J 193 -55.24 35.28 18.52
N GLU J 194 -54.02 34.81 18.21
CA GLU J 194 -52.97 34.97 19.21
C GLU J 194 -52.59 36.45 19.34
N GLU J 195 -52.73 37.22 18.26
CA GLU J 195 -52.54 38.65 18.38
C GLU J 195 -53.49 39.23 19.43
N ARG J 196 -54.71 38.68 19.50
CA ARG J 196 -55.65 39.12 20.51
C ARG J 196 -55.11 38.86 21.91
N VAL J 197 -54.51 37.69 22.14
CA VAL J 197 -54.03 37.41 23.48
C VAL J 197 -52.73 38.15 23.74
N LYS J 198 -52.24 38.89 22.75
CA LYS J 198 -51.13 39.81 22.96
C LYS J 198 -51.60 41.23 23.23
N GLN J 199 -52.91 41.46 23.30
CA GLN J 199 -53.44 42.79 23.58
C GLN J 199 -53.03 43.25 24.97
N MET J 200 -53.14 42.37 25.96
CA MET J 200 -52.74 42.68 27.33
C MET J 200 -51.53 41.89 27.79
N HIS J 201 -51.46 40.59 27.47
CA HIS J 201 -50.33 39.76 27.82
C HIS J 201 -49.13 40.13 26.95
N GLN J 202 -47.95 40.13 27.56
CA GLN J 202 -46.73 40.50 26.86
C GLN J 202 -46.35 39.44 25.83
N ILE J 203 -45.47 39.84 24.92
CA ILE J 203 -44.95 38.88 23.93
C ILE J 203 -44.15 37.79 24.62
N ASN J 204 -43.31 38.17 25.58
CA ASN J 204 -42.51 37.22 26.34
C ASN J 204 -42.27 37.73 27.76
N LEU J 209 -33.55 28.74 30.64
CA LEU J 209 -34.86 29.12 30.15
C LEU J 209 -35.96 28.32 30.83
N SER J 210 -36.65 27.49 30.05
CA SER J 210 -37.72 26.65 30.57
C SER J 210 -37.83 25.40 29.72
N LEU J 211 -38.45 24.37 30.28
CA LEU J 211 -38.61 23.10 29.57
C LEU J 211 -40.04 22.58 29.75
N PRO J 212 -40.84 22.59 28.70
CA PRO J 212 -42.21 22.07 28.82
C PRO J 212 -42.24 20.55 28.92
N GLU J 213 -43.34 20.05 29.46
CA GLU J 213 -43.53 18.62 29.63
C GLU J 213 -44.06 18.00 28.34
N LEU J 214 -44.08 16.66 28.30
CA LEU J 214 -44.63 15.92 27.17
C LEU J 214 -46.12 15.59 27.42
N SER J 215 -46.87 16.65 27.72
CA SER J 215 -48.31 16.55 27.97
C SER J 215 -48.61 15.59 29.12
N GLN J 216 -47.76 15.65 30.15
CA GLN J 216 -47.93 14.84 31.35
C GLN J 216 -48.32 15.67 32.56
N LYS J 217 -48.09 16.98 32.50
CA LYS J 217 -48.42 17.86 33.61
C LYS J 217 -49.92 17.95 33.86
N THR J 218 -50.73 18.02 32.81
CA THR J 218 -52.17 18.25 32.93
C THR J 218 -52.98 16.96 32.92
N LEU J 219 -52.42 15.85 33.41
CA LEU J 219 -53.11 14.57 33.38
C LEU J 219 -53.68 14.14 34.73
N LYS J 220 -52.91 14.21 35.81
CA LYS J 220 -53.41 13.79 37.10
C LYS J 220 -54.45 14.77 37.61
N ALA J 221 -55.31 14.30 38.50
CA ALA J 221 -56.34 15.14 39.09
C ALA J 221 -55.71 16.12 40.07
N PRO J 222 -55.85 17.43 39.86
CA PRO J 222 -55.18 18.39 40.75
C PRO J 222 -56.00 18.73 41.99
N THR J 223 -57.31 18.48 41.95
CA THR J 223 -58.21 18.83 43.03
C THR J 223 -58.74 17.60 43.76
N LEU J 224 -57.90 16.58 43.90
CA LEU J 224 -58.29 15.42 44.70
C LEU J 224 -58.50 15.80 46.16
N GLN J 225 -57.75 16.79 46.65
CA GLN J 225 -57.91 17.28 48.00
C GLN J 225 -59.33 17.74 48.29
N LYS J 226 -60.02 18.35 47.31
CA LYS J 226 -61.42 18.73 47.48
C LYS J 226 -62.30 17.54 47.84
N GLU J 227 -61.97 16.35 47.34
CA GLU J 227 -62.65 15.13 47.77
C GLU J 227 -62.18 14.68 49.15
N ILE J 228 -60.88 14.81 49.42
CA ILE J 228 -60.33 14.32 50.68
C ILE J 228 -60.96 15.03 51.87
N LEU J 229 -61.09 16.36 51.78
CA LEU J 229 -61.73 17.12 52.84
C LEU J 229 -63.19 16.72 53.04
N ALA J 230 -63.81 16.11 52.02
CA ALA J 230 -65.18 15.64 52.20
C ALA J 230 -65.25 14.47 53.16
N LEU J 231 -64.14 13.76 53.37
CA LEU J 231 -64.10 12.61 54.26
C LEU J 231 -63.87 12.97 55.72
N ILE J 232 -63.49 14.21 56.02
CA ILE J 232 -63.24 14.66 57.38
C ILE J 232 -64.60 14.95 58.03
N PRO J 233 -64.78 14.65 59.32
CA PRO J 233 -66.03 15.03 59.97
C PRO J 233 -66.13 16.53 60.19
N ASN J 234 -67.36 17.01 60.29
CA ASN J 234 -67.70 18.41 60.55
C ASN J 234 -66.80 19.37 59.76
N GLN J 235 -66.89 19.25 58.43
CA GLN J 235 -66.05 20.05 57.56
C GLN J 235 -66.35 21.55 57.72
N ASN J 236 -67.62 21.90 57.85
CA ASN J 236 -67.97 23.30 58.07
C ASN J 236 -67.48 23.79 59.43
N ALA J 237 -67.64 22.95 60.47
CA ALA J 237 -67.10 23.29 61.77
C ALA J 237 -65.58 23.37 61.72
N LEU J 238 -64.94 22.51 60.93
CA LEU J 238 -63.50 22.60 60.74
C LEU J 238 -63.12 23.94 60.11
N LEU J 239 -63.89 24.38 59.11
CA LEU J 239 -63.66 25.70 58.52
C LEU J 239 -63.79 26.79 59.56
N LYS J 240 -64.83 26.72 60.38
CA LYS J 240 -65.07 27.77 61.38
C LYS J 240 -63.93 27.83 62.40
N ASP J 241 -63.51 26.67 62.92
CA ASP J 241 -62.44 26.70 63.91
C ASP J 241 -61.10 27.09 63.29
N LEU J 242 -60.85 26.67 62.05
CA LEU J 242 -59.64 27.10 61.36
C LEU J 242 -59.65 28.61 61.10
N ASP J 243 -60.84 29.18 60.94
CA ASP J 243 -60.94 30.64 60.80
C ASP J 243 -60.70 31.35 62.12
N ILE J 244 -61.27 30.84 63.21
CA ILE J 244 -61.04 31.49 64.50
C ILE J 244 -59.58 31.35 64.92
N LEU J 245 -58.91 30.30 64.42
CA LEU J 245 -57.46 30.22 64.60
C LEU J 245 -56.73 31.14 63.63
N HIS J 246 -57.33 31.41 62.47
CA HIS J 246 -56.69 32.23 61.45
C HIS J 246 -56.47 33.66 61.92
N ASN J 247 -57.43 34.24 62.61
CA ASN J 247 -57.36 35.63 63.05
C ASN J 247 -56.34 35.85 64.17
N SER J 248 -55.80 34.79 64.74
CA SER J 248 -54.79 34.93 65.78
C SER J 248 -53.55 35.62 65.23
N SER J 249 -53.07 36.64 65.95
CA SER J 249 -51.93 37.40 65.48
C SER J 249 -50.61 36.70 65.79
N GLN J 250 -50.66 35.70 66.68
CA GLN J 250 -49.43 35.00 67.06
C GLN J 250 -48.83 34.24 65.88
N MET J 251 -49.65 33.50 65.14
CA MET J 251 -49.12 32.75 64.01
C MET J 251 -48.73 33.68 62.86
N LYS J 252 -49.43 34.80 62.71
CA LYS J 252 -49.02 35.81 61.74
C LYS J 252 -47.64 36.37 62.09
N SER J 253 -47.40 36.65 63.38
CA SER J 253 -46.09 37.10 63.82
C SER J 253 -45.04 36.03 63.56
N MET J 254 -45.38 34.77 63.82
CA MET J 254 -44.45 33.68 63.55
C MET J 254 -44.08 33.63 62.07
N SER J 255 -45.09 33.74 61.19
CA SER J 255 -44.86 33.67 59.76
C SER J 255 -43.99 34.84 59.28
N THR J 256 -44.29 36.06 59.76
CA THR J 256 -43.51 37.22 59.32
C THR J 256 -42.10 37.16 59.88
N PHE J 257 -41.92 36.61 61.09
CA PHE J 257 -40.58 36.43 61.62
C PHE J 257 -39.79 35.44 60.77
N ILE J 258 -40.42 34.34 60.36
CA ILE J 258 -39.75 33.38 59.49
C ILE J 258 -39.38 34.02 58.16
N GLU J 259 -40.33 34.79 57.62
CA GLU J 259 -40.09 35.50 56.34
C GLU J 259 -38.83 36.36 56.50
N GLU J 260 -38.81 37.21 57.53
CA GLU J 260 -37.66 38.07 57.77
C GLU J 260 -36.39 37.25 57.93
N ALA J 261 -36.48 36.09 58.59
CA ALA J 261 -35.32 35.25 58.82
C ALA J 261 -34.73 34.73 57.52
N TYR J 262 -35.56 34.28 56.58
CA TYR J 262 -35.05 33.78 55.30
C TYR J 262 -35.00 34.85 54.22
N LYS J 263 -35.36 36.09 54.55
CA LYS J 263 -35.24 37.18 53.57
C LYS J 263 -33.77 37.40 53.20
N LYS J 264 -32.88 37.36 54.19
CA LYS J 264 -31.45 37.52 53.93
C LYS J 264 -30.83 36.31 53.26
N LEU J 265 -31.53 35.16 53.23
CA LEU J 265 -30.97 33.97 52.61
C LEU J 265 -30.79 34.15 51.11
N ASP J 266 -31.76 34.77 50.45
CA ASP J 266 -31.69 34.99 49.01
C ASP J 266 -30.62 36.01 48.65
N LYS K 249 -41.64 -20.35 -47.13
CA LYS K 249 -40.54 -21.16 -46.62
C LYS K 249 -40.18 -22.28 -47.59
N GLU K 250 -39.53 -23.32 -47.07
CA GLU K 250 -39.15 -24.49 -47.91
C GLU K 250 -40.44 -25.14 -48.42
N LEU K 251 -41.42 -25.34 -47.53
CA LEU K 251 -42.67 -26.00 -47.92
C LEU K 251 -43.39 -25.19 -48.99
N ASN K 252 -43.35 -23.87 -48.89
CA ASN K 252 -44.01 -23.02 -49.87
C ASN K 252 -43.48 -23.26 -51.28
N ILE K 253 -42.28 -23.82 -51.39
CA ILE K 253 -41.69 -24.15 -52.68
C ILE K 253 -41.88 -25.62 -53.03
N VAL K 254 -41.82 -26.53 -52.04
CA VAL K 254 -41.93 -27.94 -52.35
C VAL K 254 -43.36 -28.37 -52.65
N LEU K 255 -44.38 -27.67 -52.11
CA LEU K 255 -45.76 -28.03 -52.44
C LEU K 255 -46.10 -27.83 -53.92
N PRO K 256 -45.75 -26.71 -54.57
CA PRO K 256 -46.02 -26.64 -56.02
C PRO K 256 -45.32 -27.73 -56.82
N GLU K 257 -44.08 -28.08 -56.44
CA GLU K 257 -43.40 -29.19 -57.09
C GLU K 257 -44.14 -30.50 -56.87
N PHE K 258 -44.65 -30.72 -55.65
CA PHE K 258 -45.42 -31.92 -55.37
C PHE K 258 -46.70 -31.95 -56.21
N GLU K 259 -47.36 -30.80 -56.36
CA GLU K 259 -48.57 -30.73 -57.18
C GLU K 259 -48.28 -31.08 -58.64
N LYS K 260 -47.19 -30.53 -59.19
CA LYS K 260 -46.88 -30.84 -60.59
C LYS K 260 -46.48 -32.31 -60.76
N THR K 261 -45.75 -32.87 -59.77
CA THR K 261 -45.41 -34.28 -59.84
C THR K 261 -46.66 -35.16 -59.76
N HIS K 262 -47.60 -34.82 -58.87
CA HIS K 262 -48.83 -35.58 -58.79
C HIS K 262 -49.62 -35.48 -60.09
N LEU K 263 -49.64 -34.29 -60.71
CA LEU K 263 -50.34 -34.13 -61.97
C LEU K 263 -49.76 -35.02 -63.05
N GLU K 264 -48.42 -35.04 -63.17
CA GLU K 264 -47.80 -35.85 -64.22
C GLU K 264 -47.97 -37.34 -63.93
N HIS K 265 -47.89 -37.74 -62.66
CA HIS K 265 -48.12 -39.14 -62.31
C HIS K 265 -49.54 -39.57 -62.64
N GLN K 266 -50.52 -38.74 -62.33
CA GLN K 266 -51.91 -39.05 -62.65
C GLN K 266 -52.12 -39.12 -64.16
N GLN K 267 -51.47 -38.22 -64.91
CA GLN K 267 -51.60 -38.25 -66.35
C GLN K 267 -51.00 -39.52 -66.95
N ARG K 268 -49.84 -39.96 -66.44
CA ARG K 268 -49.18 -41.11 -67.05
C ARG K 268 -49.85 -42.43 -66.67
N ILE K 269 -50.40 -42.51 -65.46
CA ILE K 269 -50.98 -43.76 -65.00
C ILE K 269 -52.32 -43.99 -65.68
N GLU K 270 -52.70 -45.25 -65.87
CA GLU K 270 -53.94 -45.61 -66.55
C GLU K 270 -54.91 -46.42 -65.71
N SER K 271 -54.43 -47.11 -64.67
CA SER K 271 -55.29 -47.95 -63.85
C SER K 271 -56.21 -47.09 -63.00
N LYS K 272 -57.51 -47.43 -63.03
CA LYS K 272 -58.50 -46.64 -62.29
C LYS K 272 -58.34 -46.80 -60.78
N VAL K 273 -58.06 -48.01 -60.30
CA VAL K 273 -57.85 -48.20 -58.87
C VAL K 273 -56.56 -47.51 -58.43
N CYS K 274 -55.51 -47.59 -59.23
CA CYS K 274 -54.28 -46.86 -58.94
C CYS K 274 -54.52 -45.36 -58.99
N LYS K 275 -55.33 -44.88 -59.93
CA LYS K 275 -55.67 -43.47 -60.00
C LYS K 275 -56.38 -43.01 -58.73
N ALA K 276 -57.34 -43.80 -58.25
CA ALA K 276 -58.05 -43.45 -57.02
C ALA K 276 -57.12 -43.46 -55.82
N ALA K 277 -56.24 -44.46 -55.74
CA ALA K 277 -55.28 -44.52 -54.63
C ALA K 277 -54.34 -43.32 -54.65
N ILE K 278 -53.86 -42.94 -55.84
CA ILE K 278 -52.97 -41.79 -55.95
C ILE K 278 -53.72 -40.51 -55.61
N ALA K 279 -54.99 -40.40 -55.99
CA ALA K 279 -55.77 -39.22 -55.65
C ALA K 279 -55.97 -39.11 -54.14
N THR K 280 -56.28 -40.22 -53.47
CA THR K 280 -56.41 -40.20 -52.01
C THR K 280 -55.08 -39.85 -51.34
N PHE K 281 -53.98 -40.42 -51.83
CA PHE K 281 -52.65 -40.06 -51.35
C PHE K 281 -52.40 -38.56 -51.47
N TYR K 282 -52.70 -38.00 -52.65
CA TYR K 282 -52.48 -36.58 -52.87
C TYR K 282 -53.34 -35.73 -51.94
N VAL K 283 -54.61 -36.11 -51.77
CA VAL K 283 -55.49 -35.36 -50.89
C VAL K 283 -54.94 -35.37 -49.46
N ASN K 284 -54.54 -36.54 -48.97
CA ASN K 284 -54.03 -36.64 -47.61
C ASN K 284 -52.77 -35.81 -47.43
N VAL K 285 -51.80 -35.95 -48.36
CA VAL K 285 -50.53 -35.26 -48.18
C VAL K 285 -50.71 -33.75 -48.36
N LYS K 286 -51.57 -33.33 -49.27
CA LYS K 286 -51.83 -31.90 -49.45
C LYS K 286 -52.49 -31.31 -48.22
N GLU K 287 -53.46 -32.03 -47.64
CA GLU K 287 -54.08 -31.57 -46.41
C GLU K 287 -53.06 -31.43 -45.29
N GLN K 288 -52.19 -32.43 -45.13
CA GLN K 288 -51.18 -32.36 -44.08
C GLN K 288 -50.19 -31.22 -44.33
N PHE K 289 -49.79 -31.03 -45.59
CA PHE K 289 -48.82 -29.99 -45.91
C PHE K 289 -49.41 -28.60 -45.67
N ILE K 290 -50.64 -28.37 -46.10
CA ILE K 290 -51.26 -27.06 -45.85
C ILE K 290 -51.52 -26.89 -44.37
N LYS K 291 -51.82 -27.97 -43.65
CA LYS K 291 -52.00 -27.87 -42.20
C LYS K 291 -50.72 -27.43 -41.51
N MET K 292 -49.58 -28.01 -41.91
CA MET K 292 -48.34 -27.62 -41.25
C MET K 292 -47.87 -26.24 -41.70
N LEU K 293 -48.21 -25.85 -42.94
CA LEU K 293 -47.96 -24.46 -43.35
C LEU K 293 -48.74 -23.49 -42.49
N LYS K 294 -50.02 -23.79 -42.24
CA LYS K 294 -50.81 -22.95 -41.33
C LYS K 294 -50.22 -22.96 -39.93
N GLU K 295 -49.75 -24.13 -39.47
CA GLU K 295 -49.15 -24.22 -38.15
C GLU K 295 -47.93 -23.33 -38.04
N SER K 296 -47.09 -23.31 -39.07
CA SER K 296 -45.95 -22.40 -39.09
C SER K 296 -46.39 -20.95 -39.17
N GLN K 297 -47.49 -20.69 -39.88
CA GLN K 297 -48.01 -19.32 -39.95
C GLN K 297 -48.43 -18.81 -38.58
N MET K 298 -49.26 -19.57 -37.86
CA MET K 298 -49.56 -19.15 -36.49
C MET K 298 -48.36 -19.30 -35.57
N LEU K 299 -47.34 -20.07 -35.96
CA LEU K 299 -46.10 -20.09 -35.18
C LEU K 299 -45.43 -18.73 -35.20
N THR K 300 -45.23 -18.17 -36.40
CA THR K 300 -44.61 -16.85 -36.49
C THR K 300 -45.55 -15.76 -35.95
N ASN K 301 -46.86 -15.95 -36.12
CA ASN K 301 -47.81 -15.00 -35.54
C ASN K 301 -47.72 -15.00 -34.01
N LEU K 302 -47.63 -16.20 -33.41
CA LEU K 302 -47.50 -16.30 -31.96
C LEU K 302 -46.16 -15.78 -31.49
N LYS K 303 -45.11 -15.94 -32.30
CA LYS K 303 -43.82 -15.35 -31.93
C LYS K 303 -43.90 -13.83 -31.89
N ARG K 304 -44.52 -13.23 -32.91
CA ARG K 304 -44.69 -11.78 -32.93
C ARG K 304 -45.56 -11.32 -31.77
N LYS K 305 -46.65 -12.04 -31.50
CA LYS K 305 -47.51 -11.71 -30.37
C LYS K 305 -46.77 -11.84 -29.05
N ASN K 306 -45.96 -12.88 -28.91
CA ASN K 306 -45.17 -13.06 -27.69
C ASN K 306 -44.23 -11.90 -27.49
N ALA K 307 -43.55 -11.46 -28.56
CA ALA K 307 -42.69 -10.29 -28.44
C ALA K 307 -43.50 -9.06 -28.04
N LYS K 308 -44.69 -8.90 -28.62
CA LYS K 308 -45.51 -7.73 -28.30
C LYS K 308 -45.92 -7.71 -26.83
N MET K 309 -46.40 -8.84 -26.32
CA MET K 309 -46.77 -8.88 -24.91
C MET K 309 -45.54 -8.84 -24.00
N ILE K 310 -44.38 -9.25 -24.50
CA ILE K 310 -43.16 -9.08 -23.71
C ILE K 310 -42.86 -7.60 -23.52
N SER K 311 -42.95 -6.83 -24.61
CA SER K 311 -42.79 -5.39 -24.51
C SER K 311 -43.85 -4.79 -23.59
N ASP K 312 -45.09 -5.28 -23.72
CA ASP K 312 -46.19 -4.76 -22.90
C ASP K 312 -45.95 -5.02 -21.42
N ILE K 313 -45.56 -6.24 -21.06
CA ILE K 313 -45.34 -6.56 -19.65
C ILE K 313 -44.10 -5.83 -19.13
N GLU K 314 -43.10 -5.62 -19.97
CA GLU K 314 -41.95 -4.82 -19.54
C GLU K 314 -42.37 -3.39 -19.21
N LYS K 315 -43.12 -2.76 -20.10
CA LYS K 315 -43.56 -1.39 -19.85
C LYS K 315 -44.49 -1.34 -18.64
N LYS K 316 -45.29 -2.39 -18.44
CA LYS K 316 -46.12 -2.47 -17.25
C LYS K 316 -45.28 -2.62 -16.00
N ARG K 317 -44.14 -3.31 -16.11
CA ARG K 317 -43.24 -3.45 -14.97
C ARG K 317 -42.61 -2.10 -14.61
N GLN K 318 -42.18 -1.33 -15.60
CA GLN K 318 -41.76 0.03 -15.28
C GLN K 318 -42.90 0.81 -14.65
N ARG K 319 -44.10 0.73 -15.23
CA ARG K 319 -45.25 1.41 -14.65
C ARG K 319 -45.43 1.02 -13.19
N MET K 320 -45.25 -0.26 -12.87
CA MET K 320 -45.19 -0.70 -11.48
C MET K 320 -44.18 0.12 -10.71
N ILE K 321 -43.00 0.30 -11.28
CA ILE K 321 -41.93 1.00 -10.56
C ILE K 321 -42.36 2.43 -10.21
N GLU K 322 -42.84 3.18 -11.20
CA GLU K 322 -43.21 4.57 -10.90
C GLU K 322 -44.43 4.65 -10.00
N VAL K 323 -45.43 3.80 -10.19
CA VAL K 323 -46.61 3.92 -9.33
C VAL K 323 -46.26 3.57 -7.89
N GLN K 324 -45.43 2.54 -7.69
CA GLN K 324 -45.04 2.18 -6.32
C GLN K 324 -44.18 3.27 -5.71
N ASP K 325 -43.29 3.87 -6.50
CA ASP K 325 -42.48 4.97 -5.99
C ASP K 325 -43.36 6.14 -5.56
N GLU K 326 -44.34 6.51 -6.39
CA GLU K 326 -45.24 7.60 -6.04
C GLU K 326 -46.03 7.28 -4.79
N LEU K 327 -46.51 6.04 -4.68
CA LEU K 327 -47.27 5.65 -3.49
C LEU K 327 -46.41 5.73 -2.24
N LEU K 328 -45.18 5.23 -2.30
CA LEU K 328 -44.34 5.22 -1.10
C LEU K 328 -43.85 6.62 -0.76
N ARG K 329 -43.79 7.51 -1.76
CA ARG K 329 -43.43 8.90 -1.47
C ARG K 329 -44.60 9.64 -0.83
N LEU K 330 -45.82 9.40 -1.32
CA LEU K 330 -46.97 10.14 -0.81
C LEU K 330 -47.46 9.60 0.52
N GLU K 331 -47.16 8.34 0.83
CA GLU K 331 -47.65 7.73 2.06
C GLU K 331 -47.23 8.49 3.31
N PRO K 332 -45.95 8.83 3.49
CA PRO K 332 -45.58 9.60 4.69
C PRO K 332 -46.12 11.01 4.70
N GLN K 333 -46.36 11.59 3.52
CA GLN K 333 -46.77 12.98 3.44
C GLN K 333 -48.08 13.26 4.15
N LEU K 334 -48.96 12.26 4.23
CA LEU K 334 -50.24 12.46 4.91
C LEU K 334 -50.04 12.67 6.41
N LYS K 335 -49.07 11.97 7.00
CA LYS K 335 -49.00 11.86 8.46
C LYS K 335 -48.63 13.19 9.10
N GLN K 336 -47.58 13.85 8.60
CA GLN K 336 -47.15 15.10 9.21
C GLN K 336 -48.20 16.19 9.04
N LEU K 337 -48.87 16.22 7.88
CA LEU K 337 -49.94 17.19 7.69
C LEU K 337 -51.10 16.92 8.63
N GLN K 338 -51.46 15.64 8.81
CA GLN K 338 -52.56 15.31 9.71
C GLN K 338 -52.24 15.71 11.14
N THR K 339 -51.03 15.38 11.61
CA THR K 339 -50.69 15.71 12.99
C THR K 339 -50.55 17.21 13.18
N LYS K 340 -50.04 17.92 12.17
CA LYS K 340 -49.96 19.37 12.26
C LYS K 340 -51.35 19.99 12.33
N TYR K 341 -52.27 19.52 11.50
CA TYR K 341 -53.64 20.02 11.56
C TYR K 341 -54.25 19.77 12.92
N ASP K 342 -54.07 18.55 13.45
CA ASP K 342 -54.64 18.21 14.74
C ASP K 342 -54.08 19.08 15.85
N GLU K 343 -52.75 19.26 15.86
CA GLU K 343 -52.12 20.01 16.94
C GLU K 343 -52.45 21.49 16.85
N LEU K 344 -52.54 22.04 15.63
CA LEU K 344 -52.94 23.44 15.50
C LEU K 344 -54.38 23.66 15.89
N LYS K 345 -55.28 22.72 15.55
CA LYS K 345 -56.67 22.85 15.98
C LYS K 345 -56.77 22.80 17.50
N GLU K 346 -56.04 21.87 18.12
CA GLU K 346 -56.03 21.78 19.58
C GLU K 346 -55.46 23.06 20.19
N ARG K 347 -54.40 23.59 19.60
CA ARG K 347 -53.82 24.84 20.09
C ARG K 347 -54.82 25.98 19.99
N LYS K 348 -55.54 26.07 18.88
CA LYS K 348 -56.53 27.12 18.70
C LYS K 348 -57.62 27.03 19.75
N SER K 349 -58.16 25.83 19.94
CA SER K 349 -59.22 25.64 20.93
C SER K 349 -58.71 26.00 22.33
N SER K 350 -57.51 25.52 22.66
CA SER K 350 -56.95 25.78 23.98
C SER K 350 -56.71 27.27 24.22
N LEU K 351 -56.19 27.98 23.22
CA LEU K 351 -55.88 29.39 23.41
C LEU K 351 -57.17 30.22 23.46
N ARG K 352 -58.18 29.84 22.68
CA ARG K 352 -59.46 30.52 22.78
C ARG K 352 -60.06 30.34 24.17
N ASN K 353 -60.04 29.11 24.68
CA ASN K 353 -60.52 28.85 26.03
C ASN K 353 -59.75 29.67 27.05
N ALA K 354 -58.42 29.67 26.93
CA ALA K 354 -57.57 30.37 27.89
C ALA K 354 -57.83 31.87 27.86
N ALA K 355 -58.02 32.43 26.67
CA ALA K 355 -58.38 33.85 26.57
C ALA K 355 -59.70 34.12 27.27
N TYR K 356 -60.68 33.23 27.06
CA TYR K 356 -61.96 33.39 27.74
C TYR K 356 -61.79 33.39 29.26
N PHE K 357 -61.03 32.43 29.79
CA PHE K 357 -60.87 32.34 31.23
C PHE K 357 -60.09 33.53 31.79
N LEU K 358 -59.03 33.96 31.09
CA LEU K 358 -58.27 35.09 31.61
C LEU K 358 -59.11 36.36 31.63
N SER K 359 -59.90 36.59 30.56
CA SER K 359 -60.78 37.75 30.55
C SER K 359 -61.82 37.66 31.66
N ASN K 360 -62.38 36.47 31.86
CA ASN K 360 -63.42 36.31 32.88
C ASN K 360 -62.86 36.52 34.28
N LEU K 361 -61.67 35.98 34.55
CA LEU K 361 -61.04 36.16 35.86
C LEU K 361 -60.62 37.60 36.07
N LYS K 362 -60.18 38.29 35.01
CA LYS K 362 -59.89 39.71 35.14
C LYS K 362 -61.15 40.49 35.49
N GLN K 363 -62.28 40.14 34.87
CA GLN K 363 -63.55 40.77 35.21
C GLN K 363 -63.93 40.48 36.66
N LEU K 364 -63.74 39.25 37.12
CA LEU K 364 -64.00 38.92 38.53
C LEU K 364 -63.13 39.76 39.46
N TYR K 365 -61.85 39.89 39.13
CA TYR K 365 -60.95 40.67 39.97
C TYR K 365 -61.37 42.14 40.01
N GLN K 366 -61.71 42.71 38.85
CA GLN K 366 -62.13 44.10 38.81
C GLN K 366 -63.41 44.31 39.60
N ASP K 367 -64.39 43.42 39.44
CA ASP K 367 -65.65 43.55 40.15
C ASP K 367 -65.43 43.44 41.66
N TYR K 368 -64.63 42.47 42.09
CA TYR K 368 -64.39 42.30 43.52
C TYR K 368 -63.64 43.49 44.09
N SER K 369 -62.69 44.04 43.33
CA SER K 369 -61.97 45.22 43.80
C SER K 369 -62.91 46.40 43.96
N ASP K 370 -63.82 46.60 42.99
CA ASP K 370 -64.78 47.70 43.10
C ASP K 370 -65.69 47.51 44.31
N VAL K 371 -66.19 46.29 44.50
CA VAL K 371 -67.11 46.06 45.62
C VAL K 371 -66.38 46.18 46.96
N GLN K 372 -65.13 45.72 47.02
CA GLN K 372 -64.34 45.88 48.24
C GLN K 372 -64.07 47.35 48.53
N ALA K 373 -63.78 48.15 47.50
CA ALA K 373 -63.69 49.59 47.71
C ALA K 373 -65.02 50.16 48.18
N GLN K 374 -66.13 49.57 47.75
CA GLN K 374 -67.45 49.99 48.25
C GLN K 374 -67.62 49.62 49.71
N GLU K 375 -67.25 48.40 50.08
CA GLU K 375 -67.43 47.88 51.45
C GLU K 375 -66.28 46.95 51.80
N PRO K 376 -65.20 47.48 52.37
CA PRO K 376 -64.08 46.60 52.74
C PRO K 376 -64.22 46.01 54.13
N ASN K 377 -65.05 46.62 55.00
CA ASN K 377 -65.10 46.21 56.40
C ASN K 377 -65.88 44.92 56.58
N VAL K 378 -66.65 44.51 55.57
CA VAL K 378 -67.45 43.30 55.70
C VAL K 378 -66.55 42.07 55.72
N LYS K 379 -66.94 41.07 56.51
CA LYS K 379 -66.15 39.86 56.62
C LYS K 379 -66.26 39.02 55.36
N GLU K 380 -65.17 38.32 55.02
CA GLU K 380 -65.09 37.52 53.80
C GLU K 380 -65.04 36.05 54.19
N THR K 381 -66.19 35.38 54.16
CA THR K 381 -66.24 33.96 54.44
C THR K 381 -65.74 33.16 53.24
N TYR K 382 -65.21 31.97 53.52
CA TYR K 382 -64.69 31.08 52.49
C TYR K 382 -65.23 29.68 52.72
N ASP K 383 -65.32 28.92 51.64
CA ASP K 383 -65.89 27.57 51.67
C ASP K 383 -64.78 26.53 51.54
N SER K 384 -65.18 25.26 51.44
CA SER K 384 -64.22 24.17 51.40
C SER K 384 -63.30 24.27 50.18
N SER K 385 -63.76 24.95 49.13
CA SER K 385 -62.95 25.06 47.92
C SER K 385 -61.61 25.73 48.19
N SER K 386 -61.57 26.64 49.16
CA SER K 386 -60.33 27.30 49.54
C SER K 386 -59.71 26.72 50.81
N LEU K 387 -60.19 25.56 51.26
CA LEU K 387 -59.72 25.03 52.54
C LEU K 387 -58.32 24.42 52.45
N PRO K 388 -58.04 23.45 51.56
CA PRO K 388 -56.76 22.73 51.67
C PRO K 388 -55.53 23.61 51.57
N ALA K 389 -55.54 24.65 50.73
CA ALA K 389 -54.34 25.48 50.59
C ALA K 389 -54.11 26.33 51.82
N LEU K 390 -55.19 26.76 52.48
CA LEU K 390 -55.03 27.51 53.72
C LEU K 390 -54.37 26.65 54.79
N LEU K 391 -54.75 25.37 54.86
CA LEU K 391 -54.09 24.43 55.76
C LEU K 391 -52.60 24.36 55.46
N PHE K 392 -52.23 24.67 54.20
CA PHE K 392 -50.82 24.71 53.83
C PHE K 392 -50.04 25.72 54.67
N LYS K 393 -50.60 26.92 54.90
CA LYS K 393 -49.91 27.84 55.79
C LYS K 393 -50.11 27.49 57.26
N ALA K 394 -51.02 26.56 57.56
CA ALA K 394 -51.17 26.04 58.92
C ALA K 394 -50.28 24.83 59.16
N ARG K 395 -49.63 24.33 58.11
CA ARG K 395 -48.72 23.18 58.23
C ARG K 395 -47.31 23.68 58.54
N THR K 396 -47.17 24.23 59.75
CA THR K 396 -45.90 24.76 60.22
C THR K 396 -45.31 23.79 61.24
N LEU K 397 -44.18 23.18 60.90
CA LEU K 397 -43.54 22.21 61.78
C LEU K 397 -42.08 22.54 62.05
N LEU K 398 -41.69 23.81 61.88
CA LEU K 398 -40.36 24.31 62.24
C LEU K 398 -39.27 23.75 61.31
N GLY K 399 -39.65 22.88 60.38
CA GLY K 399 -38.66 22.29 59.49
C GLY K 399 -37.91 23.31 58.67
N ALA K 400 -38.64 24.26 58.06
CA ALA K 400 -37.98 25.35 57.33
C ALA K 400 -37.13 26.20 58.26
N GLU K 401 -37.66 26.50 59.46
CA GLU K 401 -36.89 27.30 60.41
C GLU K 401 -35.70 26.52 60.94
N SER K 402 -35.84 25.20 61.12
CA SER K 402 -34.70 24.40 61.53
C SER K 402 -33.61 24.40 60.46
N HIS K 403 -34.00 24.28 59.18
CA HIS K 403 -33.03 24.38 58.11
C HIS K 403 -32.37 25.76 58.08
N LEU K 404 -33.15 26.82 58.36
CA LEU K 404 -32.58 28.16 58.45
C LEU K 404 -31.57 28.26 59.57
N ARG K 405 -31.87 27.65 60.72
CA ARG K 405 -30.92 27.65 61.84
C ARG K 405 -29.65 26.91 61.47
N ASN K 406 -29.78 25.78 60.78
CA ASN K 406 -28.59 25.06 60.31
C ASN K 406 -27.78 25.89 59.32
N ILE K 407 -28.46 26.61 58.43
CA ILE K 407 -27.76 27.48 57.48
C ILE K 407 -27.01 28.58 58.22
N ASN K 408 -27.65 29.17 59.23
CA ASN K 408 -26.98 30.20 60.02
C ASN K 408 -25.77 29.63 60.76
N HIS K 409 -25.89 28.43 61.29
CA HIS K 409 -24.76 27.79 61.96
C HIS K 409 -23.62 27.53 60.99
N GLN K 410 -23.94 27.12 59.76
CA GLN K 410 -22.89 26.96 58.75
C GLN K 410 -22.24 28.29 58.40
N LEU K 411 -23.04 29.36 58.32
CA LEU K 411 -22.51 30.65 57.90
C LEU K 411 -21.67 31.30 58.99
N GLU K 412 -21.94 30.98 60.26
CA GLU K 412 -21.24 31.64 61.35
C GLU K 412 -19.76 31.32 61.38
N LYS K 413 -19.34 30.24 60.72
CA LYS K 413 -17.91 29.91 60.64
C LYS K 413 -17.22 30.76 59.58
N ASP M 167 -25.25 29.30 25.90
CA ASP M 167 -25.01 28.19 24.99
C ASP M 167 -24.03 27.19 25.59
N SER M 168 -23.77 26.10 24.87
CA SER M 168 -22.88 25.06 25.38
C SER M 168 -21.41 25.45 25.21
N TYR M 169 -21.05 26.02 24.07
CA TYR M 169 -19.66 26.40 23.83
C TYR M 169 -19.18 27.44 24.83
N GLU M 170 -20.00 28.47 25.05
CA GLU M 170 -19.59 29.53 25.97
C GLU M 170 -19.46 29.00 27.39
N PHE M 171 -20.36 28.10 27.80
CA PHE M 171 -20.26 27.49 29.12
C PHE M 171 -19.01 26.64 29.25
N LEU M 172 -18.73 25.83 28.22
CA LEU M 172 -17.55 24.97 28.26
C LEU M 172 -16.27 25.78 28.29
N LYS M 173 -16.23 26.89 27.56
CA LYS M 173 -15.03 27.73 27.55
C LYS M 173 -14.89 28.50 28.85
N ALA M 174 -16.00 28.95 29.43
CA ALA M 174 -15.95 29.66 30.70
C ALA M 174 -15.50 28.74 31.84
N ILE M 175 -15.86 27.46 31.77
CA ILE M 175 -15.42 26.56 32.83
C ILE M 175 -14.01 26.05 32.56
N LEU M 176 -13.61 25.94 31.29
CA LEU M 176 -12.27 25.48 30.98
C LEU M 176 -11.21 26.46 31.48
N ASN M 177 -11.51 27.75 31.46
CA ASN M 177 -10.58 28.76 31.93
C ASN M 177 -10.57 28.82 33.46
#